data_3UAO
#
_entry.id   3UAO
#
_cell.length_a   157.560
_cell.length_b   157.560
_cell.length_c   198.480
_cell.angle_alpha   90.00
_cell.angle_beta   90.00
_cell.angle_gamma   120.00
#
_symmetry.space_group_name_H-M   'H 3'
#
loop_
_entity.id
_entity.type
_entity.pdbx_description
1 polymer 'Putative isochorismatase'
2 non-polymer 'ACETATE ION'
3 water water
#
_entity_poly.entity_id   1
_entity_poly.type   'polypeptide(L)'
_entity_poly.pdbx_seq_one_letter_code
;GSDKIHHHHHHSSGENLYFQGHMGNDLGSYERQGFGAALPLKAPYGLLIVDFVNGFADPAQFGGGNIAAAIETTRTVLAA
ARERGWAVAHSRIVYADDDADGNIFSIKVPGMLTLKEHAPASAIVPQLAPQAGEYVVRKSTPSAFYGTMLAAWLAQRGVQ
TLLVAGATTSG(CSO)VRASVVDAMSAGFRPLVLSDCVGDRALGPHEANLFDMRQKYAAVMTHDEALAKTKGLEHHHHHH
;
_entity_poly.pdbx_strand_id   A,B,C,D,E,F,G,H
#
# COMPACT_ATOMS: atom_id res chain seq x y z
N ASP A 26 29.90 -18.87 2.38
CA ASP A 26 30.74 -19.16 1.16
C ASP A 26 30.37 -18.27 -0.01
N LEU A 27 31.40 -17.92 -0.78
CA LEU A 27 31.41 -16.75 -1.65
C LEU A 27 30.90 -16.94 -3.10
N GLY A 28 30.38 -18.12 -3.42
CA GLY A 28 29.77 -18.35 -4.73
C GLY A 28 28.47 -17.57 -4.91
N SER A 29 27.77 -17.34 -3.80
CA SER A 29 26.60 -16.47 -3.73
C SER A 29 26.73 -15.11 -4.44
N TYR A 30 27.91 -14.52 -4.37
CA TYR A 30 28.13 -13.24 -5.06
C TYR A 30 27.88 -13.30 -6.57
N GLU A 31 28.48 -14.25 -7.26
CA GLU A 31 28.26 -14.33 -8.71
C GLU A 31 26.82 -14.77 -9.00
N ARG A 32 26.27 -15.71 -8.22
CA ARG A 32 24.88 -16.13 -8.39
C ARG A 32 23.87 -15.01 -8.29
N GLN A 33 24.05 -14.15 -7.32
CA GLN A 33 23.06 -13.10 -7.04
C GLN A 33 23.36 -11.84 -7.80
N GLY A 34 24.43 -11.88 -8.60
CA GLY A 34 24.70 -10.88 -9.58
C GLY A 34 25.46 -9.69 -9.04
N PHE A 35 26.30 -9.94 -8.03
CA PHE A 35 27.25 -8.96 -7.53
C PHE A 35 28.45 -8.77 -8.46
N GLY A 36 29.16 -7.67 -8.24
CA GLY A 36 30.39 -7.40 -8.92
C GLY A 36 30.27 -7.09 -10.39
N ALA A 37 29.13 -6.56 -10.85
CA ALA A 37 29.00 -6.17 -12.26
C ALA A 37 29.94 -4.99 -12.52
N ALA A 38 30.31 -4.81 -13.78
CA ALA A 38 31.26 -3.81 -14.16
C ALA A 38 30.58 -2.46 -13.99
N LEU A 39 31.34 -1.49 -13.49
CA LEU A 39 30.93 -0.09 -13.47
C LEU A 39 31.61 0.68 -14.63
N PRO A 40 30.88 0.82 -15.76
CA PRO A 40 31.44 1.57 -16.88
C PRO A 40 31.97 2.92 -16.42
N LEU A 41 33.13 3.33 -16.93
CA LEU A 41 33.70 4.63 -16.57
C LEU A 41 33.08 5.71 -17.41
N LYS A 42 33.02 6.93 -16.87
CA LYS A 42 32.37 8.06 -17.55
C LYS A 42 32.86 9.44 -17.10
N ALA A 43 33.32 10.23 -18.07
CA ALA A 43 33.78 11.59 -17.87
C ALA A 43 32.58 12.47 -17.62
N PRO A 44 32.77 13.68 -17.04
CA PRO A 44 34.07 14.19 -16.56
C PRO A 44 34.60 13.39 -15.38
N TYR A 45 35.91 13.28 -15.27
CA TYR A 45 36.54 12.62 -14.13
C TYR A 45 37.01 13.58 -13.06
N GLY A 46 37.17 13.04 -11.86
CA GLY A 46 37.69 13.74 -10.72
C GLY A 46 38.51 12.79 -9.88
N LEU A 47 39.20 13.34 -8.91
CA LEU A 47 40.13 12.59 -8.08
C LEU A 47 39.95 13.05 -6.65
N LEU A 48 39.74 12.07 -5.78
CA LEU A 48 39.71 12.27 -4.36
C LEU A 48 40.88 11.55 -3.74
N ILE A 49 41.72 12.25 -2.99
CA ILE A 49 42.77 11.62 -2.23
C ILE A 49 42.39 11.73 -0.75
N VAL A 50 42.06 10.61 -0.11
CA VAL A 50 41.54 10.72 1.26
C VAL A 50 42.59 10.50 2.35
N ASP A 51 42.83 11.54 3.13
CA ASP A 51 43.63 11.47 4.36
C ASP A 51 45.07 10.99 4.23
N PHE A 52 45.70 11.23 3.10
CA PHE A 52 47.13 10.96 3.02
C PHE A 52 47.91 12.04 3.75
N VAL A 53 47.85 11.98 5.09
CA VAL A 53 48.39 13.02 5.97
C VAL A 53 49.54 12.43 6.77
N ASN A 54 50.47 13.27 7.23
CA ASN A 54 51.73 12.78 7.85
C ASN A 54 51.50 11.69 8.94
N GLY A 55 50.42 11.79 9.70
CA GLY A 55 50.16 10.86 10.77
C GLY A 55 49.75 9.47 10.28
N PHE A 56 49.15 9.39 9.10
CA PHE A 56 48.84 8.08 8.46
C PHE A 56 50.01 7.50 7.62
N ALA A 57 50.96 8.35 7.23
CA ALA A 57 52.18 7.90 6.53
C ALA A 57 53.19 7.33 7.51
N ASP A 58 53.42 8.04 8.62
CA ASP A 58 54.32 7.59 9.71
C ASP A 58 53.85 6.28 10.37
N PRO A 59 54.63 5.19 10.26
CA PRO A 59 54.17 3.98 10.93
C PRO A 59 54.18 4.03 12.46
N ALA A 60 54.83 5.03 13.06
CA ALA A 60 54.81 5.18 14.51
C ALA A 60 53.56 5.87 15.06
N GLN A 61 52.74 6.46 14.18
CA GLN A 61 51.53 7.15 14.59
C GLN A 61 50.22 6.44 14.19
N PHE A 62 49.92 6.41 12.90
CA PHE A 62 48.68 5.79 12.40
C PHE A 62 48.89 5.01 11.13
N GLY A 63 50.14 4.95 10.68
CA GLY A 63 50.49 4.32 9.42
C GLY A 63 51.00 2.90 9.57
N GLY A 64 51.78 2.49 8.59
CA GLY A 64 52.25 1.12 8.49
C GLY A 64 51.60 0.51 7.28
N GLY A 65 51.68 -0.81 7.19
CA GLY A 65 51.08 -1.56 6.11
C GLY A 65 51.64 -1.17 4.77
N ASN A 66 50.76 -1.03 3.78
CA ASN A 66 51.13 -0.62 2.45
C ASN A 66 50.76 0.86 2.16
N ILE A 67 50.71 1.70 3.20
CA ILE A 67 50.32 3.10 3.06
C ILE A 67 51.42 3.98 2.41
N ALA A 68 52.69 3.78 2.82
CA ALA A 68 53.82 4.53 2.22
C ALA A 68 53.90 4.32 0.71
N ALA A 69 53.72 3.05 0.29
CA ALA A 69 53.68 2.64 -1.11
C ALA A 69 52.50 3.24 -1.86
N ALA A 70 51.34 3.18 -1.24
CA ALA A 70 50.14 3.84 -1.82
C ALA A 70 50.31 5.34 -2.05
N ILE A 71 50.97 6.05 -1.12
CA ILE A 71 51.12 7.49 -1.25
C ILE A 71 51.91 7.84 -2.50
N GLU A 72 53.06 7.23 -2.64
CA GLU A 72 53.89 7.44 -3.82
C GLU A 72 53.28 7.09 -5.15
N THR A 73 52.58 5.94 -5.22
CA THR A 73 51.93 5.55 -6.46
C THR A 73 50.93 6.64 -6.85
N THR A 74 50.20 7.18 -5.85
CA THR A 74 49.21 8.23 -6.09
C THR A 74 49.80 9.49 -6.75
N ARG A 75 51.07 9.79 -6.51
CA ARG A 75 51.69 10.95 -7.16
C ARG A 75 51.48 10.98 -8.65
N THR A 76 51.62 9.82 -9.30
CA THR A 76 51.45 9.71 -10.75
C THR A 76 50.01 10.02 -11.15
N VAL A 77 49.07 9.68 -10.28
CA VAL A 77 47.66 9.96 -10.54
C VAL A 77 47.31 11.44 -10.42
N LEU A 78 47.80 12.06 -9.33
CA LEU A 78 47.64 13.47 -9.09
C LEU A 78 48.24 14.32 -10.25
N ALA A 79 49.47 14.02 -10.63
CA ALA A 79 50.09 14.69 -11.78
C ALA A 79 49.23 14.47 -13.03
N ALA A 80 48.81 13.23 -13.28
CA ALA A 80 47.99 12.96 -14.46
C ALA A 80 46.64 13.69 -14.37
N ALA A 81 46.06 13.74 -13.17
CA ALA A 81 44.85 14.55 -12.92
C ALA A 81 45.08 16.01 -13.30
N ARG A 82 46.23 16.54 -12.88
CA ARG A 82 46.60 17.92 -13.19
C ARG A 82 46.87 18.15 -14.69
N GLU A 83 47.53 17.21 -15.37
CA GLU A 83 47.65 17.32 -16.82
C GLU A 83 46.28 17.29 -17.53
N ARG A 84 45.34 16.51 -17.02
CA ARG A 84 44.08 16.37 -17.70
C ARG A 84 43.03 17.43 -17.31
N GLY A 85 43.34 18.26 -16.33
CA GLY A 85 42.39 19.29 -15.89
C GLY A 85 41.21 18.71 -15.10
N TRP A 86 41.49 17.69 -14.28
CA TRP A 86 40.46 16.98 -13.56
C TRP A 86 40.22 17.71 -12.27
N ALA A 87 38.97 17.86 -11.87
CA ALA A 87 38.68 18.36 -10.54
C ALA A 87 39.52 17.53 -9.54
N VAL A 88 40.12 18.18 -8.55
CA VAL A 88 40.90 17.44 -7.55
C VAL A 88 40.58 17.91 -6.12
N ALA A 89 40.33 16.94 -5.23
CA ALA A 89 39.92 17.19 -3.84
C ALA A 89 40.77 16.35 -2.91
N HIS A 90 41.22 16.96 -1.83
CA HIS A 90 41.99 16.30 -0.81
C HIS A 90 41.20 16.38 0.50
N SER A 91 41.30 15.35 1.32
CA SER A 91 40.61 15.32 2.58
C SER A 91 41.66 15.27 3.69
N ARG A 92 41.28 15.79 4.84
CA ARG A 92 42.14 15.78 6.03
C ARG A 92 41.19 15.61 7.19
N ILE A 93 41.55 14.81 8.20
CA ILE A 93 40.80 14.78 9.46
C ILE A 93 41.31 15.94 10.27
N VAL A 94 40.38 16.79 10.71
CA VAL A 94 40.67 17.94 11.57
C VAL A 94 39.62 18.12 12.66
N TYR A 95 40.04 18.06 13.92
CA TYR A 95 39.20 18.49 15.05
C TYR A 95 39.64 19.87 15.54
N ALA A 96 38.75 20.50 16.33
CA ALA A 96 39.04 21.76 17.01
C ALA A 96 40.09 21.57 18.11
N ASP A 97 40.97 22.58 18.20
CA ASP A 97 42.07 22.64 19.18
C ASP A 97 41.65 22.29 20.62
N ASP A 98 40.47 22.76 21.02
CA ASP A 98 39.94 22.45 22.36
C ASP A 98 39.05 21.18 22.44
N ASP A 99 39.12 20.30 21.43
CA ASP A 99 38.25 19.13 21.37
C ASP A 99 36.73 19.45 21.35
N ALA A 100 36.36 20.66 20.92
CA ALA A 100 34.94 21.12 20.90
C ALA A 100 34.05 20.17 20.11
N ASP A 101 34.57 19.74 18.98
CA ASP A 101 33.86 18.81 18.11
C ASP A 101 34.25 17.35 18.32
N GLY A 102 34.79 17.00 19.50
CA GLY A 102 35.12 15.62 19.90
C GLY A 102 33.84 14.79 19.77
N ASN A 103 33.91 13.59 19.18
CA ASN A 103 32.69 12.92 18.73
C ASN A 103 32.70 11.43 19.04
N ILE A 104 31.88 10.63 18.35
CA ILE A 104 31.79 9.21 18.64
C ILE A 104 33.04 8.53 18.05
N PHE A 105 33.35 8.82 16.80
CA PHE A 105 34.57 8.34 16.16
C PHE A 105 35.82 8.48 17.03
N SER A 106 35.99 9.66 17.67
CA SER A 106 37.19 9.92 18.49
C SER A 106 37.12 9.35 19.93
N ILE A 107 36.01 8.68 20.28
CA ILE A 107 35.94 7.83 21.46
C ILE A 107 36.46 6.45 21.07
N LYS A 108 35.94 5.92 19.97
CA LYS A 108 36.42 4.62 19.45
C LYS A 108 37.90 4.64 19.13
N VAL A 109 38.37 5.69 18.46
CA VAL A 109 39.81 5.86 18.16
C VAL A 109 40.37 7.17 18.71
N PRO A 110 40.76 7.21 19.99
CA PRO A 110 41.14 8.49 20.65
C PRO A 110 42.26 9.34 20.00
N GLY A 111 43.14 8.74 19.23
CA GLY A 111 44.23 9.50 18.65
C GLY A 111 43.87 10.42 17.48
N MET A 112 42.70 10.23 16.91
CA MET A 112 42.17 11.10 15.87
C MET A 112 41.90 12.46 16.42
N LEU A 113 41.71 12.55 17.72
CA LEU A 113 41.39 13.76 18.39
C LEU A 113 42.59 14.67 18.47
N THR A 114 43.77 14.15 18.17
CA THR A 114 45.01 14.91 18.20
C THR A 114 45.31 15.50 16.84
N LEU A 115 44.52 15.13 15.83
CA LEU A 115 44.60 15.69 14.48
C LEU A 115 44.03 17.11 14.38
N LYS A 116 44.84 18.09 14.77
CA LYS A 116 44.40 19.47 14.87
C LYS A 116 44.88 20.22 13.64
N GLU A 117 44.36 21.40 13.43
CA GLU A 117 44.56 22.09 12.16
C GLU A 117 46.07 22.31 11.87
N HIS A 118 46.84 22.64 12.90
CA HIS A 118 48.25 22.98 12.77
C HIS A 118 49.19 21.89 13.29
N ALA A 119 48.63 20.78 13.75
CA ALA A 119 49.44 19.61 14.11
C ALA A 119 50.01 19.01 12.84
N PRO A 120 51.36 18.85 12.76
CA PRO A 120 51.91 18.37 11.50
C PRO A 120 51.33 16.99 11.12
N ALA A 121 50.98 16.17 12.12
CA ALA A 121 50.31 14.89 11.90
C ALA A 121 49.12 15.02 10.93
N SER A 122 48.39 16.13 11.05
CA SER A 122 47.15 16.27 10.31
C SER A 122 47.36 16.82 8.90
N ALA A 123 48.56 17.31 8.60
CA ALA A 123 48.84 17.93 7.32
C ALA A 123 48.98 16.92 6.20
N ILE A 124 48.58 17.34 5.00
CA ILE A 124 48.83 16.56 3.78
C ILE A 124 50.34 16.35 3.52
N VAL A 125 50.70 15.16 3.09
CA VAL A 125 52.11 14.76 2.99
C VAL A 125 52.74 15.54 1.87
N PRO A 126 53.97 16.06 2.06
CA PRO A 126 54.59 16.92 1.06
C PRO A 126 54.56 16.34 -0.32
N GLN A 127 54.65 15.01 -0.44
CA GLN A 127 54.54 14.30 -1.71
C GLN A 127 53.29 14.64 -2.54
N LEU A 128 52.19 14.99 -1.86
CA LEU A 128 50.90 15.22 -2.55
C LEU A 128 50.32 16.62 -2.30
N ALA A 129 51.19 17.58 -2.03
CA ALA A 129 50.73 18.91 -1.59
C ALA A 129 49.75 19.41 -2.62
N PRO A 130 48.61 19.97 -2.16
CA PRO A 130 47.62 20.65 -2.99
C PRO A 130 48.10 21.85 -3.81
N GLN A 131 47.41 22.13 -4.90
CA GLN A 131 47.67 23.27 -5.74
C GLN A 131 46.41 24.11 -5.86
N ALA A 132 46.55 25.30 -6.48
CA ALA A 132 45.46 26.23 -6.78
C ALA A 132 44.25 25.54 -7.42
N GLY A 133 43.09 25.63 -6.76
CA GLY A 133 41.80 25.15 -7.31
C GLY A 133 41.41 23.76 -6.84
N GLU A 134 42.31 23.11 -6.12
CA GLU A 134 42.11 21.79 -5.60
C GLU A 134 41.61 21.94 -4.17
N TYR A 135 40.53 21.20 -3.86
CA TYR A 135 39.72 21.47 -2.71
C TYR A 135 40.18 20.63 -1.55
N VAL A 136 40.36 21.26 -0.39
CA VAL A 136 40.81 20.56 0.81
C VAL A 136 39.60 20.48 1.70
N VAL A 137 39.08 19.29 1.87
CA VAL A 137 37.93 19.12 2.68
C VAL A 137 38.39 18.57 4.03
N ARG A 138 37.88 19.21 5.09
CA ARG A 138 38.20 18.88 6.46
C ARG A 138 37.04 18.15 7.04
N LYS A 139 37.32 17.12 7.82
CA LYS A 139 36.29 16.27 8.31
C LYS A 139 36.68 15.80 9.70
N SER A 140 35.67 15.44 10.49
CA SER A 140 35.86 14.84 11.77
C SER A 140 35.24 13.44 11.79
N THR A 141 34.88 12.91 10.62
CA THR A 141 34.33 11.53 10.48
C THR A 141 35.11 10.77 9.40
N PRO A 142 34.87 9.46 9.22
CA PRO A 142 35.60 8.69 8.22
C PRO A 142 35.44 9.13 6.76
N SER A 143 34.22 9.45 6.34
CA SER A 143 33.95 9.75 4.92
C SER A 143 34.20 11.19 4.54
N ALA A 144 34.80 11.43 3.39
CA ALA A 144 35.09 12.81 2.92
C ALA A 144 33.81 13.54 2.53
N PHE A 145 32.69 12.83 2.56
CA PHE A 145 31.39 13.35 2.18
C PHE A 145 30.54 13.71 3.38
N TYR A 146 30.70 12.99 4.50
CA TYR A 146 29.81 13.18 5.65
C TYR A 146 30.02 14.55 6.32
N GLY A 147 29.02 15.42 6.23
CA GLY A 147 29.10 16.69 6.96
C GLY A 147 30.16 17.61 6.42
N THR A 148 30.33 17.53 5.11
CA THR A 148 31.25 18.33 4.36
C THR A 148 30.55 18.74 3.08
N MET A 149 31.22 19.55 2.30
CA MET A 149 30.66 20.07 1.06
C MET A 149 31.14 19.32 -0.16
N LEU A 150 31.72 18.12 0.03
CA LEU A 150 32.32 17.38 -1.11
C LEU A 150 31.28 17.10 -2.20
N ALA A 151 30.11 16.55 -1.81
CA ALA A 151 29.13 16.18 -2.84
C ALA A 151 28.82 17.40 -3.70
N ALA A 152 28.59 18.54 -3.08
CA ALA A 152 28.14 19.71 -3.82
C ALA A 152 29.29 20.33 -4.65
N TRP A 153 30.52 20.22 -4.13
CA TRP A 153 31.71 20.67 -4.86
C TRP A 153 31.84 19.91 -6.13
N LEU A 154 31.63 18.60 -6.06
CA LEU A 154 31.72 17.72 -7.22
C LEU A 154 30.54 17.94 -8.19
N ALA A 155 29.32 17.97 -7.66
CA ALA A 155 28.13 18.26 -8.45
C ALA A 155 28.28 19.52 -9.30
N GLN A 156 28.72 20.61 -8.66
CA GLN A 156 28.87 21.88 -9.33
C GLN A 156 29.78 21.74 -10.53
N ARG A 157 30.82 20.94 -10.38
CA ARG A 157 31.80 20.70 -11.43
C ARG A 157 31.33 19.62 -12.42
N GLY A 158 30.15 19.05 -12.22
CA GLY A 158 29.59 18.08 -13.14
C GLY A 158 30.29 16.74 -13.22
N VAL A 159 30.95 16.31 -12.13
CA VAL A 159 31.77 15.10 -12.11
C VAL A 159 30.96 13.82 -12.11
N GLN A 160 31.25 12.93 -13.06
CA GLN A 160 30.48 11.68 -13.22
C GLN A 160 31.18 10.51 -12.54
N THR A 161 32.49 10.45 -12.70
CA THR A 161 33.34 9.41 -12.15
C THR A 161 34.48 10.00 -11.27
N LEU A 162 34.67 9.46 -10.09
CA LEU A 162 35.63 9.93 -9.13
C LEU A 162 36.67 8.86 -8.82
N LEU A 163 37.94 9.14 -9.09
CA LEU A 163 39.00 8.23 -8.73
C LEU A 163 39.29 8.46 -7.25
N VAL A 164 39.44 7.38 -6.48
CA VAL A 164 39.77 7.50 -5.06
C VAL A 164 41.12 6.86 -4.71
N ALA A 165 41.88 7.61 -3.93
CA ALA A 165 43.10 7.17 -3.31
C ALA A 165 43.06 7.55 -1.84
N GLY A 166 43.96 7.00 -1.02
CA GLY A 166 44.12 7.44 0.33
C GLY A 166 44.28 6.32 1.33
N ALA A 167 44.09 6.66 2.60
CA ALA A 167 44.18 5.69 3.70
C ALA A 167 43.06 6.03 4.66
N THR A 168 42.59 5.08 5.47
CA THR A 168 42.91 3.69 5.32
C THR A 168 41.83 2.97 4.53
N THR A 169 42.22 1.94 3.81
CA THR A 169 41.32 1.19 2.95
C THR A 169 40.07 0.67 3.65
N SER A 170 40.25 0.05 4.82
CA SER A 170 39.15 -0.41 5.62
C SER A 170 38.54 0.66 6.52
N GLY A 171 38.99 1.91 6.36
CA GLY A 171 38.43 3.01 7.11
C GLY A 171 37.81 4.05 6.21
N VAL A 173 38.86 5.49 3.39
CA VAL A 173 38.69 5.19 1.98
C VAL A 173 37.31 4.57 1.72
N ARG A 174 37.07 3.40 2.28
CA ARG A 174 35.82 2.69 2.08
C ARG A 174 34.61 3.56 2.42
N ALA A 175 34.65 4.25 3.55
CA ALA A 175 33.51 5.10 3.95
C ALA A 175 33.27 6.10 2.85
N SER A 176 34.34 6.70 2.34
CA SER A 176 34.26 7.68 1.31
C SER A 176 33.76 7.13 -0.05
N VAL A 177 34.09 5.89 -0.34
CA VAL A 177 33.70 5.26 -1.60
C VAL A 177 32.21 4.90 -1.63
N VAL A 178 31.72 4.31 -0.54
CA VAL A 178 30.32 4.03 -0.39
C VAL A 178 29.53 5.35 -0.45
N ASP A 179 30.06 6.42 0.15
CA ASP A 179 29.34 7.72 0.08
C ASP A 179 29.25 8.28 -1.31
N ALA A 180 30.36 8.12 -2.05
CA ALA A 180 30.50 8.68 -3.37
C ALA A 180 29.48 8.04 -4.24
N MET A 181 29.42 6.74 -4.12
CA MET A 181 28.43 5.94 -4.82
C MET A 181 27.03 6.45 -4.46
N SER A 182 26.78 6.49 -3.18
CA SER A 182 25.50 6.91 -2.71
C SER A 182 25.14 8.32 -3.25
N ALA A 183 26.08 9.24 -3.26
CA ALA A 183 25.88 10.60 -3.77
C ALA A 183 25.68 10.74 -5.28
N GLY A 184 25.76 9.66 -6.05
CA GLY A 184 25.61 9.72 -7.50
C GLY A 184 26.85 9.70 -8.37
N PHE A 185 28.03 9.44 -7.81
CA PHE A 185 29.29 9.38 -8.58
C PHE A 185 29.77 7.94 -8.80
N ARG A 186 30.39 7.66 -9.93
CA ARG A 186 30.93 6.31 -10.18
C ARG A 186 32.28 6.32 -9.51
N PRO A 187 32.45 5.54 -8.41
CA PRO A 187 33.77 5.51 -7.82
C PRO A 187 34.71 4.57 -8.58
N LEU A 188 35.95 5.00 -8.75
CA LEU A 188 37.02 4.20 -9.32
C LEU A 188 38.11 4.09 -8.24
N VAL A 189 38.12 2.98 -7.52
CA VAL A 189 39.10 2.77 -6.46
C VAL A 189 40.44 2.32 -7.04
N LEU A 190 41.44 3.16 -6.90
CA LEU A 190 42.78 2.86 -7.30
C LEU A 190 43.38 1.87 -6.31
N SER A 191 43.34 0.57 -6.64
CA SER A 191 43.74 -0.51 -5.74
C SER A 191 45.18 -0.40 -5.26
N ASP A 192 46.05 0.25 -6.04
CA ASP A 192 47.45 0.40 -5.72
C ASP A 192 47.73 1.80 -5.14
N CYS A 193 46.66 2.59 -4.95
CA CYS A 193 46.75 3.92 -4.36
C CYS A 193 45.92 4.10 -3.08
N VAL A 194 45.43 3.00 -2.54
CA VAL A 194 44.78 3.04 -1.25
C VAL A 194 45.64 2.16 -0.37
N GLY A 195 45.91 2.57 0.86
CA GLY A 195 46.70 1.71 1.74
C GLY A 195 46.09 1.52 3.10
N ASP A 196 46.46 0.46 3.77
CA ASP A 196 45.97 0.26 5.12
C ASP A 196 47.14 -0.09 6.02
N ARG A 197 46.94 0.05 7.32
CA ARG A 197 47.96 -0.35 8.30
C ARG A 197 48.01 -1.85 8.45
N ALA A 198 46.99 -2.52 7.93
CA ALA A 198 46.92 -3.97 8.04
C ALA A 198 46.37 -4.55 6.76
N LEU A 199 47.01 -5.59 6.21
CA LEU A 199 46.67 -6.02 4.84
C LEU A 199 45.41 -6.87 4.69
N GLY A 200 45.04 -7.62 5.73
CA GLY A 200 43.82 -8.44 5.71
C GLY A 200 42.59 -7.55 5.51
N PRO A 201 42.41 -6.54 6.37
CA PRO A 201 41.40 -5.48 6.17
C PRO A 201 41.44 -4.76 4.79
N HIS A 202 42.63 -4.37 4.36
CA HIS A 202 42.86 -3.87 2.99
C HIS A 202 42.23 -4.76 1.90
N GLU A 203 42.47 -6.06 1.99
CA GLU A 203 42.03 -7.01 0.95
C GLU A 203 40.52 -7.30 1.08
N ALA A 204 40.02 -7.36 2.32
CA ALA A 204 38.60 -7.58 2.56
C ALA A 204 37.78 -6.38 2.05
N ASN A 205 38.29 -5.17 2.22
CA ASN A 205 37.49 -4.04 1.93
C ASN A 205 37.53 -3.74 0.45
N LEU A 206 38.62 -4.08 -0.20
CA LEU A 206 38.66 -4.05 -1.64
C LEU A 206 37.66 -5.03 -2.18
N PHE A 207 37.61 -6.23 -1.62
CA PHE A 207 36.67 -7.24 -2.08
C PHE A 207 35.26 -6.67 -1.98
N ASP A 208 34.87 -6.23 -0.79
CA ASP A 208 33.55 -5.63 -0.60
C ASP A 208 33.27 -4.59 -1.70
N MET A 209 34.23 -3.67 -1.85
CA MET A 209 34.06 -2.54 -2.76
C MET A 209 33.90 -2.98 -4.21
N ARG A 210 34.79 -3.84 -4.68
CA ARG A 210 34.64 -4.48 -6.00
C ARG A 210 33.26 -5.14 -6.18
N GLN A 211 32.69 -5.70 -5.12
CA GLN A 211 31.53 -6.54 -5.27
C GLN A 211 30.30 -5.69 -5.37
N LYS A 212 30.35 -4.49 -4.80
CA LYS A 212 29.16 -3.72 -4.47
C LYS A 212 29.16 -2.22 -4.80
N TYR A 213 30.31 -1.58 -4.87
CA TYR A 213 30.37 -0.14 -4.69
C TYR A 213 31.21 0.64 -5.68
N ALA A 214 32.11 -0.01 -6.43
CA ALA A 214 33.08 0.74 -7.24
C ALA A 214 33.66 -0.08 -8.37
N ALA A 215 34.13 0.62 -9.37
CA ALA A 215 35.13 0.02 -10.28
C ALA A 215 36.46 0.07 -9.54
N VAL A 216 37.21 -1.03 -9.61
CA VAL A 216 38.44 -1.27 -8.85
C VAL A 216 39.54 -1.77 -9.80
N MET A 217 40.57 -0.96 -9.97
CA MET A 217 41.68 -1.32 -10.82
C MET A 217 42.97 -0.61 -10.34
N THR A 218 44.11 -1.10 -10.82
CA THR A 218 45.39 -0.45 -10.56
C THR A 218 45.50 0.84 -11.36
N HIS A 219 46.38 1.74 -10.95
CA HIS A 219 46.42 3.10 -11.49
C HIS A 219 46.80 3.19 -12.97
N ASP A 220 47.69 2.34 -13.43
CA ASP A 220 48.05 2.34 -14.86
C ASP A 220 46.82 2.03 -15.69
N GLU A 221 46.04 1.09 -15.18
CA GLU A 221 44.80 0.67 -15.80
C GLU A 221 43.79 1.82 -15.82
N ALA A 222 43.61 2.48 -14.67
CA ALA A 222 42.67 3.61 -14.51
C ALA A 222 43.02 4.74 -15.49
N LEU A 223 44.26 5.21 -15.45
CA LEU A 223 44.73 6.29 -16.31
C LEU A 223 44.66 5.96 -17.80
N ALA A 224 44.83 4.68 -18.18
CA ALA A 224 44.64 4.28 -19.59
C ALA A 224 43.14 4.28 -19.97
N LYS A 225 42.28 4.00 -18.98
CA LYS A 225 40.82 3.80 -19.11
C LYS A 225 40.50 2.36 -19.52
N LEU B 27 16.83 49.37 2.06
CA LEU B 27 16.70 48.50 0.83
C LEU B 27 17.76 48.74 -0.27
N GLY B 28 18.40 49.91 -0.26
CA GLY B 28 19.57 50.19 -1.13
C GLY B 28 20.86 49.41 -0.84
N SER B 29 20.98 48.86 0.37
CA SER B 29 22.15 48.05 0.76
C SER B 29 22.36 46.75 -0.08
N TYR B 30 21.28 46.18 -0.59
CA TYR B 30 21.38 45.06 -1.52
C TYR B 30 22.27 45.41 -2.70
N GLU B 31 22.10 46.60 -3.27
CA GLU B 31 22.86 47.02 -4.45
C GLU B 31 24.31 47.42 -4.09
N ARG B 32 24.45 48.23 -3.04
CA ARG B 32 25.76 48.69 -2.59
C ARG B 32 26.66 47.52 -2.23
N GLN B 33 26.07 46.51 -1.59
CA GLN B 33 26.80 45.36 -1.08
C GLN B 33 27.00 44.26 -2.12
N GLY B 34 26.41 44.41 -3.31
CA GLY B 34 26.62 43.48 -4.42
C GLY B 34 25.76 42.21 -4.36
N PHE B 35 24.56 42.32 -3.83
CA PHE B 35 23.59 41.22 -3.94
C PHE B 35 22.94 41.30 -5.29
N GLY B 36 22.17 40.27 -5.66
CA GLY B 36 21.38 40.29 -6.89
C GLY B 36 22.14 40.20 -8.21
N ALA B 37 23.37 39.74 -8.16
CA ALA B 37 24.15 39.46 -9.38
C ALA B 37 23.43 38.38 -10.18
N ALA B 38 23.64 38.38 -11.49
CA ALA B 38 22.98 37.49 -12.39
C ALA B 38 23.61 36.11 -12.25
N LEU B 39 22.76 35.10 -12.29
CA LEU B 39 23.18 33.72 -12.29
C LEU B 39 22.99 33.23 -13.73
N PRO B 40 24.10 33.09 -14.48
CA PRO B 40 24.11 32.56 -15.82
C PRO B 40 23.59 31.15 -15.87
N LEU B 41 22.66 30.92 -16.78
CA LEU B 41 22.00 29.66 -16.97
C LEU B 41 23.03 28.81 -17.64
N LYS B 42 23.11 27.56 -17.23
CA LYS B 42 24.07 26.59 -17.82
C LYS B 42 23.47 25.19 -17.91
N ALA B 43 23.61 24.56 -19.07
CA ALA B 43 23.15 23.16 -19.29
C ALA B 43 24.08 22.13 -18.64
N PRO B 44 23.61 20.87 -18.43
CA PRO B 44 22.27 20.33 -18.63
C PRO B 44 21.24 20.93 -17.65
N TYR B 45 19.99 20.97 -18.12
CA TYR B 45 18.88 21.51 -17.39
C TYR B 45 18.07 20.38 -16.76
N GLY B 46 17.36 20.73 -15.70
CA GLY B 46 16.48 19.80 -15.05
C GLY B 46 15.39 20.64 -14.50
N LEU B 47 14.27 20.00 -14.17
CA LEU B 47 13.11 20.67 -13.64
C LEU B 47 12.70 19.95 -12.40
N LEU B 48 12.38 20.72 -11.37
CA LEU B 48 11.87 20.25 -10.11
C LEU B 48 10.50 20.87 -9.91
N ILE B 49 9.48 20.05 -9.68
CA ILE B 49 8.16 20.55 -9.36
C ILE B 49 7.87 20.21 -7.92
N VAL B 50 7.76 21.25 -7.10
CA VAL B 50 7.58 21.10 -5.67
C VAL B 50 6.13 21.13 -5.22
N ASP B 51 5.66 19.97 -4.78
CA ASP B 51 4.49 19.86 -3.94
C ASP B 51 3.23 20.38 -4.61
N PHE B 52 3.12 20.26 -5.93
CA PHE B 52 1.83 20.52 -6.58
C PHE B 52 0.97 19.26 -6.45
N VAL B 53 0.37 19.12 -5.27
CA VAL B 53 -0.44 17.95 -4.92
C VAL B 53 -1.85 18.47 -4.69
N ASN B 54 -2.85 17.60 -4.69
CA ASN B 54 -4.26 18.04 -4.58
C ASN B 54 -4.52 18.86 -3.30
N GLY B 55 -3.92 18.46 -2.19
CA GLY B 55 -3.97 19.28 -0.99
C GLY B 55 -3.53 20.75 -1.13
N PHE B 56 -2.54 21.01 -1.98
CA PHE B 56 -2.04 22.37 -2.09
C PHE B 56 -2.76 23.14 -3.23
N ALA B 57 -3.60 22.44 -3.98
CA ALA B 57 -4.39 23.04 -5.04
C ALA B 57 -5.76 23.38 -4.54
N ASP B 58 -6.15 22.76 -3.41
CA ASP B 58 -7.50 22.93 -2.85
C ASP B 58 -7.42 23.85 -1.59
N PRO B 59 -8.11 25.01 -1.61
CA PRO B 59 -8.07 26.06 -0.57
C PRO B 59 -8.70 25.71 0.79
N ALA B 60 -9.56 24.71 0.80
CA ALA B 60 -9.99 24.14 2.07
C ALA B 60 -8.81 23.51 2.81
N GLN B 61 -7.79 23.03 2.08
CA GLN B 61 -6.63 22.36 2.69
C GLN B 61 -5.38 23.27 2.76
N PHE B 62 -4.54 23.29 1.72
CA PHE B 62 -3.35 24.17 1.73
C PHE B 62 -3.21 25.09 0.53
N GLY B 63 -4.26 25.18 -0.27
CA GLY B 63 -4.24 26.01 -1.47
C GLY B 63 -4.73 27.42 -1.23
N GLY B 64 -5.10 28.06 -2.33
CA GLY B 64 -5.49 29.45 -2.33
C GLY B 64 -4.41 30.29 -2.99
N GLY B 65 -4.55 31.61 -2.90
CA GLY B 65 -3.64 32.54 -3.58
C GLY B 65 -3.47 32.22 -5.07
N ASN B 66 -2.22 32.25 -5.55
CA ASN B 66 -1.96 32.08 -6.98
C ASN B 66 -1.39 30.72 -7.37
N ILE B 67 -1.64 29.73 -6.54
CA ILE B 67 -1.15 28.37 -6.76
C ILE B 67 -1.76 27.75 -8.02
N ALA B 68 -3.08 27.89 -8.16
CA ALA B 68 -3.78 27.27 -9.27
C ALA B 68 -3.24 27.74 -10.64
N ALA B 69 -2.87 29.01 -10.72
CA ALA B 69 -2.36 29.58 -11.94
C ALA B 69 -0.94 29.11 -12.19
N ALA B 70 -0.16 28.99 -11.13
CA ALA B 70 1.21 28.45 -11.16
C ALA B 70 1.20 26.98 -11.66
N ILE B 71 0.23 26.21 -11.19
CA ILE B 71 -0.03 24.86 -11.74
C ILE B 71 -0.24 24.87 -13.25
N GLU B 72 -1.14 25.72 -13.72
CA GLU B 72 -1.42 25.77 -15.15
C GLU B 72 -0.23 26.12 -16.00
N THR B 73 0.43 27.22 -15.67
CA THR B 73 1.61 27.65 -16.41
C THR B 73 2.71 26.58 -16.39
N THR B 74 2.82 25.85 -15.27
CA THR B 74 3.85 24.82 -15.07
C THR B 74 3.70 23.75 -16.13
N ARG B 75 2.49 23.56 -16.64
CA ARG B 75 2.30 22.52 -17.65
C ARG B 75 3.12 22.74 -18.90
N THR B 76 3.36 24.01 -19.22
CA THR B 76 4.10 24.36 -20.42
C THR B 76 5.54 24.00 -20.12
N VAL B 77 5.99 24.28 -18.90
CA VAL B 77 7.35 24.02 -18.57
C VAL B 77 7.54 22.51 -18.55
N LEU B 78 6.60 21.76 -18.01
CA LEU B 78 6.68 20.29 -18.01
C LEU B 78 6.76 19.69 -19.43
N ALA B 79 5.84 20.13 -20.28
CA ALA B 79 5.85 19.69 -21.65
C ALA B 79 7.19 20.10 -22.36
N ALA B 80 7.74 21.28 -22.10
CA ALA B 80 9.05 21.59 -22.71
C ALA B 80 10.15 20.68 -22.16
N ALA B 81 10.12 20.45 -20.85
CA ALA B 81 11.06 19.55 -20.21
C ALA B 81 11.07 18.18 -20.84
N ARG B 82 9.90 17.67 -21.19
CA ARG B 82 9.82 16.32 -21.74
C ARG B 82 10.39 16.32 -23.16
N GLU B 83 10.01 17.31 -23.95
CA GLU B 83 10.42 17.34 -25.33
C GLU B 83 11.90 17.68 -25.49
N ARG B 84 12.50 18.27 -24.44
CA ARG B 84 13.92 18.67 -24.50
C ARG B 84 14.84 17.62 -23.88
N GLY B 85 14.27 16.56 -23.32
CA GLY B 85 15.06 15.53 -22.68
C GLY B 85 15.67 15.93 -21.35
N TRP B 86 15.09 16.94 -20.72
CA TRP B 86 15.45 17.35 -19.36
C TRP B 86 15.14 16.33 -18.24
N ALA B 87 16.00 16.29 -17.24
CA ALA B 87 15.76 15.53 -16.04
C ALA B 87 14.57 16.17 -15.32
N VAL B 88 13.54 15.38 -15.04
CA VAL B 88 12.38 15.90 -14.32
C VAL B 88 12.20 15.18 -12.99
N ALA B 89 12.03 15.96 -11.93
CA ALA B 89 11.77 15.47 -10.59
C ALA B 89 10.57 16.23 -9.98
N HIS B 90 9.82 15.50 -9.14
CA HIS B 90 8.60 16.01 -8.50
C HIS B 90 8.69 15.69 -7.04
N SER B 91 8.14 16.55 -6.24
CA SER B 91 8.21 16.45 -4.82
C SER B 91 6.82 16.07 -4.35
N ARG B 92 6.73 15.30 -3.28
CA ARG B 92 5.46 15.12 -2.55
C ARG B 92 5.76 15.22 -1.04
N ILE B 93 4.94 15.94 -0.27
CA ILE B 93 4.93 15.72 1.16
C ILE B 93 4.18 14.41 1.51
N VAL B 94 4.85 13.48 2.23
CA VAL B 94 4.21 12.27 2.77
C VAL B 94 4.66 11.88 4.18
N TYR B 95 3.69 11.73 5.07
CA TYR B 95 3.93 11.22 6.40
C TYR B 95 3.37 9.80 6.54
N ALA B 96 3.80 9.10 7.59
CA ALA B 96 3.49 7.70 7.73
C ALA B 96 2.05 7.58 8.19
N ASP B 97 1.41 6.46 7.87
CA ASP B 97 -0.02 6.23 8.15
C ASP B 97 -0.36 6.21 9.64
N ASP B 98 0.61 5.83 10.47
CA ASP B 98 0.50 5.85 11.94
C ASP B 98 1.18 7.07 12.59
N ASP B 99 1.59 8.04 11.77
CA ASP B 99 2.20 9.28 12.29
C ASP B 99 3.57 9.01 12.93
N ALA B 100 4.16 7.87 12.61
CA ALA B 100 5.41 7.46 13.22
C ALA B 100 6.52 8.41 12.91
N ASP B 101 6.45 9.10 11.77
CA ASP B 101 7.43 10.15 11.49
C ASP B 101 6.96 11.58 11.76
N GLY B 102 5.90 11.74 12.55
CA GLY B 102 5.43 13.04 13.01
C GLY B 102 6.62 13.82 13.52
N ASN B 103 6.79 15.06 13.05
CA ASN B 103 8.03 15.79 13.36
C ASN B 103 7.82 17.17 13.96
N ILE B 104 8.84 18.02 13.88
CA ILE B 104 8.68 19.38 14.40
C ILE B 104 7.83 20.20 13.43
N PHE B 105 8.03 19.89 12.14
CA PHE B 105 7.29 20.52 11.09
C PHE B 105 5.80 20.36 11.29
N SER B 106 5.36 19.16 11.64
CA SER B 106 3.94 18.91 11.89
C SER B 106 3.47 19.24 13.30
N ILE B 107 4.35 19.69 14.20
CA ILE B 107 3.86 20.32 15.44
C ILE B 107 3.40 21.73 15.09
N LYS B 108 4.18 22.39 14.23
CA LYS B 108 4.00 23.76 13.78
C LYS B 108 2.87 23.94 12.78
N VAL B 109 2.69 22.94 11.91
CA VAL B 109 1.62 22.93 10.93
C VAL B 109 1.00 21.53 10.93
N PRO B 110 0.13 21.21 11.92
CA PRO B 110 -0.37 19.85 12.12
C PRO B 110 -1.13 19.22 10.94
N GLY B 111 -1.59 20.05 10.02
CA GLY B 111 -2.31 19.60 8.84
C GLY B 111 -1.37 18.79 7.97
N MET B 112 -0.09 19.13 7.99
CA MET B 112 0.87 18.37 7.23
C MET B 112 0.71 16.84 7.44
N LEU B 113 0.37 16.42 8.66
CA LEU B 113 0.24 15.01 9.01
C LEU B 113 -0.85 14.25 8.27
N THR B 114 -1.84 14.95 7.73
CA THR B 114 -2.91 14.32 6.97
C THR B 114 -2.44 13.89 5.61
N LEU B 115 -1.28 14.39 5.20
CA LEU B 115 -0.77 14.08 3.89
C LEU B 115 -0.12 12.71 3.89
N LYS B 116 -0.95 11.68 3.77
CA LYS B 116 -0.50 10.30 3.74
C LYS B 116 -0.39 9.79 2.30
N GLU B 117 0.43 8.75 2.12
CA GLU B 117 0.77 8.19 0.83
C GLU B 117 -0.42 8.00 -0.09
N HIS B 118 -1.52 7.48 0.45
CA HIS B 118 -2.68 7.17 -0.36
C HIS B 118 -3.86 8.08 -0.10
N ALA B 119 -3.66 9.15 0.68
CA ALA B 119 -4.67 10.22 0.80
C ALA B 119 -4.71 10.99 -0.49
N PRO B 120 -5.89 11.17 -1.09
CA PRO B 120 -5.95 11.97 -2.31
C PRO B 120 -5.16 13.27 -2.22
N ALA B 121 -5.24 13.91 -1.05
CA ALA B 121 -4.60 15.18 -0.75
C ALA B 121 -3.07 15.23 -1.01
N SER B 122 -2.40 14.09 -0.84
CA SER B 122 -0.97 14.01 -1.06
C SER B 122 -0.60 13.68 -2.48
N ALA B 123 -1.56 13.46 -3.35
CA ALA B 123 -1.25 13.02 -4.72
C ALA B 123 -0.99 14.21 -5.66
N ILE B 124 0.07 14.10 -6.47
CA ILE B 124 0.41 15.08 -7.51
C ILE B 124 -0.87 15.41 -8.31
N VAL B 125 -1.14 16.71 -8.54
CA VAL B 125 -2.32 17.17 -9.32
C VAL B 125 -2.29 16.51 -10.72
N PRO B 126 -3.43 15.99 -11.19
CA PRO B 126 -3.50 15.27 -12.48
C PRO B 126 -2.96 16.00 -13.71
N GLN B 127 -3.14 17.31 -13.74
CA GLN B 127 -2.56 18.20 -14.76
C GLN B 127 -1.07 17.98 -14.92
N LEU B 128 -0.43 17.52 -13.84
CA LEU B 128 1.03 17.42 -13.79
C LEU B 128 1.48 16.05 -13.38
N ALA B 129 0.71 15.03 -13.72
CA ALA B 129 1.08 13.65 -13.41
C ALA B 129 2.45 13.30 -14.03
N PRO B 130 3.33 12.68 -13.23
CA PRO B 130 4.61 12.16 -13.72
C PRO B 130 4.45 11.06 -14.75
N GLN B 131 5.37 11.03 -15.72
CA GLN B 131 5.48 9.89 -16.60
C GLN B 131 6.82 9.22 -16.32
N ALA B 132 7.10 8.13 -17.03
CA ALA B 132 8.27 7.27 -16.82
C ALA B 132 9.55 8.07 -16.89
N GLY B 133 10.50 7.74 -15.99
CA GLY B 133 11.83 8.41 -15.93
C GLY B 133 11.85 9.61 -15.00
N GLU B 134 10.67 10.08 -14.60
CA GLU B 134 10.56 11.25 -13.72
C GLU B 134 10.49 10.82 -12.25
N TYR B 135 11.44 11.32 -11.45
CA TYR B 135 11.58 10.94 -10.06
C TYR B 135 10.50 11.60 -9.28
N VAL B 136 9.90 10.88 -8.34
CA VAL B 136 9.02 11.46 -7.34
C VAL B 136 9.67 11.29 -5.99
N VAL B 137 9.85 12.41 -5.30
CA VAL B 137 10.61 12.44 -4.08
C VAL B 137 9.57 12.64 -2.96
N ARG B 138 9.49 11.69 -2.03
CA ARG B 138 8.62 11.86 -0.85
C ARG B 138 9.40 12.50 0.30
N LYS B 139 8.83 13.52 0.90
CA LYS B 139 9.52 14.27 1.94
C LYS B 139 8.57 14.52 3.11
N SER B 140 9.18 14.86 4.25
CA SER B 140 8.38 15.27 5.38
C SER B 140 8.87 16.56 5.95
N THR B 141 9.63 17.29 5.14
CA THR B 141 10.17 18.59 5.51
C THR B 141 9.89 19.52 4.34
N PRO B 142 10.30 20.80 4.44
CA PRO B 142 9.99 21.71 3.36
C PRO B 142 10.84 21.56 2.10
N SER B 143 12.14 21.51 2.24
CA SER B 143 12.99 21.32 1.06
C SER B 143 12.83 19.92 0.45
N ALA B 144 12.79 19.86 -0.87
CA ALA B 144 12.85 18.59 -1.61
C ALA B 144 14.21 17.97 -1.52
N PHE B 145 15.17 18.65 -0.90
CA PHE B 145 16.51 18.06 -0.81
C PHE B 145 16.77 17.43 0.53
N TYR B 146 15.97 17.79 1.55
CA TYR B 146 16.34 17.44 2.92
C TYR B 146 15.84 16.05 3.22
N GLY B 147 16.76 15.15 3.54
CA GLY B 147 16.43 13.75 3.85
C GLY B 147 15.83 13.05 2.67
N THR B 148 16.44 13.27 1.52
CA THR B 148 16.00 12.67 0.27
C THR B 148 17.18 12.47 -0.67
N MET B 149 16.88 11.84 -1.80
CA MET B 149 17.91 11.47 -2.76
C MET B 149 18.04 12.50 -3.88
N LEU B 150 17.35 13.63 -3.76
CA LEU B 150 17.32 14.55 -4.90
C LEU B 150 18.69 14.99 -5.36
N ALA B 151 19.56 15.39 -4.43
CA ALA B 151 20.88 15.92 -4.80
C ALA B 151 21.64 14.87 -5.61
N ALA B 152 21.62 13.66 -5.07
CA ALA B 152 22.30 12.52 -5.66
C ALA B 152 21.75 12.12 -7.06
N TRP B 153 20.42 12.16 -7.17
CA TRP B 153 19.71 11.98 -8.40
C TRP B 153 20.10 12.99 -9.48
N LEU B 154 20.20 14.27 -9.14
CA LEU B 154 20.61 15.32 -10.09
C LEU B 154 22.08 15.26 -10.49
N ALA B 155 22.94 15.07 -9.48
CA ALA B 155 24.40 14.85 -9.64
C ALA B 155 24.77 13.76 -10.64
N GLN B 156 24.02 12.67 -10.58
CA GLN B 156 24.35 11.47 -11.37
C GLN B 156 23.98 11.78 -12.77
N ARG B 157 23.00 12.68 -12.92
CA ARG B 157 22.57 13.13 -14.24
C ARG B 157 23.31 14.36 -14.78
N GLY B 158 24.25 14.86 -14.01
CA GLY B 158 25.10 15.94 -14.48
C GLY B 158 24.43 17.31 -14.56
N VAL B 159 23.28 17.45 -13.91
CA VAL B 159 22.53 18.68 -13.97
C VAL B 159 23.27 19.85 -13.39
N GLN B 160 23.30 20.92 -14.16
CA GLN B 160 23.98 22.15 -13.81
C GLN B 160 23.02 23.23 -13.39
N THR B 161 21.86 23.32 -14.06
CA THR B 161 20.86 24.37 -13.75
C THR B 161 19.53 23.70 -13.49
N LEU B 162 18.89 24.02 -12.36
CA LEU B 162 17.61 23.39 -11.98
C LEU B 162 16.54 24.39 -12.01
N LEU B 163 15.55 24.19 -12.88
CA LEU B 163 14.39 25.06 -12.91
C LEU B 163 13.45 24.62 -11.80
N VAL B 164 12.81 25.58 -11.13
CA VAL B 164 11.91 25.24 -10.04
C VAL B 164 10.55 25.86 -10.22
N ALA B 165 9.54 25.02 -9.98
CA ALA B 165 8.14 25.40 -9.96
C ALA B 165 7.63 24.75 -8.70
N GLY B 166 6.51 25.26 -8.16
CA GLY B 166 5.86 24.58 -7.08
C GLY B 166 5.11 25.44 -6.09
N ALA B 167 4.90 24.90 -4.91
CA ALA B 167 4.14 25.59 -3.89
C ALA B 167 4.78 25.14 -2.59
N THR B 168 4.88 26.02 -1.59
CA THR B 168 4.46 27.40 -1.70
C THR B 168 5.74 28.27 -1.81
N THR B 169 5.64 29.43 -2.44
CA THR B 169 6.83 30.27 -2.63
C THR B 169 7.55 30.48 -1.30
N SER B 170 6.81 30.86 -0.26
CA SER B 170 7.37 31.19 1.04
C SER B 170 7.59 30.01 1.95
N GLY B 171 7.49 28.80 1.38
CA GLY B 171 7.60 27.58 2.14
C GLY B 171 8.57 26.59 1.52
N VAL B 173 9.09 25.94 -1.69
CA VAL B 173 9.79 26.37 -2.87
C VAL B 173 11.09 27.05 -2.46
N ARG B 174 10.98 28.02 -1.56
CA ARG B 174 12.18 28.66 -1.01
C ARG B 174 13.12 27.70 -0.30
N ALA B 175 12.62 26.67 0.37
CA ALA B 175 13.51 25.77 1.08
C ALA B 175 14.25 24.93 0.05
N SER B 176 13.53 24.47 -0.94
CA SER B 176 14.16 23.69 -1.99
C SER B 176 15.14 24.54 -2.80
N VAL B 177 14.90 25.85 -2.97
CA VAL B 177 15.80 26.67 -3.78
C VAL B 177 17.10 26.97 -3.07
N VAL B 178 17.01 27.34 -1.80
CA VAL B 178 18.23 27.52 -1.03
C VAL B 178 19.08 26.25 -0.97
N ASP B 179 18.45 25.12 -0.84
CA ASP B 179 19.18 23.84 -0.84
C ASP B 179 19.70 23.49 -2.24
N ALA B 180 18.87 23.62 -3.26
CA ALA B 180 19.36 23.37 -4.62
C ALA B 180 20.68 24.13 -4.77
N MET B 181 20.64 25.40 -4.46
CA MET B 181 21.84 26.21 -4.61
C MET B 181 23.00 25.70 -3.75
N SER B 182 22.71 25.47 -2.50
CA SER B 182 23.71 24.95 -1.61
C SER B 182 24.36 23.68 -2.13
N ALA B 183 23.60 22.92 -2.88
CA ALA B 183 24.01 21.54 -3.31
C ALA B 183 24.82 21.58 -4.59
N GLY B 184 24.97 22.78 -5.11
CA GLY B 184 25.88 23.05 -6.18
C GLY B 184 25.17 23.18 -7.48
N PHE B 185 23.86 23.29 -7.44
CA PHE B 185 23.05 23.52 -8.64
C PHE B 185 22.60 24.96 -8.79
N ARG B 186 22.48 25.43 -10.03
CA ARG B 186 22.10 26.79 -10.33
C ARG B 186 20.59 26.83 -10.39
N PRO B 187 19.92 27.47 -9.40
CA PRO B 187 18.48 27.56 -9.35
C PRO B 187 17.89 28.67 -10.23
N LEU B 188 16.77 28.36 -10.88
CA LEU B 188 16.05 29.25 -11.75
C LEU B 188 14.59 29.09 -11.33
N VAL B 189 14.14 30.06 -10.56
CA VAL B 189 12.79 30.09 -10.09
C VAL B 189 11.92 30.59 -11.22
N LEU B 190 10.93 29.80 -11.61
CA LEU B 190 9.96 30.22 -12.58
C LEU B 190 8.96 31.06 -11.81
N SER B 191 9.03 32.38 -11.94
CA SER B 191 8.27 33.26 -11.07
C SER B 191 6.75 33.15 -11.25
N ASP B 192 6.30 32.72 -12.43
CA ASP B 192 4.86 32.52 -12.70
C ASP B 192 4.41 31.05 -12.58
N CYS B 193 5.33 30.20 -12.09
CA CYS B 193 5.11 28.75 -11.89
C CYS B 193 5.40 28.34 -10.43
N VAL B 194 5.58 29.32 -9.57
CA VAL B 194 5.62 29.06 -8.14
C VAL B 194 4.41 29.77 -7.51
N GLY B 195 3.76 29.12 -6.55
CA GLY B 195 2.50 29.63 -6.00
C GLY B 195 2.51 29.80 -4.50
N ASP B 196 1.77 30.78 -4.01
CA ASP B 196 1.54 30.84 -2.57
C ASP B 196 0.08 31.08 -2.23
N ARG B 197 -0.32 30.69 -1.02
CA ARG B 197 -1.62 31.06 -0.49
C ARG B 197 -1.78 32.55 -0.11
N ALA B 198 -0.69 33.28 -0.02
CA ALA B 198 -0.80 34.73 0.26
C ALA B 198 0.20 35.44 -0.61
N LEU B 199 -0.16 36.64 -1.06
CA LEU B 199 0.69 37.34 -2.02
C LEU B 199 1.91 38.04 -1.42
N GLY B 200 1.80 38.55 -0.20
CA GLY B 200 2.92 39.26 0.45
C GLY B 200 4.12 38.34 0.72
N PRO B 201 3.89 37.23 1.38
CA PRO B 201 4.88 36.18 1.47
C PRO B 201 5.40 35.72 0.07
N HIS B 202 4.51 35.47 -0.89
CA HIS B 202 4.91 35.13 -2.28
C HIS B 202 5.93 36.14 -2.81
N GLU B 203 5.60 37.41 -2.70
CA GLU B 203 6.49 38.46 -3.24
C GLU B 203 7.76 38.62 -2.40
N ALA B 204 7.65 38.53 -1.07
CA ALA B 204 8.82 38.78 -0.21
C ALA B 204 9.89 37.73 -0.41
N ASN B 205 9.47 36.50 -0.63
CA ASN B 205 10.38 35.38 -0.86
C ASN B 205 10.95 35.33 -2.27
N LEU B 206 10.19 35.79 -3.26
CA LEU B 206 10.77 36.08 -4.58
C LEU B 206 11.93 37.08 -4.54
N PHE B 207 11.74 38.15 -3.78
CA PHE B 207 12.80 39.15 -3.56
C PHE B 207 14.10 38.55 -3.05
N ASP B 208 13.98 37.89 -1.91
CA ASP B 208 15.09 37.19 -1.29
C ASP B 208 15.77 36.24 -2.25
N MET B 209 14.99 35.48 -3.02
CA MET B 209 15.61 34.49 -3.90
C MET B 209 16.35 35.20 -5.01
N ARG B 210 15.72 36.16 -5.67
CA ARG B 210 16.40 36.96 -6.69
C ARG B 210 17.69 37.67 -6.16
N GLN B 211 17.77 37.93 -4.88
CA GLN B 211 18.88 38.67 -4.37
C GLN B 211 20.06 37.79 -3.96
N LYS B 212 19.73 36.55 -3.57
CA LYS B 212 20.70 35.71 -2.93
C LYS B 212 20.92 34.30 -3.52
N TYR B 213 19.92 33.74 -4.21
CA TYR B 213 19.87 32.29 -4.44
C TYR B 213 19.57 31.82 -5.84
N ALA B 214 18.89 32.60 -6.68
CA ALA B 214 18.41 32.09 -7.95
C ALA B 214 18.47 33.13 -9.05
N ALA B 215 18.43 32.65 -10.29
CA ALA B 215 17.93 33.43 -11.41
C ALA B 215 16.41 33.37 -11.34
N VAL B 216 15.74 34.49 -11.57
CA VAL B 216 14.28 34.51 -11.43
C VAL B 216 13.68 35.10 -12.66
N MET B 217 12.83 34.36 -13.34
CA MET B 217 12.23 34.89 -14.55
C MET B 217 10.99 34.13 -14.87
N THR B 218 10.14 34.70 -15.72
CA THR B 218 8.91 34.04 -16.13
C THR B 218 9.21 32.81 -16.96
N HIS B 219 8.22 31.96 -17.12
CA HIS B 219 8.42 30.73 -17.86
C HIS B 219 8.85 30.99 -19.32
N ASP B 220 8.27 31.97 -20.00
CA ASP B 220 8.67 32.21 -21.40
C ASP B 220 10.11 32.73 -21.56
N GLU B 221 10.57 33.63 -20.69
CA GLU B 221 11.99 34.00 -20.68
C GLU B 221 12.81 32.76 -20.44
N ALA B 222 12.37 31.94 -19.49
CA ALA B 222 13.16 30.80 -19.09
C ALA B 222 13.25 29.76 -20.22
N LEU B 223 12.14 29.50 -20.90
CA LEU B 223 12.14 28.50 -21.96
C LEU B 223 12.88 29.02 -23.20
N ALA B 224 12.67 30.28 -23.57
CA ALA B 224 13.44 30.90 -24.65
C ALA B 224 14.95 30.77 -24.38
N LYS B 225 15.37 31.04 -23.15
CA LYS B 225 16.80 31.08 -22.85
C LYS B 225 17.48 29.73 -22.55
N THR B 226 16.73 28.64 -22.56
CA THR B 226 17.31 27.33 -22.45
C THR B 226 17.07 26.63 -23.81
N LEU C 27 -20.92 -7.04 29.25
CA LEU C 27 -21.97 -6.50 28.31
C LEU C 27 -21.96 -4.96 28.15
N GLY C 28 -21.28 -4.26 29.03
CA GLY C 28 -21.16 -2.79 28.90
C GLY C 28 -20.38 -2.37 27.65
N SER C 29 -19.59 -3.28 27.13
CA SER C 29 -18.81 -3.07 25.90
C SER C 29 -19.66 -2.68 24.66
N TYR C 30 -20.83 -3.27 24.49
CA TYR C 30 -21.69 -2.92 23.37
C TYR C 30 -22.06 -1.42 23.26
N GLU C 31 -22.51 -0.78 24.34
CA GLU C 31 -22.85 0.64 24.28
C GLU C 31 -21.58 1.53 24.21
N ARG C 32 -20.52 1.15 24.90
CA ARG C 32 -19.26 1.89 24.84
C ARG C 32 -18.68 1.90 23.41
N GLN C 33 -18.72 0.76 22.73
CA GLN C 33 -18.20 0.63 21.35
C GLN C 33 -19.18 1.00 20.23
N GLY C 34 -20.40 1.39 20.59
CA GLY C 34 -21.31 2.01 19.63
C GLY C 34 -22.13 0.97 18.90
N PHE C 35 -22.27 -0.21 19.49
CA PHE C 35 -23.14 -1.22 18.95
C PHE C 35 -24.62 -0.87 19.16
N GLY C 36 -25.47 -1.58 18.41
CA GLY C 36 -26.90 -1.57 18.69
C GLY C 36 -27.62 -0.28 18.36
N ALA C 37 -27.11 0.47 17.36
CA ALA C 37 -27.76 1.67 16.81
C ALA C 37 -29.04 1.31 16.09
N ALA C 38 -29.91 2.31 16.01
CA ALA C 38 -31.21 2.20 15.38
C ALA C 38 -31.02 1.99 13.88
N LEU C 39 -31.82 1.10 13.32
CA LEU C 39 -31.89 0.93 11.89
C LEU C 39 -33.19 1.53 11.44
N PRO C 40 -33.18 2.82 11.00
CA PRO C 40 -34.43 3.40 10.51
C PRO C 40 -35.12 2.51 9.49
N LEU C 41 -36.45 2.47 9.54
CA LEU C 41 -37.22 1.62 8.61
C LEU C 41 -37.40 2.39 7.35
N LYS C 42 -37.32 1.73 6.20
CA LYS C 42 -37.47 2.45 4.95
C LYS C 42 -38.23 1.65 3.90
N ALA C 43 -39.27 2.29 3.38
CA ALA C 43 -40.07 1.72 2.30
C ALA C 43 -39.25 1.68 1.00
N PRO C 44 -39.59 0.73 0.12
CA PRO C 44 -40.62 -0.31 0.21
C PRO C 44 -40.27 -1.57 1.05
N TYR C 45 -41.30 -2.18 1.59
CA TYR C 45 -41.18 -3.35 2.40
C TYR C 45 -41.47 -4.66 1.66
N GLY C 46 -40.80 -5.69 2.15
CA GLY C 46 -40.99 -7.04 1.78
C GLY C 46 -41.15 -7.79 3.08
N LEU C 47 -41.65 -9.02 2.93
CA LEU C 47 -41.75 -9.97 4.00
C LEU C 47 -41.00 -11.27 3.61
N LEU C 48 -40.12 -11.77 4.48
CA LEU C 48 -39.56 -13.10 4.24
C LEU C 48 -40.00 -13.98 5.36
N ILE C 49 -40.55 -15.15 5.06
CA ILE C 49 -40.93 -16.10 6.09
C ILE C 49 -39.99 -17.29 5.94
N VAL C 50 -39.17 -17.53 6.97
CA VAL C 50 -38.17 -18.60 6.89
C VAL C 50 -38.55 -19.96 7.56
N ASP C 51 -38.72 -20.95 6.66
CA ASP C 51 -38.90 -22.37 6.97
C ASP C 51 -40.01 -22.64 7.95
N PHE C 52 -41.17 -22.00 7.75
CA PHE C 52 -42.34 -22.37 8.55
C PHE C 52 -43.03 -23.53 7.86
N VAL C 53 -42.39 -24.68 7.98
CA VAL C 53 -42.82 -25.89 7.33
C VAL C 53 -43.30 -26.87 8.40
N ASN C 54 -44.07 -27.88 8.00
CA ASN C 54 -44.68 -28.76 8.99
C ASN C 54 -43.63 -29.41 9.86
N GLY C 55 -42.46 -29.76 9.32
CA GLY C 55 -41.44 -30.44 10.12
C GLY C 55 -40.95 -29.56 11.27
N PHE C 56 -40.94 -28.26 11.02
CA PHE C 56 -40.45 -27.32 12.00
C PHE C 56 -41.59 -26.89 12.93
N ALA C 57 -42.83 -27.01 12.48
CA ALA C 57 -44.03 -26.71 13.30
C ALA C 57 -44.27 -27.83 14.29
N ASP C 58 -43.72 -29.00 14.01
CA ASP C 58 -44.01 -30.24 14.74
C ASP C 58 -42.97 -30.52 15.81
N PRO C 59 -43.37 -30.50 17.09
CA PRO C 59 -42.41 -30.73 18.18
C PRO C 59 -41.72 -32.12 18.15
N ALA C 60 -42.37 -33.09 17.52
CA ALA C 60 -41.80 -34.44 17.40
C ALA C 60 -40.69 -34.51 16.38
N GLN C 61 -40.63 -33.50 15.50
CA GLN C 61 -39.66 -33.43 14.42
C GLN C 61 -38.53 -32.37 14.66
N PHE C 62 -38.74 -31.13 14.22
CA PHE C 62 -37.72 -30.09 14.44
C PHE C 62 -38.20 -28.91 15.23
N GLY C 63 -39.39 -29.05 15.81
CA GLY C 63 -40.15 -27.95 16.38
C GLY C 63 -40.12 -27.95 17.89
N GLY C 64 -41.05 -27.20 18.48
CA GLY C 64 -41.07 -26.98 19.93
C GLY C 64 -40.95 -25.49 20.25
N GLY C 65 -40.60 -25.18 21.50
CA GLY C 65 -40.57 -23.81 21.99
C GLY C 65 -41.79 -23.02 21.55
N ASN C 66 -41.52 -21.82 21.04
CA ASN C 66 -42.54 -20.86 20.60
C ASN C 66 -42.72 -20.86 19.10
N ILE C 67 -42.19 -21.86 18.41
CA ILE C 67 -42.32 -21.94 16.98
C ILE C 67 -43.79 -21.85 16.61
N ALA C 68 -44.65 -22.60 17.31
CA ALA C 68 -46.07 -22.65 16.96
C ALA C 68 -46.71 -21.26 17.08
N ALA C 69 -46.39 -20.54 18.13
CA ALA C 69 -47.01 -19.26 18.42
C ALA C 69 -46.48 -18.23 17.42
N ALA C 70 -45.20 -18.34 17.08
CA ALA C 70 -44.61 -17.48 16.08
C ALA C 70 -45.28 -17.63 14.69
N ILE C 71 -45.58 -18.88 14.31
CA ILE C 71 -46.36 -19.14 13.11
C ILE C 71 -47.73 -18.45 13.15
N GLU C 72 -48.46 -18.59 14.25
CA GLU C 72 -49.79 -17.97 14.31
C GLU C 72 -49.75 -16.49 14.14
N THR C 73 -48.77 -15.86 14.79
CA THR C 73 -48.63 -14.40 14.79
C THR C 73 -48.25 -13.94 13.41
N THR C 74 -47.38 -14.70 12.76
CA THR C 74 -47.00 -14.40 11.41
C THR C 74 -48.23 -14.23 10.52
N ARG C 75 -49.32 -14.95 10.83
CA ARG C 75 -50.47 -14.87 9.95
C ARG C 75 -51.03 -13.44 9.86
N THR C 76 -51.00 -12.72 10.98
CA THR C 76 -51.47 -11.35 10.97
C THR C 76 -50.65 -10.49 9.99
N VAL C 77 -49.36 -10.76 9.98
CA VAL C 77 -48.36 -10.02 9.23
C VAL C 77 -48.45 -10.40 7.77
N LEU C 78 -48.57 -11.68 7.49
CA LEU C 78 -48.76 -12.14 6.11
C LEU C 78 -50.03 -11.51 5.53
N ALA C 79 -51.05 -11.31 6.37
CA ALA C 79 -52.31 -10.67 5.95
C ALA C 79 -52.14 -9.19 5.71
N ALA C 80 -51.34 -8.51 6.53
CA ALA C 80 -51.07 -7.09 6.34
C ALA C 80 -50.22 -6.83 5.10
N ALA C 81 -49.26 -7.69 4.83
CA ALA C 81 -48.35 -7.46 3.73
C ALA C 81 -49.11 -7.63 2.43
N ARG C 82 -50.08 -8.54 2.47
CA ARG C 82 -50.87 -8.85 1.29
C ARG C 82 -51.78 -7.68 0.97
N GLU C 83 -52.32 -7.08 2.02
CA GLU C 83 -53.21 -5.95 1.86
C GLU C 83 -52.41 -4.68 1.52
N ARG C 84 -51.19 -4.56 2.03
CA ARG C 84 -50.42 -3.37 1.75
C ARG C 84 -49.66 -3.44 0.42
N GLY C 85 -49.66 -4.59 -0.25
CA GLY C 85 -49.04 -4.75 -1.56
C GLY C 85 -47.57 -5.12 -1.49
N TRP C 86 -47.10 -5.50 -0.32
CA TRP C 86 -45.70 -5.86 -0.11
C TRP C 86 -45.28 -7.14 -0.83
N ALA C 87 -44.05 -7.13 -1.37
CA ALA C 87 -43.40 -8.34 -1.88
C ALA C 87 -43.29 -9.38 -0.76
N VAL C 88 -43.72 -10.62 -0.99
CA VAL C 88 -43.73 -11.69 0.07
C VAL C 88 -42.96 -12.88 -0.45
N ALA C 89 -42.01 -13.38 0.35
CA ALA C 89 -41.18 -14.53 -0.01
C ALA C 89 -41.21 -15.51 1.14
N HIS C 90 -41.31 -16.80 0.81
CA HIS C 90 -41.34 -17.91 1.73
C HIS C 90 -40.16 -18.84 1.41
N SER C 91 -39.40 -19.30 2.40
CA SER C 91 -38.32 -20.23 2.12
C SER C 91 -38.63 -21.62 2.68
N ARG C 92 -38.09 -22.65 2.03
CA ARG C 92 -38.19 -24.04 2.48
C ARG C 92 -36.86 -24.68 2.24
N ILE C 93 -36.52 -25.61 3.12
CA ILE C 93 -35.32 -26.44 3.04
C ILE C 93 -35.77 -27.67 2.24
N VAL C 94 -35.19 -27.87 1.08
CA VAL C 94 -35.47 -29.06 0.28
C VAL C 94 -34.18 -29.68 -0.16
N TYR C 95 -33.96 -30.91 0.21
CA TYR C 95 -32.89 -31.70 -0.44
C TYR C 95 -33.44 -32.62 -1.52
N ALA C 96 -32.61 -33.01 -2.45
CA ALA C 96 -32.96 -33.94 -3.51
C ALA C 96 -33.37 -35.30 -2.93
N ASP C 97 -34.47 -35.85 -3.46
CA ASP C 97 -35.01 -37.20 -3.14
C ASP C 97 -33.92 -38.26 -2.92
N ASP C 98 -32.92 -38.29 -3.79
CA ASP C 98 -31.86 -39.32 -3.76
C ASP C 98 -30.61 -38.94 -2.91
N ASP C 99 -30.70 -37.82 -2.20
CA ASP C 99 -29.60 -37.29 -1.35
C ASP C 99 -28.39 -36.78 -2.17
N ALA C 100 -28.60 -36.51 -3.45
CA ALA C 100 -27.54 -36.04 -4.35
C ALA C 100 -26.83 -34.79 -3.83
N ASP C 101 -27.57 -33.91 -3.15
CA ASP C 101 -27.02 -32.67 -2.59
C ASP C 101 -26.82 -32.73 -1.09
N GLY C 102 -26.68 -33.95 -0.56
CA GLY C 102 -26.36 -34.16 0.85
C GLY C 102 -25.16 -33.31 1.10
N ASN C 103 -25.22 -32.46 2.10
CA ASN C 103 -24.10 -31.56 2.35
C ASN C 103 -23.48 -31.65 3.74
N ILE C 104 -22.72 -30.63 4.10
CA ILE C 104 -22.14 -30.49 5.40
C ILE C 104 -23.25 -30.14 6.43
N PHE C 105 -24.21 -29.33 6.00
CA PHE C 105 -25.31 -28.96 6.88
C PHE C 105 -26.06 -30.24 7.30
N SER C 106 -26.27 -31.18 6.36
CA SER C 106 -26.93 -32.47 6.70
C SER C 106 -26.01 -33.55 7.31
N ILE C 107 -24.71 -33.29 7.45
CA ILE C 107 -23.88 -34.17 8.27
C ILE C 107 -24.03 -33.78 9.75
N LYS C 108 -24.05 -32.47 10.04
CA LYS C 108 -24.30 -31.95 11.40
C LYS C 108 -25.72 -32.19 11.92
N VAL C 109 -26.69 -31.90 11.06
CA VAL C 109 -28.09 -32.14 11.35
C VAL C 109 -28.71 -33.11 10.33
N PRO C 110 -28.42 -34.42 10.46
CA PRO C 110 -28.93 -35.47 9.55
C PRO C 110 -30.40 -35.41 9.17
N GLY C 111 -31.24 -35.01 10.12
CA GLY C 111 -32.69 -34.96 9.88
C GLY C 111 -33.13 -34.03 8.75
N MET C 112 -32.26 -33.09 8.35
CA MET C 112 -32.58 -32.13 7.34
C MET C 112 -32.67 -32.80 5.95
N LEU C 113 -31.99 -33.94 5.83
CA LEU C 113 -31.90 -34.67 4.57
C LEU C 113 -33.26 -35.30 4.30
N THR C 114 -34.00 -35.57 5.36
CA THR C 114 -35.35 -36.09 5.23
C THR C 114 -36.26 -35.05 4.57
N LEU C 115 -35.83 -33.80 4.52
CA LEU C 115 -36.71 -32.76 4.02
C LEU C 115 -36.67 -32.75 2.51
N LYS C 116 -37.43 -33.65 1.91
CA LYS C 116 -37.52 -33.80 0.43
C LYS C 116 -38.71 -33.05 -0.13
N GLU C 117 -38.67 -32.85 -1.43
CA GLU C 117 -39.59 -31.92 -2.12
C GLU C 117 -41.03 -32.21 -1.77
N HIS C 118 -41.37 -33.49 -1.80
CA HIS C 118 -42.75 -33.95 -1.66
C HIS C 118 -43.04 -34.58 -0.33
N ALA C 119 -42.05 -34.59 0.56
CA ALA C 119 -42.26 -35.00 1.97
C ALA C 119 -43.06 -33.94 2.77
N PRO C 120 -44.17 -34.35 3.42
CA PRO C 120 -44.97 -33.41 4.22
C PRO C 120 -44.19 -32.46 5.15
N ALA C 121 -43.10 -32.96 5.71
CA ALA C 121 -42.31 -32.22 6.66
C ALA C 121 -41.69 -30.97 6.01
N SER C 122 -41.55 -30.96 4.71
CA SER C 122 -40.88 -29.90 4.02
C SER C 122 -41.86 -28.83 3.45
N ALA C 123 -43.16 -29.15 3.43
CA ALA C 123 -44.18 -28.26 2.87
C ALA C 123 -44.55 -27.15 3.83
N ILE C 124 -44.81 -25.96 3.30
CA ILE C 124 -45.14 -24.78 4.12
C ILE C 124 -46.40 -25.13 4.91
N VAL C 125 -46.51 -24.66 6.14
CA VAL C 125 -47.70 -24.92 6.95
C VAL C 125 -48.95 -24.37 6.24
N PRO C 126 -50.08 -25.07 6.41
CA PRO C 126 -51.32 -24.64 5.75
C PRO C 126 -51.73 -23.19 6.07
N GLN C 127 -51.41 -22.74 7.28
CA GLN C 127 -51.82 -21.41 7.74
C GLN C 127 -51.02 -20.28 7.10
N LEU C 128 -49.94 -20.59 6.40
CA LEU C 128 -49.15 -19.53 5.76
C LEU C 128 -48.97 -19.88 4.32
N ALA C 129 -50.02 -20.46 3.72
CA ALA C 129 -49.99 -20.92 2.33
C ALA C 129 -49.67 -19.76 1.43
N PRO C 130 -48.67 -19.92 0.57
CA PRO C 130 -48.39 -18.86 -0.40
C PRO C 130 -49.55 -18.68 -1.36
N GLN C 131 -49.79 -17.44 -1.77
CA GLN C 131 -50.69 -17.12 -2.88
C GLN C 131 -49.89 -16.70 -4.08
N ALA C 132 -50.50 -16.83 -5.26
CA ALA C 132 -49.98 -16.28 -6.51
C ALA C 132 -49.20 -14.98 -6.33
N GLY C 133 -48.00 -14.89 -6.88
CA GLY C 133 -47.22 -13.68 -6.69
C GLY C 133 -46.11 -13.77 -5.64
N GLU C 134 -46.27 -14.65 -4.66
CA GLU C 134 -45.35 -14.78 -3.54
C GLU C 134 -44.36 -15.88 -3.86
N TYR C 135 -43.11 -15.67 -3.48
CA TYR C 135 -42.02 -16.47 -4.03
C TYR C 135 -41.61 -17.50 -3.01
N VAL C 136 -41.49 -18.75 -3.45
CA VAL C 136 -41.03 -19.85 -2.61
C VAL C 136 -39.59 -20.14 -2.98
N VAL C 137 -38.65 -19.82 -2.09
CA VAL C 137 -37.24 -20.15 -2.34
C VAL C 137 -36.94 -21.48 -1.67
N ARG C 138 -36.28 -22.38 -2.39
CA ARG C 138 -35.84 -23.67 -1.85
C ARG C 138 -34.34 -23.65 -1.56
N LYS C 139 -33.93 -24.10 -0.37
CA LYS C 139 -32.53 -24.10 -0.03
C LYS C 139 -32.13 -25.39 0.66
N SER C 140 -30.83 -25.53 0.84
CA SER C 140 -30.25 -26.65 1.53
C SER C 140 -29.12 -26.17 2.44
N THR C 141 -29.19 -24.89 2.79
CA THR C 141 -28.31 -24.27 3.78
C THR C 141 -29.22 -23.41 4.62
N PRO C 142 -28.71 -22.85 5.74
CA PRO C 142 -29.61 -22.16 6.66
C PRO C 142 -30.19 -20.85 6.20
N SER C 143 -29.46 -20.10 5.39
CA SER C 143 -29.88 -18.78 4.89
C SER C 143 -30.66 -18.91 3.64
N ALA C 144 -31.80 -18.22 3.61
CA ALA C 144 -32.66 -18.14 2.44
C ALA C 144 -32.01 -17.45 1.29
N PHE C 145 -30.95 -16.69 1.57
CA PHE C 145 -30.17 -16.00 0.50
C PHE C 145 -29.01 -16.83 -0.03
N TYR C 146 -28.56 -17.79 0.76
CA TYR C 146 -27.33 -18.46 0.37
C TYR C 146 -27.63 -19.41 -0.74
N GLY C 147 -27.00 -19.17 -1.89
CA GLY C 147 -27.20 -20.02 -3.05
C GLY C 147 -28.61 -20.05 -3.59
N THR C 148 -29.35 -18.95 -3.40
CA THR C 148 -30.67 -18.77 -4.01
C THR C 148 -30.77 -17.42 -4.75
N MET C 149 -31.92 -17.18 -5.36
CA MET C 149 -32.22 -15.93 -6.02
C MET C 149 -32.91 -14.89 -5.10
N LEU C 150 -32.98 -15.13 -3.80
CA LEU C 150 -33.70 -14.21 -2.93
C LEU C 150 -33.22 -12.77 -3.05
N ALA C 151 -31.90 -12.60 -3.16
CA ALA C 151 -31.27 -11.26 -3.30
C ALA C 151 -31.73 -10.54 -4.53
N ALA C 152 -31.86 -11.31 -5.60
CA ALA C 152 -32.10 -10.76 -6.91
C ALA C 152 -33.60 -10.54 -7.07
N TRP C 153 -34.39 -11.41 -6.46
CA TRP C 153 -35.85 -11.28 -6.46
C TRP C 153 -36.25 -9.96 -5.73
N LEU C 154 -35.65 -9.71 -4.59
CA LEU C 154 -35.88 -8.48 -3.87
C LEU C 154 -35.31 -7.27 -4.61
N ALA C 155 -34.10 -7.37 -5.15
CA ALA C 155 -33.48 -6.20 -5.85
C ALA C 155 -34.36 -5.72 -6.99
N GLN C 156 -34.84 -6.69 -7.77
CA GLN C 156 -35.68 -6.40 -8.89
C GLN C 156 -36.88 -5.63 -8.44
N ARG C 157 -37.36 -5.93 -7.23
CA ARG C 157 -38.53 -5.25 -6.73
C ARG C 157 -38.28 -3.97 -5.94
N GLY C 158 -37.02 -3.61 -5.75
CA GLY C 158 -36.63 -2.35 -5.11
C GLY C 158 -36.81 -2.35 -3.59
N VAL C 159 -36.90 -3.55 -3.00
CA VAL C 159 -37.24 -3.64 -1.57
C VAL C 159 -36.10 -3.07 -0.76
N GLN C 160 -36.46 -2.31 0.27
CA GLN C 160 -35.44 -1.61 1.12
C GLN C 160 -35.37 -2.21 2.52
N THR C 161 -36.52 -2.52 3.10
CA THR C 161 -36.58 -3.03 4.44
C THR C 161 -37.32 -4.35 4.40
N LEU C 162 -36.64 -5.39 4.87
CA LEU C 162 -37.17 -6.74 4.82
C LEU C 162 -37.58 -7.17 6.24
N LEU C 163 -38.89 -7.35 6.42
CA LEU C 163 -39.45 -7.99 7.59
C LEU C 163 -39.16 -9.46 7.50
N VAL C 164 -38.77 -10.05 8.63
CA VAL C 164 -38.38 -11.44 8.70
C VAL C 164 -39.11 -12.16 9.82
N ALA C 165 -39.87 -13.20 9.45
CA ALA C 165 -40.44 -14.20 10.40
C ALA C 165 -39.80 -15.53 10.09
N GLY C 166 -39.97 -16.49 10.99
CA GLY C 166 -39.55 -17.87 10.69
C GLY C 166 -38.99 -18.66 11.82
N ALA C 167 -38.49 -19.83 11.47
CA ALA C 167 -37.81 -20.72 12.39
C ALA C 167 -36.49 -21.11 11.72
N THR C 168 -35.42 -21.35 12.48
CA THR C 168 -35.37 -21.10 13.91
C THR C 168 -34.58 -19.86 14.17
N THR C 169 -34.88 -19.20 15.30
CA THR C 169 -34.30 -17.91 15.61
C THR C 169 -32.76 -18.00 15.60
N SER C 170 -32.24 -19.08 16.18
CA SER C 170 -30.81 -19.32 16.30
C SER C 170 -30.26 -20.01 15.07
N GLY C 171 -31.11 -20.40 14.14
CA GLY C 171 -30.65 -21.17 13.04
C GLY C 171 -30.82 -20.39 11.77
N VAL C 173 -33.11 -18.25 10.71
CA VAL C 173 -33.55 -16.87 10.77
C VAL C 173 -32.37 -15.95 10.90
N ARG C 174 -31.55 -16.20 11.91
CA ARG C 174 -30.36 -15.43 12.09
C ARG C 174 -29.50 -15.42 10.86
N ALA C 175 -29.36 -16.59 10.26
CA ALA C 175 -28.53 -16.74 9.09
C ALA C 175 -29.13 -15.95 7.95
N SER C 176 -30.45 -15.99 7.80
CA SER C 176 -31.12 -15.17 6.75
C SER C 176 -31.00 -13.66 6.99
N VAL C 177 -30.98 -13.25 8.26
CA VAL C 177 -30.94 -11.85 8.66
C VAL C 177 -29.55 -11.25 8.43
N VAL C 178 -28.53 -12.03 8.78
CA VAL C 178 -27.17 -11.60 8.48
C VAL C 178 -27.00 -11.40 6.98
N ASP C 179 -27.51 -12.33 6.16
CA ASP C 179 -27.37 -12.20 4.70
C ASP C 179 -28.19 -11.05 4.17
N ALA C 180 -29.36 -10.86 4.78
CA ALA C 180 -30.27 -9.86 4.27
C ALA C 180 -29.55 -8.54 4.42
N MET C 181 -29.00 -8.26 5.61
CA MET C 181 -28.23 -7.02 5.82
C MET C 181 -27.00 -6.92 4.93
N SER C 182 -26.32 -8.06 4.75
CA SER C 182 -25.08 -8.09 3.98
C SER C 182 -25.38 -7.68 2.52
N ALA C 183 -26.54 -8.11 2.05
CA ALA C 183 -26.98 -7.99 0.64
C ALA C 183 -27.58 -6.62 0.39
N GLY C 184 -27.65 -5.79 1.41
CA GLY C 184 -28.10 -4.42 1.23
C GLY C 184 -29.48 -4.03 1.69
N PHE C 185 -30.21 -4.93 2.34
CA PHE C 185 -31.58 -4.66 2.81
C PHE C 185 -31.57 -4.42 4.32
N ARG C 186 -32.49 -3.61 4.80
CA ARG C 186 -32.61 -3.33 6.23
C ARG C 186 -33.45 -4.42 6.89
N PRO C 187 -32.83 -5.35 7.60
CA PRO C 187 -33.71 -6.36 8.18
C PRO C 187 -34.54 -5.80 9.33
N LEU C 188 -35.79 -6.21 9.40
CA LEU C 188 -36.69 -5.91 10.51
C LEU C 188 -37.13 -7.24 11.07
N VAL C 189 -36.47 -7.67 12.14
CA VAL C 189 -36.80 -8.99 12.75
C VAL C 189 -38.03 -8.86 13.62
N LEU C 190 -39.06 -9.62 13.30
CA LEU C 190 -40.29 -9.66 14.12
C LEU C 190 -40.07 -10.56 15.31
N SER C 191 -39.84 -9.94 16.46
CA SER C 191 -39.33 -10.65 17.63
C SER C 191 -40.24 -11.78 18.10
N ASP C 192 -41.54 -11.63 17.84
CA ASP C 192 -42.56 -12.60 18.26
C ASP C 192 -43.12 -13.43 17.08
N CYS C 193 -42.47 -13.28 15.92
CA CYS C 193 -42.78 -14.09 14.76
C CYS C 193 -41.58 -14.97 14.34
N VAL C 194 -40.59 -15.02 15.22
CA VAL C 194 -39.45 -15.88 15.02
C VAL C 194 -39.45 -16.86 16.20
N GLY C 195 -39.33 -18.16 15.94
CA GLY C 195 -39.40 -19.12 17.02
C GLY C 195 -38.26 -20.12 17.02
N ASP C 196 -38.03 -20.70 18.21
CA ASP C 196 -36.95 -21.64 18.39
C ASP C 196 -37.40 -22.75 19.33
N ARG C 197 -36.64 -23.83 19.42
CA ARG C 197 -36.98 -24.97 20.25
C ARG C 197 -36.44 -24.76 21.65
N ALA C 198 -35.44 -23.88 21.75
CA ALA C 198 -34.93 -23.45 23.05
C ALA C 198 -34.92 -21.93 23.22
N LEU C 199 -35.40 -21.47 24.36
CA LEU C 199 -35.46 -20.03 24.69
C LEU C 199 -34.09 -19.33 24.78
N GLY C 200 -33.12 -19.99 25.41
CA GLY C 200 -31.76 -19.46 25.55
C GLY C 200 -31.16 -19.07 24.22
N PRO C 201 -31.11 -20.02 23.28
CA PRO C 201 -30.60 -19.63 21.96
C PRO C 201 -31.45 -18.53 21.32
N HIS C 202 -32.77 -18.67 21.46
CA HIS C 202 -33.70 -17.71 20.93
C HIS C 202 -33.28 -16.29 21.32
N GLU C 203 -33.20 -16.08 22.63
CA GLU C 203 -32.88 -14.77 23.19
C GLU C 203 -31.48 -14.40 22.88
N ALA C 204 -30.54 -15.30 23.10
CA ALA C 204 -29.11 -15.03 22.76
C ALA C 204 -29.00 -14.47 21.38
N ASN C 205 -29.75 -15.04 20.44
CA ASN C 205 -29.68 -14.65 19.03
C ASN C 205 -30.44 -13.40 18.65
N LEU C 206 -31.58 -13.18 19.32
CA LEU C 206 -32.27 -11.91 19.21
C LEU C 206 -31.36 -10.81 19.70
N PHE C 207 -30.57 -11.09 20.74
CA PHE C 207 -29.67 -10.09 21.28
C PHE C 207 -28.60 -9.70 20.27
N ASP C 208 -27.91 -10.72 19.79
CA ASP C 208 -26.95 -10.53 18.72
C ASP C 208 -27.49 -9.69 17.55
N MET C 209 -28.72 -9.96 17.17
CA MET C 209 -29.30 -9.29 15.99
C MET C 209 -29.66 -7.85 16.31
N ARG C 210 -30.22 -7.61 17.49
CA ARG C 210 -30.55 -6.26 17.91
C ARG C 210 -29.28 -5.38 17.92
N GLN C 211 -28.19 -5.98 18.31
CA GLN C 211 -26.95 -5.29 18.51
C GLN C 211 -26.16 -5.07 17.20
N LYS C 212 -26.25 -6.02 16.27
CA LYS C 212 -25.32 -6.04 15.16
C LYS C 212 -25.93 -5.88 13.78
N TYR C 213 -27.16 -6.35 13.58
CA TYR C 213 -27.66 -6.63 12.25
C TYR C 213 -29.03 -6.10 11.90
N ALA C 214 -29.85 -5.68 12.86
CA ALA C 214 -31.22 -5.36 12.48
C ALA C 214 -32.00 -4.50 13.45
N ALA C 215 -33.19 -4.11 12.98
CA ALA C 215 -34.22 -3.54 13.81
C ALA C 215 -34.99 -4.74 14.35
N VAL C 216 -35.19 -4.79 15.65
CA VAL C 216 -35.95 -5.89 16.26
C VAL C 216 -37.17 -5.28 16.98
N MET C 217 -38.35 -5.84 16.71
CA MET C 217 -39.59 -5.39 17.36
C MET C 217 -40.71 -6.42 17.25
N THR C 218 -41.72 -6.25 18.09
CA THR C 218 -42.89 -7.11 18.01
C THR C 218 -43.67 -6.84 16.71
N HIS C 219 -44.51 -7.78 16.27
CA HIS C 219 -45.23 -7.61 14.99
C HIS C 219 -46.14 -6.41 15.00
N ASP C 220 -46.67 -6.07 16.16
CA ASP C 220 -47.61 -4.96 16.24
C ASP C 220 -46.90 -3.64 16.09
N GLU C 221 -45.73 -3.53 16.73
CA GLU C 221 -44.87 -2.39 16.56
C GLU C 221 -44.52 -2.26 15.05
N ALA C 222 -44.02 -3.33 14.43
CA ALA C 222 -43.62 -3.31 13.03
C ALA C 222 -44.76 -2.88 12.09
N LEU C 223 -45.92 -3.49 12.26
CA LEU C 223 -47.03 -3.23 11.38
C LEU C 223 -47.47 -1.78 11.51
N ALA C 224 -47.36 -1.21 12.70
CA ALA C 224 -47.78 0.18 12.90
C ALA C 224 -46.74 1.19 12.39
N LYS C 225 -45.50 0.79 12.27
CA LYS C 225 -44.46 1.73 11.85
C LYS C 225 -44.17 1.66 10.38
N THR C 226 -44.83 0.74 9.68
CA THR C 226 -44.65 0.56 8.26
C THR C 226 -45.93 0.96 7.49
N LYS C 227 -46.62 2.02 7.96
CA LYS C 227 -47.94 2.52 7.46
C LYS C 227 -49.11 1.71 8.05
N GLY D 28 -31.83 -15.60 -36.87
CA GLY D 28 -32.97 -16.15 -37.68
C GLY D 28 -34.04 -16.84 -36.83
N SER D 29 -33.63 -17.88 -36.12
CA SER D 29 -34.43 -18.49 -35.05
C SER D 29 -34.85 -17.48 -33.95
N TYR D 30 -34.01 -16.47 -33.76
CA TYR D 30 -34.20 -15.45 -32.70
C TYR D 30 -35.59 -14.80 -32.75
N GLU D 31 -35.91 -14.15 -33.86
CA GLU D 31 -37.24 -13.54 -34.08
C GLU D 31 -38.41 -14.53 -33.86
N ARG D 32 -38.31 -15.72 -34.46
CA ARG D 32 -39.35 -16.78 -34.34
C ARG D 32 -39.64 -17.21 -32.90
N GLN D 33 -38.59 -17.27 -32.09
CA GLN D 33 -38.67 -17.77 -30.72
C GLN D 33 -38.80 -16.64 -29.70
N GLY D 34 -39.01 -15.41 -30.15
CA GLY D 34 -39.29 -14.28 -29.27
C GLY D 34 -38.09 -13.70 -28.54
N PHE D 35 -36.90 -13.94 -29.04
CA PHE D 35 -35.72 -13.28 -28.48
C PHE D 35 -35.69 -11.80 -28.85
N GLY D 36 -34.83 -11.05 -28.20
CA GLY D 36 -34.69 -9.64 -28.46
C GLY D 36 -35.88 -8.76 -28.11
N ALA D 37 -36.68 -9.15 -27.12
CA ALA D 37 -37.74 -8.25 -26.70
C ALA D 37 -37.13 -6.99 -26.07
N ALA D 38 -37.83 -5.88 -26.23
CA ALA D 38 -37.46 -4.62 -25.63
C ALA D 38 -37.31 -4.79 -24.13
N LEU D 39 -36.25 -4.22 -23.58
CA LEU D 39 -36.15 -4.04 -22.12
C LEU D 39 -36.52 -2.60 -21.76
N PRO D 40 -37.73 -2.38 -21.25
CA PRO D 40 -38.16 -1.01 -20.94
C PRO D 40 -37.30 -0.47 -19.82
N LEU D 41 -36.96 0.80 -19.91
CA LEU D 41 -36.05 1.42 -18.95
C LEU D 41 -36.82 1.79 -17.70
N LYS D 42 -36.13 1.84 -16.56
CA LYS D 42 -36.81 2.13 -15.31
C LYS D 42 -35.86 2.77 -14.31
N ALA D 43 -36.23 3.95 -13.81
CA ALA D 43 -35.49 4.64 -12.79
C ALA D 43 -35.75 3.89 -11.53
N PRO D 44 -34.85 3.99 -10.54
CA PRO D 44 -33.60 4.78 -10.61
C PRO D 44 -32.50 4.12 -11.44
N TYR D 45 -31.69 4.98 -12.05
CA TYR D 45 -30.62 4.61 -12.93
C TYR D 45 -29.35 4.53 -12.18
N GLY D 46 -28.47 3.66 -12.63
CA GLY D 46 -27.13 3.58 -12.07
C GLY D 46 -26.20 3.54 -13.25
N LEU D 47 -24.92 3.82 -13.02
CA LEU D 47 -23.93 3.64 -14.03
C LEU D 47 -22.80 2.76 -13.47
N LEU D 48 -22.42 1.75 -14.25
CA LEU D 48 -21.22 0.97 -14.00
C LEU D 48 -20.22 1.25 -15.09
N ILE D 49 -19.01 1.64 -14.73
CA ILE D 49 -17.92 1.66 -15.74
C ILE D 49 -17.00 0.48 -15.50
N VAL D 50 -17.00 -0.48 -16.43
CA VAL D 50 -16.17 -1.67 -16.27
C VAL D 50 -14.76 -1.50 -16.84
N ASP D 51 -13.78 -1.41 -15.93
CA ASP D 51 -12.38 -1.69 -16.24
C ASP D 51 -11.68 -0.78 -17.23
N PHE D 52 -12.07 0.48 -17.28
CA PHE D 52 -11.40 1.42 -18.17
C PHE D 52 -10.13 1.89 -17.45
N VAL D 53 -9.09 1.08 -17.58
CA VAL D 53 -7.90 1.28 -16.78
C VAL D 53 -6.73 1.45 -17.72
N ASN D 54 -5.65 2.01 -17.22
CA ASN D 54 -4.58 2.42 -18.12
C ASN D 54 -4.09 1.28 -18.99
N GLY D 55 -4.00 0.09 -18.41
CA GLY D 55 -3.54 -1.10 -19.11
C GLY D 55 -4.47 -1.53 -20.24
N PHE D 56 -5.75 -1.19 -20.13
CA PHE D 56 -6.71 -1.53 -21.17
C PHE D 56 -6.88 -0.44 -22.21
N ALA D 57 -6.50 0.78 -21.88
CA ALA D 57 -6.56 1.89 -22.81
C ALA D 57 -5.33 1.90 -23.70
N ASP D 58 -4.29 1.21 -23.26
CA ASP D 58 -3.02 1.19 -23.95
C ASP D 58 -2.88 -0.01 -24.90
N PRO D 59 -2.79 0.22 -26.21
CA PRO D 59 -2.77 -0.93 -27.14
C PRO D 59 -1.48 -1.76 -27.08
N ALA D 60 -0.46 -1.16 -26.48
CA ALA D 60 0.77 -1.83 -26.14
C ALA D 60 0.59 -2.85 -25.01
N GLN D 61 -0.36 -2.66 -24.09
CA GLN D 61 -0.58 -3.70 -23.05
C GLN D 61 -1.83 -4.59 -23.25
N PHE D 62 -3.01 -4.10 -22.92
CA PHE D 62 -4.24 -4.89 -23.09
C PHE D 62 -5.31 -4.27 -23.99
N GLY D 63 -5.01 -3.09 -24.55
CA GLY D 63 -6.00 -2.33 -25.26
C GLY D 63 -5.91 -2.57 -26.75
N GLY D 64 -6.39 -1.59 -27.53
CA GLY D 64 -6.48 -1.66 -28.98
C GLY D 64 -7.90 -1.42 -29.44
N GLY D 65 -8.22 -1.91 -30.64
CA GLY D 65 -9.53 -1.70 -31.26
C GLY D 65 -10.21 -0.36 -31.02
N ASN D 66 -11.38 -0.41 -30.42
CA ASN D 66 -12.23 0.74 -30.25
C ASN D 66 -12.42 1.12 -28.76
N ILE D 67 -11.52 0.63 -27.90
CA ILE D 67 -11.49 0.95 -26.48
C ILE D 67 -11.32 2.44 -26.29
N ALA D 68 -10.28 3.01 -26.87
CA ALA D 68 -10.00 4.46 -26.74
C ALA D 68 -11.22 5.33 -27.05
N ALA D 69 -11.83 5.00 -28.18
CA ALA D 69 -13.08 5.61 -28.56
C ALA D 69 -14.08 5.52 -27.42
N ALA D 70 -14.30 4.29 -26.95
CA ALA D 70 -15.31 4.03 -25.94
C ALA D 70 -15.04 4.82 -24.64
N ILE D 71 -13.76 4.99 -24.32
CA ILE D 71 -13.40 5.72 -23.10
C ILE D 71 -13.84 7.19 -23.17
N GLU D 72 -13.69 7.80 -24.34
CA GLU D 72 -13.99 9.22 -24.47
C GLU D 72 -15.47 9.45 -24.50
N THR D 73 -16.19 8.62 -25.24
CA THR D 73 -17.64 8.67 -25.24
C THR D 73 -18.25 8.51 -23.82
N THR D 74 -17.67 7.61 -23.02
CA THR D 74 -18.11 7.42 -21.66
C THR D 74 -18.01 8.68 -20.82
N ARG D 75 -17.08 9.56 -21.13
CA ARG D 75 -16.94 10.79 -20.31
C ARG D 75 -18.25 11.57 -20.27
N THR D 76 -18.95 11.54 -21.42
CA THR D 76 -20.24 12.21 -21.60
C THR D 76 -21.33 11.58 -20.76
N VAL D 77 -21.30 10.26 -20.63
CA VAL D 77 -22.28 9.53 -19.81
C VAL D 77 -22.02 9.75 -18.33
N LEU D 78 -20.73 9.79 -17.99
CA LEU D 78 -20.30 9.99 -16.62
C LEU D 78 -20.61 11.40 -16.15
N ALA D 79 -20.42 12.39 -17.00
CA ALA D 79 -20.78 13.74 -16.61
C ALA D 79 -22.30 13.85 -16.39
N ALA D 80 -23.10 13.17 -17.24
CA ALA D 80 -24.59 13.16 -17.09
C ALA D 80 -25.07 12.49 -15.81
N ALA D 81 -24.56 11.29 -15.55
CA ALA D 81 -24.78 10.60 -14.28
C ALA D 81 -24.59 11.53 -13.10
N ARG D 82 -23.53 12.29 -13.15
CA ARG D 82 -23.17 13.19 -12.06
C ARG D 82 -24.11 14.37 -11.97
N GLU D 83 -24.56 14.84 -13.14
CA GLU D 83 -25.53 15.95 -13.26
C GLU D 83 -26.91 15.56 -12.72
N ARG D 84 -27.23 14.27 -12.83
CA ARG D 84 -28.55 13.75 -12.49
C ARG D 84 -28.54 13.00 -11.20
N GLY D 85 -27.41 12.95 -10.51
CA GLY D 85 -27.35 12.35 -9.17
C GLY D 85 -27.47 10.83 -9.13
N TRP D 86 -27.26 10.17 -10.26
CA TRP D 86 -27.29 8.71 -10.35
C TRP D 86 -26.18 8.08 -9.51
N ALA D 87 -26.39 6.84 -9.06
CA ALA D 87 -25.35 6.09 -8.41
C ALA D 87 -24.30 5.67 -9.44
N VAL D 88 -23.02 5.83 -9.09
CA VAL D 88 -21.91 5.51 -10.00
C VAL D 88 -20.93 4.50 -9.35
N ALA D 89 -20.71 3.39 -10.03
CA ALA D 89 -19.67 2.42 -9.67
C ALA D 89 -18.71 2.21 -10.81
N HIS D 90 -17.47 1.86 -10.43
CA HIS D 90 -16.35 1.63 -11.35
C HIS D 90 -15.74 0.34 -10.94
N SER D 91 -15.28 -0.46 -11.90
CA SER D 91 -14.53 -1.65 -11.54
C SER D 91 -13.12 -1.56 -12.04
N ARG D 92 -12.23 -2.24 -11.31
CA ARG D 92 -10.83 -2.38 -11.69
C ARG D 92 -10.49 -3.80 -11.34
N ILE D 93 -9.63 -4.44 -12.13
CA ILE D 93 -9.11 -5.78 -11.83
C ILE D 93 -7.92 -5.59 -10.95
N VAL D 94 -7.83 -6.36 -9.87
CA VAL D 94 -6.70 -6.22 -8.95
C VAL D 94 -6.42 -7.56 -8.34
N TYR D 95 -5.20 -8.07 -8.57
CA TYR D 95 -4.65 -9.26 -7.89
C TYR D 95 -3.67 -8.81 -6.80
N ALA D 96 -3.50 -9.65 -5.79
CA ALA D 96 -2.58 -9.35 -4.71
C ALA D 96 -1.12 -9.27 -5.24
N ASP D 97 -0.33 -8.44 -4.53
CA ASP D 97 1.05 -8.13 -4.89
C ASP D 97 1.93 -9.39 -4.95
N ASP D 98 1.68 -10.37 -4.06
CA ASP D 98 2.39 -11.66 -4.03
C ASP D 98 1.72 -12.80 -4.82
N ASP D 99 0.77 -12.45 -5.67
CA ASP D 99 0.03 -13.41 -6.48
C ASP D 99 -0.82 -14.39 -5.67
N ALA D 100 -1.08 -14.10 -4.40
CA ALA D 100 -1.80 -15.01 -3.52
C ALA D 100 -3.13 -15.46 -4.10
N ASP D 101 -3.84 -14.55 -4.75
CA ASP D 101 -5.13 -14.85 -5.40
C ASP D 101 -5.07 -15.12 -6.93
N GLY D 102 -3.87 -15.35 -7.45
CA GLY D 102 -3.73 -15.89 -8.80
C GLY D 102 -4.71 -17.03 -8.96
N ASN D 103 -5.48 -17.01 -10.03
CA ASN D 103 -6.65 -17.87 -10.16
C ASN D 103 -6.70 -18.50 -11.57
N ILE D 104 -7.84 -19.09 -11.95
CA ILE D 104 -7.98 -19.79 -13.23
C ILE D 104 -7.95 -18.79 -14.41
N PHE D 105 -8.63 -17.65 -14.24
CA PHE D 105 -8.54 -16.51 -15.14
C PHE D 105 -7.09 -16.10 -15.41
N SER D 106 -6.25 -16.05 -14.37
CA SER D 106 -4.86 -15.62 -14.56
C SER D 106 -3.94 -16.70 -15.16
N ILE D 107 -4.47 -17.91 -15.31
CA ILE D 107 -3.78 -18.94 -16.11
C ILE D 107 -4.04 -18.71 -17.57
N LYS D 108 -5.30 -18.50 -17.94
CA LYS D 108 -5.68 -18.28 -19.34
C LYS D 108 -5.10 -16.97 -19.90
N VAL D 109 -5.04 -15.97 -19.04
CA VAL D 109 -4.52 -14.63 -19.38
C VAL D 109 -3.50 -14.22 -18.30
N PRO D 110 -2.27 -14.70 -18.44
CA PRO D 110 -1.31 -14.42 -17.35
C PRO D 110 -1.10 -12.95 -17.09
N GLY D 111 -1.27 -12.14 -18.12
CA GLY D 111 -1.12 -10.69 -17.99
C GLY D 111 -2.02 -10.09 -16.92
N MET D 112 -3.18 -10.64 -16.74
CA MET D 112 -4.12 -10.14 -15.76
C MET D 112 -3.44 -10.06 -14.41
N LEU D 113 -2.66 -11.08 -14.09
CA LEU D 113 -1.94 -11.13 -12.81
C LEU D 113 -1.01 -9.93 -12.53
N THR D 114 -0.55 -9.23 -13.56
CA THR D 114 0.30 -8.02 -13.39
C THR D 114 -0.48 -6.77 -12.96
N LEU D 115 -1.81 -6.92 -12.87
CA LEU D 115 -2.65 -5.80 -12.50
C LEU D 115 -2.77 -5.80 -10.98
N LYS D 116 -1.82 -5.14 -10.36
CA LYS D 116 -1.77 -5.03 -8.89
C LYS D 116 -2.33 -3.68 -8.47
N GLU D 117 -2.58 -3.53 -7.19
CA GLU D 117 -3.30 -2.36 -6.62
C GLU D 117 -2.70 -1.07 -7.04
N HIS D 118 -1.38 -0.97 -6.91
CA HIS D 118 -0.65 0.27 -7.11
C HIS D 118 0.07 0.37 -8.46
N ALA D 119 -0.13 -0.60 -9.35
CA ALA D 119 0.55 -0.57 -10.63
C ALA D 119 -0.20 0.40 -11.54
N PRO D 120 0.53 1.23 -12.29
CA PRO D 120 -0.24 2.19 -13.10
C PRO D 120 -1.24 1.52 -14.06
N ALA D 121 -0.91 0.32 -14.56
CA ALA D 121 -1.80 -0.37 -15.50
C ALA D 121 -3.22 -0.65 -14.95
N SER D 122 -3.34 -0.82 -13.64
CA SER D 122 -4.62 -1.16 -13.00
C SER D 122 -5.49 0.01 -12.53
N ALA D 123 -5.00 1.22 -12.66
CA ALA D 123 -5.68 2.41 -12.22
C ALA D 123 -6.60 2.86 -13.31
N ILE D 124 -7.74 3.41 -12.91
CA ILE D 124 -8.70 4.01 -13.82
C ILE D 124 -8.06 5.20 -14.55
N VAL D 125 -8.45 5.35 -15.81
CA VAL D 125 -7.87 6.37 -16.66
C VAL D 125 -8.34 7.75 -16.17
N PRO D 126 -7.43 8.74 -16.22
CA PRO D 126 -7.68 10.08 -15.64
C PRO D 126 -9.00 10.73 -16.09
N GLN D 127 -9.35 10.57 -17.37
CA GLN D 127 -10.57 11.10 -17.97
C GLN D 127 -11.84 10.63 -17.25
N LEU D 128 -11.74 9.53 -16.48
CA LEU D 128 -12.89 8.96 -15.80
C LEU D 128 -12.56 8.68 -14.35
N ALA D 129 -11.65 9.46 -13.78
CA ALA D 129 -11.31 9.32 -12.35
C ALA D 129 -12.57 9.37 -11.48
N PRO D 130 -12.68 8.51 -10.48
CA PRO D 130 -13.82 8.53 -9.59
C PRO D 130 -13.94 9.76 -8.75
N GLN D 131 -15.16 10.19 -8.46
CA GLN D 131 -15.37 11.27 -7.48
C GLN D 131 -15.87 10.69 -6.18
N ALA D 132 -15.83 11.48 -5.12
CA ALA D 132 -16.39 11.10 -3.83
C ALA D 132 -17.82 10.59 -3.99
N GLY D 133 -18.10 9.44 -3.38
CA GLY D 133 -19.43 8.80 -3.42
C GLY D 133 -19.52 7.71 -4.43
N GLU D 134 -18.63 7.74 -5.41
CA GLU D 134 -18.62 6.69 -6.41
C GLU D 134 -17.82 5.46 -5.96
N TYR D 135 -18.39 4.27 -6.13
CA TYR D 135 -17.81 3.02 -5.63
C TYR D 135 -16.77 2.41 -6.57
N VAL D 136 -15.57 2.15 -6.07
CA VAL D 136 -14.59 1.44 -6.86
C VAL D 136 -14.55 -0.01 -6.43
N VAL D 137 -14.98 -0.89 -7.34
CA VAL D 137 -15.07 -2.30 -7.11
C VAL D 137 -13.83 -2.99 -7.71
N ARG D 138 -13.12 -3.74 -6.86
CA ARG D 138 -11.97 -4.47 -7.30
C ARG D 138 -12.34 -5.94 -7.45
N LYS D 139 -11.86 -6.57 -8.52
CA LYS D 139 -12.26 -7.93 -8.85
C LYS D 139 -11.06 -8.64 -9.46
N SER D 140 -11.06 -9.96 -9.36
CA SER D 140 -10.03 -10.78 -9.97
C SER D 140 -10.67 -11.71 -11.03
N THR D 141 -11.89 -11.35 -11.47
CA THR D 141 -12.68 -12.15 -12.40
C THR D 141 -13.29 -11.17 -13.38
N PRO D 142 -13.86 -11.69 -14.47
CA PRO D 142 -14.42 -10.84 -15.47
C PRO D 142 -15.57 -9.96 -14.97
N SER D 143 -16.59 -10.53 -14.37
CA SER D 143 -17.75 -9.77 -13.96
C SER D 143 -17.45 -8.87 -12.77
N ALA D 144 -17.87 -7.60 -12.84
CA ALA D 144 -17.84 -6.71 -11.66
C ALA D 144 -18.68 -7.22 -10.49
N PHE D 145 -19.49 -8.24 -10.76
CA PHE D 145 -20.44 -8.72 -9.74
C PHE D 145 -19.88 -9.90 -9.03
N TYR D 146 -18.92 -10.59 -9.68
CA TYR D 146 -18.51 -11.87 -9.13
C TYR D 146 -17.52 -11.65 -8.00
N GLY D 147 -17.86 -12.19 -6.84
CA GLY D 147 -17.02 -12.05 -5.65
C GLY D 147 -16.81 -10.60 -5.16
N THR D 148 -17.80 -9.76 -5.39
CA THR D 148 -17.77 -8.37 -4.98
C THR D 148 -19.15 -8.00 -4.42
N MET D 149 -19.25 -6.78 -3.89
CA MET D 149 -20.40 -6.26 -3.21
C MET D 149 -21.30 -5.42 -4.11
N LEU D 150 -21.09 -5.51 -5.42
CA LEU D 150 -21.81 -4.65 -6.38
C LEU D 150 -23.30 -4.84 -6.30
N ALA D 151 -23.75 -6.08 -6.30
CA ALA D 151 -25.17 -6.33 -6.19
C ALA D 151 -25.73 -5.63 -4.95
N ALA D 152 -25.03 -5.77 -3.84
CA ALA D 152 -25.55 -5.32 -2.52
C ALA D 152 -25.59 -3.81 -2.51
N TRP D 153 -24.55 -3.22 -3.08
CA TRP D 153 -24.38 -1.78 -3.09
C TRP D 153 -25.48 -1.20 -3.97
N LEU D 154 -25.77 -1.86 -5.07
CA LEU D 154 -26.86 -1.40 -5.96
C LEU D 154 -28.24 -1.57 -5.32
N ALA D 155 -28.45 -2.71 -4.64
CA ALA D 155 -29.72 -3.01 -3.98
C ALA D 155 -30.05 -1.98 -2.91
N GLN D 156 -29.03 -1.63 -2.14
CA GLN D 156 -29.21 -0.65 -1.09
C GLN D 156 -29.77 0.63 -1.67
N ARG D 157 -29.24 1.02 -2.83
CA ARG D 157 -29.62 2.24 -3.52
C ARG D 157 -30.85 2.11 -4.39
N GLY D 158 -31.51 0.96 -4.31
CA GLY D 158 -32.76 0.70 -5.04
C GLY D 158 -32.61 0.94 -6.53
N VAL D 159 -31.40 0.76 -7.07
CA VAL D 159 -31.17 0.91 -8.50
C VAL D 159 -31.97 -0.08 -9.30
N GLN D 160 -32.64 0.41 -10.35
CA GLN D 160 -33.53 -0.45 -11.14
C GLN D 160 -32.98 -0.79 -12.52
N THR D 161 -32.30 0.19 -13.14
CA THR D 161 -31.67 0.04 -14.45
C THR D 161 -30.24 0.48 -14.33
N LEU D 162 -29.33 -0.32 -14.86
CA LEU D 162 -27.90 -0.05 -14.73
C LEU D 162 -27.31 0.17 -16.08
N LEU D 163 -26.91 1.39 -16.39
CA LEU D 163 -26.16 1.63 -17.63
C LEU D 163 -24.75 1.06 -17.47
N VAL D 164 -24.23 0.41 -18.55
CA VAL D 164 -22.90 -0.22 -18.56
C VAL D 164 -22.00 0.35 -19.67
N ALA D 165 -20.87 0.93 -19.28
CA ALA D 165 -19.75 1.25 -20.17
C ALA D 165 -18.55 0.42 -19.75
N GLY D 166 -17.50 0.35 -20.55
CA GLY D 166 -16.23 -0.23 -20.10
C GLY D 166 -15.57 -1.09 -21.16
N ALA D 167 -14.60 -1.91 -20.76
CA ALA D 167 -13.95 -2.87 -21.65
C ALA D 167 -13.72 -4.21 -20.95
N THR D 168 -13.49 -5.30 -21.66
CA THR D 168 -13.69 -5.43 -23.08
C THR D 168 -15.11 -5.94 -23.27
N THR D 169 -15.75 -5.46 -24.32
CA THR D 169 -17.07 -5.90 -24.74
C THR D 169 -17.27 -7.40 -24.60
N SER D 170 -16.43 -8.17 -25.25
CA SER D 170 -16.53 -9.63 -25.27
C SER D 170 -15.91 -10.29 -24.07
N GLY D 171 -15.61 -9.51 -23.03
CA GLY D 171 -14.98 -10.04 -21.83
C GLY D 171 -15.68 -9.56 -20.58
N VAL D 173 -17.17 -6.78 -19.76
CA VAL D 173 -18.43 -6.08 -19.95
C VAL D 173 -19.60 -7.09 -20.08
N ARG D 174 -19.49 -8.04 -20.99
CA ARG D 174 -20.54 -9.03 -21.22
C ARG D 174 -20.75 -9.87 -19.96
N ALA D 175 -19.65 -10.22 -19.29
CA ALA D 175 -19.74 -10.89 -17.99
C ALA D 175 -20.45 -10.05 -16.90
N SER D 176 -20.17 -8.75 -16.84
CA SER D 176 -20.88 -7.92 -15.87
C SER D 176 -22.36 -7.67 -16.25
N VAL D 177 -22.65 -7.58 -17.55
CA VAL D 177 -24.03 -7.35 -17.99
C VAL D 177 -24.91 -8.53 -17.68
N VAL D 178 -24.48 -9.72 -18.06
CA VAL D 178 -25.24 -10.93 -17.75
C VAL D 178 -25.49 -11.07 -16.24
N ASP D 179 -24.51 -10.72 -15.42
CA ASP D 179 -24.67 -10.76 -13.95
C ASP D 179 -25.59 -9.65 -13.43
N ALA D 180 -25.52 -8.47 -14.04
CA ALA D 180 -26.44 -7.39 -13.65
C ALA D 180 -27.87 -7.88 -13.87
N MET D 181 -28.07 -8.50 -15.01
CA MET D 181 -29.36 -8.98 -15.39
C MET D 181 -29.75 -10.06 -14.40
N SER D 182 -28.85 -10.99 -14.16
CA SER D 182 -29.18 -12.14 -13.32
C SER D 182 -29.45 -11.63 -11.92
N ALA D 183 -28.76 -10.57 -11.54
CA ALA D 183 -28.95 -9.92 -10.23
C ALA D 183 -30.23 -9.13 -10.06
N GLY D 184 -31.04 -9.00 -11.12
CA GLY D 184 -32.33 -8.25 -11.08
C GLY D 184 -32.31 -6.80 -11.60
N PHE D 185 -31.20 -6.36 -12.18
CA PHE D 185 -31.09 -5.02 -12.71
C PHE D 185 -31.26 -5.13 -14.19
N ARG D 186 -31.79 -4.06 -14.77
CA ARG D 186 -32.04 -4.05 -16.19
C ARG D 186 -30.82 -3.41 -16.82
N PRO D 187 -29.97 -4.22 -17.47
CA PRO D 187 -28.82 -3.62 -18.12
C PRO D 187 -29.17 -2.71 -19.34
N LEU D 188 -28.54 -1.56 -19.43
CA LEU D 188 -28.62 -0.73 -20.65
C LEU D 188 -27.18 -0.62 -21.10
N VAL D 189 -26.81 -1.47 -22.06
CA VAL D 189 -25.45 -1.54 -22.53
C VAL D 189 -25.32 -0.39 -23.48
N LEU D 190 -24.38 0.52 -23.18
CA LEU D 190 -24.13 1.69 -24.06
C LEU D 190 -23.16 1.30 -25.16
N SER D 191 -23.67 1.02 -26.35
CA SER D 191 -22.90 0.36 -27.37
C SER D 191 -21.71 1.15 -27.93
N ASP D 192 -21.74 2.49 -27.79
CA ASP D 192 -20.58 3.31 -28.17
C ASP D 192 -19.69 3.72 -26.99
N CYS D 193 -19.88 3.04 -25.86
CA CYS D 193 -19.11 3.25 -24.62
C CYS D 193 -18.49 1.93 -24.09
N VAL D 194 -18.65 0.87 -24.87
CA VAL D 194 -18.01 -0.39 -24.60
C VAL D 194 -17.07 -0.66 -25.75
N GLY D 195 -15.88 -1.18 -25.38
CA GLY D 195 -14.77 -1.34 -26.33
C GLY D 195 -14.16 -2.72 -26.29
N ASP D 196 -13.52 -3.12 -27.38
CA ASP D 196 -12.82 -4.38 -27.38
C ASP D 196 -11.54 -4.24 -28.23
N ARG D 197 -10.52 -5.04 -27.92
CA ARG D 197 -9.30 -5.09 -28.72
C ARG D 197 -9.52 -5.63 -30.10
N ALA D 198 -10.68 -6.28 -30.33
CA ALA D 198 -11.07 -6.70 -31.68
C ALA D 198 -12.57 -6.57 -31.92
N LEU D 199 -12.90 -6.12 -33.14
CA LEU D 199 -14.23 -5.68 -33.48
C LEU D 199 -15.16 -6.83 -33.73
N GLY D 200 -14.70 -7.94 -34.31
CA GLY D 200 -15.53 -9.12 -34.52
C GLY D 200 -16.17 -9.54 -33.20
N PRO D 201 -15.33 -9.87 -32.20
CA PRO D 201 -15.83 -10.11 -30.85
C PRO D 201 -16.74 -9.03 -30.28
N HIS D 202 -16.41 -7.75 -30.50
CA HIS D 202 -17.28 -6.64 -30.10
C HIS D 202 -18.69 -6.84 -30.61
N GLU D 203 -18.83 -7.07 -31.90
CA GLU D 203 -20.13 -7.08 -32.54
C GLU D 203 -20.90 -8.33 -32.13
N ALA D 204 -20.21 -9.45 -32.06
CA ALA D 204 -20.85 -10.73 -31.76
C ALA D 204 -21.45 -10.72 -30.33
N ASN D 205 -20.76 -10.03 -29.44
CA ASN D 205 -21.14 -9.97 -28.05
C ASN D 205 -22.24 -8.92 -27.82
N LEU D 206 -22.11 -7.77 -28.47
CA LEU D 206 -23.20 -6.82 -28.50
C LEU D 206 -24.46 -7.55 -28.98
N PHE D 207 -24.30 -8.32 -30.07
CA PHE D 207 -25.41 -9.07 -30.61
C PHE D 207 -26.05 -9.95 -29.57
N ASP D 208 -25.26 -10.82 -28.94
CA ASP D 208 -25.77 -11.67 -27.87
C ASP D 208 -26.58 -10.87 -26.83
N MET D 209 -26.03 -9.74 -26.40
CA MET D 209 -26.63 -8.98 -25.31
C MET D 209 -27.97 -8.39 -25.75
N ARG D 210 -28.04 -7.88 -26.96
CA ARG D 210 -29.27 -7.33 -27.49
C ARG D 210 -30.35 -8.41 -27.59
N GLN D 211 -29.93 -9.64 -27.89
CA GLN D 211 -30.85 -10.76 -27.98
C GLN D 211 -31.32 -11.31 -26.64
N LYS D 212 -30.46 -11.32 -25.64
CA LYS D 212 -30.73 -12.10 -24.44
C LYS D 212 -30.78 -11.30 -23.13
N TYR D 213 -30.05 -10.19 -23.03
CA TYR D 213 -29.61 -9.71 -21.73
C TYR D 213 -29.83 -8.25 -21.43
N ALA D 214 -30.02 -7.39 -22.44
CA ALA D 214 -29.92 -5.95 -22.21
C ALA D 214 -30.73 -5.11 -23.18
N ALA D 215 -31.03 -3.87 -22.77
CA ALA D 215 -31.38 -2.81 -23.70
C ALA D 215 -30.03 -2.37 -24.27
N VAL D 216 -29.90 -2.24 -25.58
CA VAL D 216 -28.61 -1.85 -26.12
C VAL D 216 -28.82 -0.65 -27.00
N MET D 217 -28.16 0.44 -26.65
CA MET D 217 -28.28 1.67 -27.44
C MET D 217 -27.07 2.62 -27.31
N THR D 218 -27.01 3.60 -28.22
CA THR D 218 -25.94 4.57 -28.25
C THR D 218 -26.10 5.53 -27.06
N HIS D 219 -24.99 6.14 -26.63
CA HIS D 219 -25.05 6.93 -25.45
C HIS D 219 -26.13 7.97 -25.57
N ASP D 220 -26.32 8.53 -26.77
CA ASP D 220 -27.24 9.65 -26.92
C ASP D 220 -28.72 9.33 -26.72
N GLU D 221 -29.16 8.13 -27.08
CA GLU D 221 -30.53 7.74 -26.87
C GLU D 221 -30.69 7.37 -25.39
N ALA D 222 -29.70 6.68 -24.83
CA ALA D 222 -29.75 6.29 -23.42
C ALA D 222 -29.97 7.55 -22.60
N LEU D 223 -29.23 8.61 -22.93
CA LEU D 223 -29.35 9.84 -22.16
C LEU D 223 -30.66 10.58 -22.39
N ALA D 224 -31.18 10.56 -23.62
CA ALA D 224 -32.47 11.21 -23.88
C ALA D 224 -33.61 10.40 -23.26
N LYS D 225 -33.52 9.08 -23.32
CA LYS D 225 -34.58 8.23 -22.83
C LYS D 225 -34.56 8.09 -21.32
N THR D 226 -33.53 8.60 -20.63
CA THR D 226 -33.45 8.56 -19.13
C THR D 226 -33.62 9.93 -18.41
N LYS D 227 -34.16 10.93 -19.14
CA LYS D 227 -34.61 12.29 -18.69
C LYS D 227 -33.70 13.46 -19.12
N LEU E 27 -30.82 -26.88 25.93
CA LEU E 27 -32.03 -27.73 26.24
C LEU E 27 -31.95 -29.10 25.54
N GLY E 28 -32.60 -30.11 26.14
CA GLY E 28 -32.57 -31.51 25.67
C GLY E 28 -33.32 -31.81 24.36
N SER E 29 -33.78 -30.75 23.70
CA SER E 29 -34.44 -30.84 22.40
C SER E 29 -33.44 -31.18 21.29
N TYR E 30 -32.23 -30.65 21.42
CA TYR E 30 -31.17 -30.85 20.42
C TYR E 30 -30.70 -32.30 20.30
N GLU E 31 -30.60 -33.03 21.40
CA GLU E 31 -30.18 -34.44 21.31
C GLU E 31 -31.35 -35.25 20.75
N ARG E 32 -32.57 -34.91 21.15
CA ARG E 32 -33.78 -35.66 20.73
C ARG E 32 -34.05 -35.50 19.21
N GLN E 33 -33.54 -34.43 18.61
CA GLN E 33 -33.78 -34.15 17.20
C GLN E 33 -32.57 -34.46 16.31
N GLY E 34 -31.50 -34.97 16.89
CA GLY E 34 -30.29 -35.34 16.15
C GLY E 34 -29.37 -34.19 15.77
N PHE E 35 -29.52 -33.04 16.45
CA PHE E 35 -28.57 -31.94 16.25
C PHE E 35 -27.23 -32.35 16.85
N GLY E 36 -26.17 -31.62 16.53
CA GLY E 36 -24.88 -31.81 17.17
C GLY E 36 -24.09 -33.05 16.79
N ALA E 37 -24.46 -33.70 15.68
CA ALA E 37 -23.67 -34.80 15.10
C ALA E 37 -22.25 -34.37 14.85
N ALA E 38 -21.34 -35.32 15.02
CA ALA E 38 -19.93 -35.07 14.82
C ALA E 38 -19.63 -34.87 13.33
N LEU E 39 -18.80 -33.89 13.00
CA LEU E 39 -18.41 -33.66 11.62
C LEU E 39 -16.96 -34.13 11.40
N PRO E 40 -16.77 -35.34 10.82
CA PRO E 40 -15.40 -35.85 10.57
C PRO E 40 -14.50 -34.85 9.81
N LEU E 41 -13.22 -34.82 10.15
CA LEU E 41 -12.29 -33.88 9.52
C LEU E 41 -11.74 -34.58 8.30
N LYS E 42 -11.49 -33.79 7.25
CA LYS E 42 -10.99 -34.34 6.01
C LYS E 42 -9.99 -33.41 5.31
N ALA E 43 -8.75 -33.88 5.19
CA ALA E 43 -7.73 -33.24 4.35
C ALA E 43 -8.29 -32.96 2.98
N PRO E 44 -7.82 -31.90 2.30
CA PRO E 44 -6.86 -30.88 2.68
C PRO E 44 -7.41 -29.83 3.66
N TYR E 45 -6.55 -29.33 4.54
CA TYR E 45 -6.91 -28.34 5.57
C TYR E 45 -6.56 -26.94 5.12
N GLY E 46 -7.43 -25.99 5.42
CA GLY E 46 -7.11 -24.57 5.34
C GLY E 46 -7.24 -23.96 6.73
N LEU E 47 -6.65 -22.77 6.90
CA LEU E 47 -6.85 -21.96 8.10
C LEU E 47 -7.39 -20.66 7.61
N LEU E 48 -8.44 -20.16 8.28
CA LEU E 48 -8.98 -18.80 8.08
C LEU E 48 -8.95 -18.07 9.40
N ILE E 49 -8.35 -16.89 9.44
CA ILE E 49 -8.24 -16.12 10.70
C ILE E 49 -9.04 -14.92 10.47
N VAL E 50 -10.16 -14.76 11.16
CA VAL E 50 -11.03 -13.64 10.82
C VAL E 50 -10.82 -12.40 11.69
N ASP E 51 -10.45 -11.29 11.05
CA ASP E 51 -10.55 -9.98 11.67
C ASP E 51 -9.71 -9.79 12.93
N PHE E 52 -8.59 -10.49 13.04
CA PHE E 52 -7.64 -10.21 14.10
C PHE E 52 -6.78 -9.01 13.74
N VAL E 53 -7.42 -7.86 13.83
CA VAL E 53 -6.84 -6.61 13.38
C VAL E 53 -6.71 -5.70 14.61
N ASN E 54 -5.84 -4.71 14.54
CA ASN E 54 -5.51 -3.89 15.71
C ASN E 54 -6.73 -3.34 16.46
N GLY E 55 -7.81 -3.02 15.74
CA GLY E 55 -8.99 -2.44 16.36
C GLY E 55 -9.82 -3.40 17.18
N PHE E 56 -9.73 -4.67 16.86
CA PHE E 56 -10.41 -5.69 17.56
C PHE E 56 -9.52 -6.27 18.62
N ALA E 57 -8.21 -6.02 18.52
CA ALA E 57 -7.30 -6.47 19.57
C ALA E 57 -7.35 -5.51 20.74
N ASP E 58 -7.75 -4.27 20.47
CA ASP E 58 -7.69 -3.19 21.42
C ASP E 58 -9.01 -3.01 22.19
N PRO E 59 -8.99 -3.25 23.50
CA PRO E 59 -10.20 -3.15 24.32
C PRO E 59 -10.86 -1.77 24.35
N ALA E 60 -10.07 -0.75 24.02
CA ALA E 60 -10.56 0.61 23.86
C ALA E 60 -11.28 0.81 22.54
N GLN E 61 -11.22 -0.15 21.62
CA GLN E 61 -11.92 0.08 20.33
C GLN E 61 -13.01 -0.93 20.09
N PHE E 62 -12.64 -2.12 19.64
CA PHE E 62 -13.61 -3.17 19.40
C PHE E 62 -13.27 -4.45 20.06
N GLY E 63 -12.28 -4.42 20.95
CA GLY E 63 -11.85 -5.60 21.63
C GLY E 63 -12.42 -5.71 23.01
N GLY E 64 -11.72 -6.46 23.83
CA GLY E 64 -12.18 -6.77 25.17
C GLY E 64 -12.30 -8.26 25.28
N GLY E 65 -13.06 -8.69 26.28
CA GLY E 65 -13.28 -10.09 26.56
C GLY E 65 -12.05 -10.96 26.48
N ASN E 66 -12.12 -12.02 25.66
CA ASN E 66 -11.01 -12.99 25.58
C ASN E 66 -10.25 -12.95 24.29
N ILE E 67 -10.31 -11.84 23.59
CA ILE E 67 -9.72 -11.75 22.22
C ILE E 67 -8.19 -11.83 22.27
N ALA E 68 -7.62 -11.30 23.34
CA ALA E 68 -6.16 -11.16 23.39
C ALA E 68 -5.51 -12.53 23.49
N ALA E 69 -6.13 -13.40 24.27
CA ALA E 69 -5.56 -14.73 24.48
C ALA E 69 -5.75 -15.54 23.20
N ALA E 70 -6.92 -15.43 22.59
CA ALA E 70 -7.25 -16.15 21.37
C ALA E 70 -6.27 -15.76 20.25
N ILE E 71 -5.92 -14.50 20.21
CA ILE E 71 -4.88 -14.05 19.31
C ILE E 71 -3.57 -14.77 19.65
N GLU E 72 -3.22 -14.79 20.93
CA GLU E 72 -1.95 -15.40 21.34
C GLU E 72 -1.99 -16.85 20.97
N THR E 73 -3.13 -17.52 21.17
CA THR E 73 -3.18 -18.95 20.86
C THR E 73 -3.13 -19.22 19.36
N THR E 74 -3.65 -18.29 18.55
CA THR E 74 -3.72 -18.48 17.11
C THR E 74 -2.34 -18.50 16.49
N ARG E 75 -1.40 -17.87 17.16
CA ARG E 75 0.00 -17.85 16.70
C ARG E 75 0.58 -19.24 16.51
N THR E 76 0.29 -20.14 17.47
CA THR E 76 0.72 -21.54 17.37
C THR E 76 0.04 -22.23 16.20
N VAL E 77 -1.25 -21.98 16.01
CA VAL E 77 -1.95 -22.63 14.91
C VAL E 77 -1.49 -22.09 13.58
N LEU E 78 -1.21 -20.78 13.50
CA LEU E 78 -0.75 -20.16 12.27
C LEU E 78 0.61 -20.72 11.87
N ALA E 79 1.50 -20.89 12.86
CA ALA E 79 2.81 -21.54 12.72
C ALA E 79 2.68 -23.00 12.24
N ALA E 80 1.78 -23.76 12.84
CA ALA E 80 1.53 -25.11 12.40
C ALA E 80 1.02 -25.14 10.97
N ALA E 81 0.08 -24.25 10.64
CA ALA E 81 -0.46 -24.25 9.29
C ALA E 81 0.65 -24.03 8.28
N ARG E 82 1.54 -23.09 8.59
CA ARG E 82 2.67 -22.82 7.72
C ARG E 82 3.64 -24.01 7.62
N GLU E 83 3.86 -24.72 8.73
CA GLU E 83 4.79 -25.87 8.71
C GLU E 83 4.18 -27.07 8.01
N ARG E 84 2.86 -27.15 8.03
CA ARG E 84 2.12 -28.16 7.30
C ARG E 84 1.77 -27.83 5.83
N GLY E 85 2.00 -26.62 5.39
CA GLY E 85 1.80 -26.27 3.98
C GLY E 85 0.34 -26.07 3.67
N TRP E 86 -0.45 -25.89 4.71
CA TRP E 86 -1.84 -25.51 4.59
C TRP E 86 -2.06 -24.13 3.92
N ALA E 87 -3.16 -24.07 3.18
CA ALA E 87 -3.67 -22.84 2.65
C ALA E 87 -4.05 -21.94 3.82
N VAL E 88 -3.77 -20.63 3.73
CA VAL E 88 -4.08 -19.72 4.81
C VAL E 88 -4.63 -18.42 4.21
N ALA E 89 -5.77 -17.99 4.75
CA ALA E 89 -6.34 -16.69 4.46
C ALA E 89 -6.59 -15.95 5.78
N HIS E 90 -6.45 -14.62 5.69
CA HIS E 90 -6.73 -13.73 6.78
C HIS E 90 -7.78 -12.80 6.26
N SER E 91 -8.76 -12.40 7.09
CA SER E 91 -9.77 -11.45 6.63
C SER E 91 -9.66 -10.14 7.33
N ARG E 92 -10.10 -9.07 6.66
CA ARG E 92 -10.08 -7.73 7.25
C ARG E 92 -11.36 -7.02 6.89
N ILE E 93 -11.79 -6.15 7.82
CA ILE E 93 -12.89 -5.26 7.56
C ILE E 93 -12.30 -3.94 7.01
N VAL E 94 -12.75 -3.57 5.81
CA VAL E 94 -12.28 -2.36 5.18
C VAL E 94 -13.47 -1.71 4.53
N TYR E 95 -13.68 -0.41 4.82
CA TYR E 95 -14.57 0.37 4.02
C TYR E 95 -13.74 1.41 3.23
N ALA E 96 -14.38 2.06 2.29
CA ALA E 96 -13.69 3.00 1.45
C ALA E 96 -13.50 4.31 2.20
N ASP E 97 -12.32 4.91 2.03
CA ASP E 97 -11.96 6.20 2.66
C ASP E 97 -13.04 7.25 2.58
N ASP E 98 -13.72 7.35 1.41
CA ASP E 98 -14.85 8.29 1.20
C ASP E 98 -16.21 7.82 1.71
N ASP E 99 -16.27 6.60 2.29
CA ASP E 99 -17.50 6.00 2.80
C ASP E 99 -18.45 5.48 1.71
N ALA E 100 -18.01 5.39 0.44
CA ALA E 100 -18.95 5.11 -0.65
C ALA E 100 -19.63 3.77 -0.46
N ASP E 101 -18.97 2.84 0.22
CA ASP E 101 -19.51 1.51 0.51
C ASP E 101 -20.07 1.42 1.91
N GLY E 102 -20.38 2.57 2.51
CA GLY E 102 -21.08 2.58 3.80
C GLY E 102 -22.35 1.79 3.63
N ASN E 103 -22.63 0.85 4.52
CA ASN E 103 -23.71 -0.08 4.25
C ASN E 103 -24.70 -0.18 5.41
N ILE E 104 -25.45 -1.27 5.51
CA ILE E 104 -26.47 -1.40 6.55
C ILE E 104 -25.76 -1.83 7.85
N PHE E 105 -24.78 -2.70 7.72
CA PHE E 105 -23.90 -3.09 8.83
C PHE E 105 -23.25 -1.87 9.44
N SER E 106 -22.84 -0.88 8.66
CA SER E 106 -22.20 0.31 9.27
C SER E 106 -23.23 1.30 9.82
N ILE E 107 -24.51 1.05 9.58
CA ILE E 107 -25.58 1.76 10.31
C ILE E 107 -25.76 1.16 11.70
N LYS E 108 -25.91 -0.15 11.79
CA LYS E 108 -26.01 -0.80 13.10
C LYS E 108 -24.71 -0.60 13.95
N VAL E 109 -23.57 -0.61 13.30
CA VAL E 109 -22.29 -0.51 14.03
C VAL E 109 -21.39 0.52 13.36
N PRO E 110 -21.65 1.80 13.59
CA PRO E 110 -20.96 2.86 12.81
C PRO E 110 -19.44 2.91 12.92
N GLY E 111 -18.88 2.35 13.97
CA GLY E 111 -17.43 2.44 14.15
C GLY E 111 -16.74 1.57 13.15
N MET E 112 -17.48 0.60 12.65
CA MET E 112 -16.97 -0.23 11.59
C MET E 112 -16.55 0.57 10.32
N LEU E 113 -17.14 1.74 10.12
CA LEU E 113 -16.90 2.54 8.95
C LEU E 113 -15.54 3.16 9.05
N THR E 114 -15.05 3.32 10.28
CA THR E 114 -13.75 3.94 10.51
C THR E 114 -12.61 3.06 10.11
N LEU E 115 -12.89 1.79 9.88
CA LEU E 115 -11.84 0.86 9.43
C LEU E 115 -11.53 1.03 7.89
N LYS E 116 -10.69 2.01 7.60
CA LYS E 116 -10.22 2.27 6.26
C LYS E 116 -8.99 1.42 5.98
N GLU E 117 -8.71 1.29 4.69
CA GLU E 117 -7.55 0.54 4.20
C GLU E 117 -6.28 0.82 4.98
N HIS E 118 -5.93 2.09 5.08
CA HIS E 118 -4.68 2.52 5.65
C HIS E 118 -4.77 3.02 7.08
N ALA E 119 -5.94 2.86 7.67
CA ALA E 119 -6.09 3.11 9.12
C ALA E 119 -5.37 1.98 9.88
N PRO E 120 -4.47 2.35 10.79
CA PRO E 120 -3.81 1.34 11.62
C PRO E 120 -4.80 0.33 12.26
N ALA E 121 -5.98 0.80 12.64
CA ALA E 121 -6.97 -0.01 13.31
C ALA E 121 -7.41 -1.22 12.48
N SER E 122 -7.35 -1.08 11.14
CA SER E 122 -7.84 -2.09 10.20
C SER E 122 -6.79 -3.13 9.80
N ALA E 123 -5.56 -2.97 10.28
CA ALA E 123 -4.46 -3.80 9.84
C ALA E 123 -4.35 -5.03 10.72
N ILE E 124 -4.00 -6.15 10.09
CA ILE E 124 -3.75 -7.40 10.79
C ILE E 124 -2.67 -7.20 11.87
N VAL E 125 -2.94 -7.67 13.07
CA VAL E 125 -2.02 -7.49 14.20
C VAL E 125 -0.63 -8.02 13.83
N PRO E 126 0.43 -7.36 14.32
CA PRO E 126 1.78 -7.70 13.92
C PRO E 126 2.14 -9.14 14.21
N GLN E 127 1.49 -9.74 15.22
CA GLN E 127 1.90 -11.07 15.64
C GLN E 127 1.27 -12.17 14.84
N LEU E 128 0.41 -11.75 13.90
CA LEU E 128 -0.17 -12.62 12.93
C LEU E 128 0.08 -12.01 11.55
N ALA E 129 1.18 -11.28 11.37
CA ALA E 129 1.48 -10.72 10.05
C ALA E 129 1.52 -11.87 9.03
N PRO E 130 0.87 -11.70 7.87
CA PRO E 130 0.86 -12.65 6.79
C PRO E 130 2.15 -12.84 6.07
N GLN E 131 2.33 -14.07 5.60
CA GLN E 131 3.47 -14.49 4.83
C GLN E 131 3.01 -14.51 3.37
N ALA E 132 3.97 -14.67 2.47
CA ALA E 132 3.70 -14.73 1.05
C ALA E 132 2.89 -15.95 0.75
N GLY E 133 1.89 -15.77 -0.13
CA GLY E 133 0.96 -16.86 -0.51
C GLY E 133 -0.34 -17.00 0.30
N GLU E 134 -0.34 -16.37 1.46
CA GLU E 134 -1.52 -16.27 2.29
C GLU E 134 -2.39 -15.11 1.77
N TYR E 135 -3.68 -15.40 1.60
CA TYR E 135 -4.66 -14.48 1.05
C TYR E 135 -5.22 -13.58 2.13
N VAL E 136 -5.24 -12.27 1.85
CA VAL E 136 -5.91 -11.26 2.72
C VAL E 136 -7.20 -10.82 2.06
N VAL E 137 -8.30 -11.22 2.68
CA VAL E 137 -9.60 -11.03 2.14
C VAL E 137 -10.19 -9.78 2.79
N ARG E 138 -10.41 -8.70 2.06
CA ARG E 138 -11.15 -7.54 2.62
C ARG E 138 -12.70 -7.62 2.42
N LYS E 139 -13.45 -7.18 3.42
CA LYS E 139 -14.90 -7.32 3.45
C LYS E 139 -15.52 -6.14 4.18
N SER E 140 -16.80 -5.90 3.94
CA SER E 140 -17.52 -4.82 4.58
C SER E 140 -18.82 -5.40 5.15
N THR E 141 -18.75 -6.68 5.56
CA THR E 141 -19.89 -7.44 6.12
C THR E 141 -19.37 -8.45 7.17
N PRO E 142 -20.23 -9.10 7.90
CA PRO E 142 -19.60 -9.91 8.91
C PRO E 142 -18.73 -11.06 8.36
N SER E 143 -19.26 -11.78 7.40
CA SER E 143 -18.63 -12.96 6.92
C SER E 143 -17.58 -12.72 5.86
N ALA E 144 -16.55 -13.55 5.93
CA ALA E 144 -15.37 -13.42 5.11
C ALA E 144 -15.65 -14.01 3.77
N PHE E 145 -16.83 -14.59 3.64
CA PHE E 145 -17.24 -15.19 2.37
C PHE E 145 -18.15 -14.32 1.58
N TYR E 146 -18.88 -13.46 2.29
CA TYR E 146 -19.89 -12.63 1.62
C TYR E 146 -19.24 -11.51 0.80
N GLY E 147 -19.54 -11.49 -0.48
CA GLY E 147 -19.02 -10.46 -1.36
C GLY E 147 -17.53 -10.54 -1.55
N THR E 148 -17.01 -11.76 -1.53
CA THR E 148 -15.57 -12.00 -1.64
C THR E 148 -15.25 -13.29 -2.39
N MET E 149 -13.98 -13.43 -2.75
CA MET E 149 -13.49 -14.58 -3.45
C MET E 149 -13.09 -15.73 -2.52
N LEU E 150 -13.46 -15.71 -1.24
CA LEU E 150 -12.92 -16.76 -0.38
C LEU E 150 -13.35 -18.16 -0.82
N ALA E 151 -14.64 -18.37 -1.13
CA ALA E 151 -15.06 -19.72 -1.54
C ALA E 151 -14.26 -20.14 -2.74
N ALA E 152 -14.06 -19.23 -3.69
CA ALA E 152 -13.35 -19.53 -4.94
C ALA E 152 -11.90 -19.87 -4.64
N TRP E 153 -11.35 -19.09 -3.72
CA TRP E 153 -9.96 -19.21 -3.41
C TRP E 153 -9.70 -20.60 -2.83
N LEU E 154 -10.62 -21.09 -2.01
CA LEU E 154 -10.52 -22.41 -1.34
C LEU E 154 -10.92 -23.54 -2.23
N ALA E 155 -11.94 -23.33 -3.06
CA ALA E 155 -12.24 -24.32 -4.09
C ALA E 155 -11.04 -24.63 -5.01
N GLN E 156 -10.34 -23.58 -5.46
CA GLN E 156 -9.18 -23.76 -6.36
C GLN E 156 -8.11 -24.62 -5.71
N ARG E 157 -7.94 -24.47 -4.39
CA ARG E 157 -7.01 -25.30 -3.64
C ARG E 157 -7.61 -26.62 -3.11
N GLY E 158 -8.86 -26.92 -3.48
CA GLY E 158 -9.45 -28.18 -3.06
C GLY E 158 -9.49 -28.37 -1.53
N VAL E 159 -9.61 -27.28 -0.80
CA VAL E 159 -9.64 -27.37 0.64
C VAL E 159 -10.92 -28.07 1.07
N GLN E 160 -10.84 -28.96 2.05
CA GLN E 160 -12.03 -29.69 2.45
C GLN E 160 -12.47 -29.30 3.84
N THR E 161 -11.51 -29.00 4.70
CA THR E 161 -11.79 -28.61 6.04
C THR E 161 -11.07 -27.30 6.32
N LEU E 162 -11.81 -26.34 6.88
CA LEU E 162 -11.36 -25.00 7.11
C LEU E 162 -11.38 -24.76 8.58
N LEU E 163 -10.18 -24.66 9.17
CA LEU E 163 -10.04 -24.35 10.61
C LEU E 163 -10.27 -22.86 10.68
N VAL E 164 -10.87 -22.37 11.76
CA VAL E 164 -11.23 -20.96 11.90
C VAL E 164 -10.84 -20.39 13.28
N ALA E 165 -10.09 -19.29 13.25
CA ALA E 165 -9.83 -18.46 14.40
C ALA E 165 -10.45 -17.12 14.08
N GLY E 166 -10.51 -16.23 15.06
CA GLY E 166 -10.84 -14.83 14.79
C GLY E 166 -11.67 -14.14 15.89
N ALA E 167 -12.05 -12.89 15.62
CA ALA E 167 -13.03 -12.14 16.41
C ALA E 167 -14.14 -11.60 15.48
N THR E 168 -15.39 -11.47 15.94
CA THR E 168 -15.82 -11.96 17.24
C THR E 168 -16.60 -13.25 17.10
N THR E 169 -16.56 -14.08 18.13
CA THR E 169 -17.28 -15.32 18.11
C THR E 169 -18.70 -15.07 17.63
N SER E 170 -19.40 -14.15 18.29
CA SER E 170 -20.83 -13.93 18.01
C SER E 170 -21.10 -13.03 16.84
N GLY E 171 -20.08 -12.71 16.06
CA GLY E 171 -20.21 -11.80 14.92
C GLY E 171 -19.59 -12.37 13.66
N VAL E 173 -16.94 -14.26 13.26
CA VAL E 173 -16.61 -15.70 13.25
C VAL E 173 -17.83 -16.54 12.88
N ARG E 174 -18.95 -16.36 13.59
CA ARG E 174 -20.12 -17.18 13.39
C ARG E 174 -20.58 -17.12 11.98
N ALA E 175 -20.65 -15.91 11.45
CA ALA E 175 -21.16 -15.72 10.13
C ALA E 175 -20.22 -16.33 9.08
N SER E 176 -18.89 -16.22 9.32
CA SER E 176 -17.93 -16.86 8.45
C SER E 176 -18.05 -18.38 8.46
N VAL E 177 -18.48 -18.93 9.59
CA VAL E 177 -18.47 -20.37 9.78
C VAL E 177 -19.67 -20.93 9.06
N VAL E 178 -20.80 -20.26 9.26
CA VAL E 178 -22.00 -20.64 8.56
C VAL E 178 -21.82 -20.55 7.03
N ASP E 179 -21.19 -19.48 6.59
CA ASP E 179 -20.96 -19.35 5.16
C ASP E 179 -20.04 -20.44 4.68
N ALA E 180 -19.03 -20.78 5.50
CA ALA E 180 -18.03 -21.79 5.08
C ALA E 180 -18.72 -23.11 4.95
N MET E 181 -19.61 -23.44 5.90
CA MET E 181 -20.34 -24.72 5.81
C MET E 181 -21.24 -24.70 4.60
N SER E 182 -21.93 -23.58 4.44
CA SER E 182 -22.87 -23.44 3.36
C SER E 182 -22.16 -23.54 2.04
N ALA E 183 -20.89 -23.09 1.99
CA ALA E 183 -20.09 -23.08 0.73
C ALA E 183 -19.44 -24.43 0.40
N GLY E 184 -19.59 -25.38 1.32
CA GLY E 184 -19.20 -26.77 1.08
C GLY E 184 -17.95 -27.29 1.75
N PHE E 185 -17.49 -26.54 2.77
CA PHE E 185 -16.33 -26.86 3.57
C PHE E 185 -16.73 -27.29 4.99
N ARG E 186 -15.89 -28.13 5.59
CA ARG E 186 -16.17 -28.63 6.89
C ARG E 186 -15.46 -27.69 7.80
N PRO E 187 -16.18 -26.77 8.49
CA PRO E 187 -15.57 -25.79 9.38
C PRO E 187 -15.11 -26.47 10.65
N LEU E 188 -13.89 -26.14 11.09
CA LEU E 188 -13.37 -26.66 12.34
C LEU E 188 -13.08 -25.45 13.17
N VAL E 189 -13.97 -25.13 14.10
CA VAL E 189 -13.87 -23.88 14.85
C VAL E 189 -12.93 -24.11 16.06
N LEU E 190 -11.85 -23.35 16.10
CA LEU E 190 -10.87 -23.45 17.18
C LEU E 190 -11.45 -22.68 18.36
N SER E 191 -12.03 -23.42 19.31
CA SER E 191 -12.80 -22.78 20.38
C SER E 191 -11.92 -21.87 21.23
N ASP E 192 -10.61 -22.14 21.28
CA ASP E 192 -9.71 -21.25 22.01
C ASP E 192 -8.97 -20.20 21.16
N CYS E 193 -9.23 -20.15 19.86
CA CYS E 193 -8.64 -19.15 18.96
C CYS E 193 -9.69 -18.21 18.41
N VAL E 194 -10.94 -18.34 18.86
CA VAL E 194 -11.99 -17.36 18.52
C VAL E 194 -12.23 -16.50 19.76
N GLY E 195 -12.40 -15.19 19.57
CA GLY E 195 -12.62 -14.33 20.72
C GLY E 195 -13.85 -13.44 20.64
N ASP E 196 -14.41 -13.07 21.80
CA ASP E 196 -15.47 -12.06 21.84
C ASP E 196 -15.24 -11.04 22.95
N ARG E 197 -15.91 -9.88 22.86
CA ARG E 197 -15.91 -8.81 23.90
C ARG E 197 -16.81 -9.08 25.11
N ALA E 198 -17.66 -10.08 24.92
CA ALA E 198 -18.61 -10.50 25.89
C ALA E 198 -18.61 -12.01 25.86
N LEU E 199 -18.53 -12.63 27.03
CA LEU E 199 -18.42 -14.06 27.11
C LEU E 199 -19.75 -14.79 26.99
N GLY E 200 -20.85 -14.13 27.37
CA GLY E 200 -22.19 -14.74 27.21
C GLY E 200 -22.41 -15.14 25.75
N PRO E 201 -22.38 -14.15 24.83
CA PRO E 201 -22.52 -14.36 23.39
C PRO E 201 -21.49 -15.32 22.79
N HIS E 202 -20.29 -15.30 23.35
CA HIS E 202 -19.22 -16.20 22.90
C HIS E 202 -19.67 -17.63 23.16
N GLU E 203 -20.08 -17.92 24.40
CA GLU E 203 -20.54 -19.26 24.76
C GLU E 203 -21.78 -19.63 24.00
N ALA E 204 -22.69 -18.69 23.85
CA ALA E 204 -23.97 -18.99 23.21
C ALA E 204 -23.78 -19.27 21.73
N ASN E 205 -22.82 -18.58 21.09
CA ASN E 205 -22.51 -18.81 19.69
C ASN E 205 -21.63 -20.08 19.48
N LEU E 206 -20.62 -20.34 20.28
CA LEU E 206 -20.00 -21.66 20.23
C LEU E 206 -21.04 -22.75 20.40
N PHE E 207 -22.05 -22.54 21.25
CA PHE E 207 -23.11 -23.55 21.36
C PHE E 207 -23.76 -23.76 19.99
N ASP E 208 -24.25 -22.69 19.36
CA ASP E 208 -25.03 -22.85 18.13
C ASP E 208 -24.14 -23.57 17.10
N MET E 209 -22.90 -23.14 16.95
CA MET E 209 -22.00 -23.76 16.00
C MET E 209 -21.81 -25.27 16.27
N ARG E 210 -21.69 -25.64 17.54
CA ARG E 210 -21.53 -27.06 17.87
C ARG E 210 -22.75 -27.90 17.48
N GLN E 211 -23.91 -27.31 17.66
CA GLN E 211 -25.14 -27.99 17.32
C GLN E 211 -25.42 -28.10 15.83
N LYS E 212 -24.94 -27.13 15.05
CA LYS E 212 -25.42 -27.02 13.68
C LYS E 212 -24.38 -26.87 12.57
N TYR E 213 -23.22 -26.30 12.80
CA TYR E 213 -22.42 -25.81 11.71
C TYR E 213 -20.99 -26.32 11.61
N ALA E 214 -20.44 -26.81 12.73
CA ALA E 214 -18.99 -27.01 12.83
C ALA E 214 -18.60 -28.13 13.76
N ALA E 215 -17.45 -28.70 13.47
CA ALA E 215 -16.71 -29.42 14.46
C ALA E 215 -16.06 -28.32 15.27
N VAL E 216 -16.12 -28.41 16.57
CA VAL E 216 -15.62 -27.35 17.45
C VAL E 216 -14.77 -28.06 18.45
N MET E 217 -13.54 -27.59 18.65
CA MET E 217 -12.60 -28.24 19.59
C MET E 217 -11.43 -27.29 19.79
N THR E 218 -10.60 -27.57 20.80
CA THR E 218 -9.45 -26.68 21.09
C THR E 218 -8.33 -26.87 20.08
N HIS E 219 -7.41 -25.91 19.98
CA HIS E 219 -6.41 -25.91 18.90
C HIS E 219 -5.43 -27.05 19.00
N ASP E 220 -5.23 -27.54 20.21
CA ASP E 220 -4.32 -28.67 20.43
C ASP E 220 -4.94 -29.98 19.92
N GLU E 221 -6.24 -30.10 20.09
CA GLU E 221 -6.97 -31.26 19.60
C GLU E 221 -6.98 -31.24 18.08
N ALA E 222 -7.34 -30.11 17.53
CA ALA E 222 -7.39 -29.90 16.07
C ALA E 222 -6.06 -30.22 15.46
N LEU E 223 -5.00 -29.68 16.04
CA LEU E 223 -3.68 -29.84 15.47
C LEU E 223 -3.24 -31.27 15.58
N ALA E 224 -3.71 -31.97 16.60
CA ALA E 224 -3.37 -33.37 16.78
C ALA E 224 -4.06 -34.20 15.71
N LYS E 225 -5.34 -33.94 15.48
CA LYS E 225 -6.18 -34.79 14.63
C LYS E 225 -6.04 -34.50 13.14
N THR E 226 -5.19 -33.53 12.79
CA THR E 226 -5.01 -33.08 11.42
C THR E 226 -3.54 -33.29 10.90
N LYS E 227 -2.85 -34.25 11.54
CA LYS E 227 -1.45 -34.76 11.28
C LYS E 227 -0.48 -34.57 12.47
N SER F 29 -5.84 31.75 4.25
CA SER F 29 -5.33 32.26 5.53
C SER F 29 -4.52 31.18 6.21
N TYR F 30 -3.61 31.63 7.05
CA TYR F 30 -2.80 30.76 7.85
C TYR F 30 -3.62 30.18 9.00
N GLU F 31 -4.39 31.04 9.67
CA GLU F 31 -5.26 30.62 10.78
C GLU F 31 -6.24 29.51 10.33
N ARG F 32 -6.83 29.71 9.16
CA ARG F 32 -7.82 28.79 8.58
C ARG F 32 -7.25 27.40 8.29
N GLN F 33 -5.97 27.32 7.97
CA GLN F 33 -5.40 26.05 7.56
C GLN F 33 -4.53 25.43 8.66
N GLY F 34 -4.43 26.12 9.80
CA GLY F 34 -3.84 25.53 11.02
C GLY F 34 -2.37 25.83 11.20
N PHE F 35 -1.87 26.85 10.52
CA PHE F 35 -0.49 27.27 10.60
C PHE F 35 -0.22 28.01 11.90
N GLY F 36 1.05 28.31 12.12
CA GLY F 36 1.45 28.99 13.32
C GLY F 36 0.92 28.45 14.64
N ALA F 37 0.82 27.12 14.77
CA ALA F 37 0.49 26.48 16.03
C ALA F 37 1.70 26.61 16.93
N ALA F 38 1.50 26.69 18.25
CA ALA F 38 2.62 26.88 19.17
C ALA F 38 3.56 25.67 19.09
N LEU F 39 4.81 25.92 19.39
CA LEU F 39 5.85 24.90 19.35
C LEU F 39 6.42 24.88 20.75
N PRO F 40 5.98 23.90 21.58
CA PRO F 40 6.39 23.91 22.99
C PRO F 40 7.90 23.75 23.16
N LEU F 41 8.43 24.47 24.13
CA LEU F 41 9.85 24.45 24.38
C LEU F 41 10.18 23.22 25.19
N LYS F 42 11.38 22.67 24.97
CA LYS F 42 11.77 21.42 25.62
C LYS F 42 13.29 21.23 25.74
N ALA F 43 13.78 21.05 26.98
CA ALA F 43 15.18 20.83 27.27
C ALA F 43 15.61 19.47 26.77
N PRO F 44 16.93 19.26 26.55
CA PRO F 44 18.03 20.25 26.77
C PRO F 44 18.05 21.31 25.68
N TYR F 45 18.52 22.49 26.06
CA TYR F 45 18.56 23.67 25.19
C TYR F 45 19.95 23.87 24.66
N GLY F 46 20.05 24.54 23.54
CA GLY F 46 21.34 24.89 22.99
C GLY F 46 21.17 26.21 22.33
N LEU F 47 22.30 26.85 22.02
CA LEU F 47 22.24 28.12 21.31
C LEU F 47 23.03 28.00 20.02
N LEU F 48 22.51 28.54 18.93
CA LEU F 48 23.30 28.68 17.68
C LEU F 48 23.36 30.14 17.45
N ILE F 49 24.56 30.67 17.18
CA ILE F 49 24.71 32.10 16.84
C ILE F 49 25.26 32.07 15.44
N VAL F 50 24.45 32.56 14.49
CA VAL F 50 24.80 32.49 13.10
C VAL F 50 25.38 33.77 12.52
N ASP F 51 26.67 33.68 12.21
CA ASP F 51 27.29 34.59 11.26
C ASP F 51 27.36 36.01 11.78
N PHE F 52 27.53 36.16 13.09
CA PHE F 52 27.69 37.42 13.67
C PHE F 52 29.16 37.74 13.58
N VAL F 53 29.59 38.15 12.38
CA VAL F 53 31.00 38.31 12.06
C VAL F 53 31.29 39.74 11.71
N ASN F 54 32.55 40.16 11.75
CA ASN F 54 32.85 41.55 11.44
C ASN F 54 32.20 42.07 10.13
N GLY F 55 32.30 41.31 9.05
CA GLY F 55 31.77 41.77 7.77
C GLY F 55 30.30 42.05 7.80
N PHE F 56 29.55 41.22 8.53
CA PHE F 56 28.12 41.44 8.72
C PHE F 56 27.70 42.54 9.71
N ALA F 57 28.64 43.02 10.50
CA ALA F 57 28.34 44.07 11.48
C ALA F 57 28.70 45.46 10.89
N ASP F 58 29.59 45.47 9.90
CA ASP F 58 29.96 46.66 9.17
C ASP F 58 28.94 46.91 8.04
N PRO F 59 28.24 48.04 8.08
CA PRO F 59 27.27 48.37 7.02
C PRO F 59 27.85 48.69 5.64
N ALA F 60 29.17 48.62 5.54
CA ALA F 60 29.87 48.94 4.34
C ALA F 60 30.29 47.64 3.68
N GLN F 61 30.39 46.58 4.47
CA GLN F 61 30.56 45.25 3.91
C GLN F 61 29.17 44.61 3.75
N PHE F 62 28.66 43.90 4.74
CA PHE F 62 27.44 43.10 4.59
C PHE F 62 26.45 43.39 5.69
N GLY F 63 26.73 44.44 6.46
CA GLY F 63 25.94 44.77 7.61
C GLY F 63 24.87 45.79 7.32
N GLY F 64 24.36 46.38 8.40
CA GLY F 64 23.36 47.43 8.30
C GLY F 64 22.13 47.09 9.08
N GLY F 65 21.11 47.90 8.88
CA GLY F 65 19.85 47.76 9.56
C GLY F 65 20.01 47.58 11.07
N ASN F 66 19.33 46.56 11.59
CA ASN F 66 19.27 46.30 13.03
C ASN F 66 20.29 45.21 13.46
N ILE F 67 21.30 44.97 12.63
CA ILE F 67 22.21 43.85 12.88
C ILE F 67 23.00 44.12 14.14
N ALA F 68 23.41 45.37 14.37
CA ALA F 68 24.31 45.66 15.53
C ALA F 68 23.59 45.56 16.88
N ALA F 69 22.34 46.01 16.91
CA ALA F 69 21.49 45.90 18.13
C ALA F 69 21.25 44.45 18.45
N ALA F 70 21.03 43.65 17.42
CA ALA F 70 20.92 42.22 17.57
C ALA F 70 22.20 41.59 18.20
N ILE F 71 23.38 42.02 17.76
CA ILE F 71 24.62 41.56 18.37
C ILE F 71 24.64 41.84 19.86
N GLU F 72 24.29 43.06 20.22
CA GLU F 72 24.30 43.49 21.63
C GLU F 72 23.35 42.71 22.45
N THR F 73 22.17 42.42 21.92
CA THR F 73 21.18 41.74 22.71
C THR F 73 21.62 40.28 22.84
N THR F 74 22.34 39.76 21.83
CA THR F 74 22.79 38.36 21.93
C THR F 74 23.78 38.14 23.10
N ARG F 75 24.61 39.15 23.36
CA ARG F 75 25.51 39.11 24.53
C ARG F 75 24.87 38.60 25.82
N THR F 76 23.64 39.06 26.13
CA THR F 76 22.86 38.61 27.29
C THR F 76 22.49 37.12 27.23
N VAL F 77 22.18 36.63 26.05
CA VAL F 77 21.69 35.27 25.85
C VAL F 77 22.88 34.32 25.94
N LEU F 78 23.96 34.72 25.30
CA LEU F 78 25.21 33.98 25.34
C LEU F 78 25.71 33.81 26.78
N ALA F 79 25.65 34.86 27.60
CA ALA F 79 26.12 34.75 28.97
C ALA F 79 25.17 33.86 29.75
N ALA F 80 23.86 33.97 29.48
CA ALA F 80 22.87 33.04 30.06
C ALA F 80 23.14 31.58 29.68
N ALA F 81 23.38 31.34 28.38
CA ALA F 81 23.75 30.02 27.84
C ALA F 81 24.94 29.42 28.57
N ARG F 82 26.03 30.18 28.65
CA ARG F 82 27.20 29.70 29.35
C ARG F 82 26.86 29.35 30.82
N GLU F 83 26.20 30.25 31.53
CA GLU F 83 25.81 29.98 32.93
C GLU F 83 24.98 28.74 33.07
N ARG F 84 24.08 28.52 32.12
CA ARG F 84 23.13 27.43 32.22
C ARG F 84 23.73 26.10 31.76
N GLY F 85 24.89 26.12 31.13
CA GLY F 85 25.63 24.90 30.74
C GLY F 85 25.07 24.32 29.47
N TRP F 86 24.42 25.17 28.68
CA TRP F 86 23.87 24.80 27.40
C TRP F 86 24.95 24.64 26.38
N ALA F 87 24.68 23.83 25.37
CA ALA F 87 25.55 23.72 24.22
C ALA F 87 25.49 24.99 23.36
N VAL F 88 26.62 25.56 22.97
CA VAL F 88 26.67 26.75 22.15
C VAL F 88 27.51 26.50 20.88
N ALA F 89 26.91 26.78 19.71
CA ALA F 89 27.55 26.76 18.42
C ALA F 89 27.53 28.19 17.82
N HIS F 90 28.58 28.53 17.09
CA HIS F 90 28.66 29.73 16.30
C HIS F 90 28.95 29.30 14.88
N SER F 91 28.36 29.95 13.89
CA SER F 91 28.75 29.67 12.54
C SER F 91 29.54 30.81 11.95
N ARG F 92 30.33 30.52 10.91
CA ARG F 92 31.06 31.52 10.13
C ARG F 92 30.99 31.15 8.67
N ILE F 93 30.82 32.12 7.79
CA ILE F 93 31.00 31.86 6.38
C ILE F 93 32.51 31.97 6.11
N VAL F 94 33.09 30.94 5.55
CA VAL F 94 34.53 30.93 5.25
C VAL F 94 34.71 30.21 3.94
N TYR F 95 35.34 30.87 2.98
CA TYR F 95 35.72 30.19 1.72
C TYR F 95 37.23 29.99 1.68
N ALA F 96 37.70 29.02 0.88
CA ALA F 96 39.14 28.77 0.72
C ALA F 96 39.87 30.03 0.20
N ASP F 97 41.17 30.15 0.50
CA ASP F 97 41.94 31.32 0.10
C ASP F 97 42.20 31.37 -1.44
N ASP F 98 42.21 30.21 -2.13
CA ASP F 98 42.26 30.21 -3.60
C ASP F 98 40.90 30.31 -4.32
N ASP F 99 39.81 30.46 -3.57
CA ASP F 99 38.46 30.42 -4.13
C ASP F 99 38.13 29.08 -4.76
N ALA F 100 38.77 27.99 -4.32
CA ALA F 100 38.53 26.63 -4.85
C ALA F 100 37.13 26.11 -4.56
N ASP F 101 36.55 26.54 -3.43
CA ASP F 101 35.15 26.19 -3.07
C ASP F 101 34.13 27.28 -3.38
N GLY F 102 34.55 28.22 -4.22
CA GLY F 102 33.67 29.32 -4.66
C GLY F 102 32.49 28.68 -5.35
N ASN F 103 31.30 29.07 -4.95
CA ASN F 103 30.13 28.28 -5.31
C ASN F 103 29.00 29.09 -5.93
N ILE F 104 27.81 28.53 -6.02
CA ILE F 104 26.68 29.19 -6.65
C ILE F 104 26.30 30.44 -5.84
N PHE F 105 26.25 30.25 -4.54
CA PHE F 105 26.02 31.33 -3.60
C PHE F 105 26.96 32.50 -3.84
N SER F 106 28.25 32.22 -4.07
CA SER F 106 29.24 33.28 -4.34
C SER F 106 29.17 33.88 -5.75
N ILE F 107 28.36 33.31 -6.64
CA ILE F 107 28.03 33.98 -7.90
C ILE F 107 26.92 35.00 -7.74
N LYS F 108 25.90 34.64 -6.93
CA LYS F 108 24.78 35.51 -6.61
C LYS F 108 25.21 36.70 -5.77
N VAL F 109 26.05 36.43 -4.75
CA VAL F 109 26.61 37.44 -3.83
C VAL F 109 28.16 37.35 -3.87
N PRO F 110 28.81 37.96 -4.89
CA PRO F 110 30.28 37.87 -5.08
C PRO F 110 31.13 38.10 -3.83
N GLY F 111 30.67 39.00 -2.98
CA GLY F 111 31.38 39.40 -1.79
C GLY F 111 31.60 38.25 -0.84
N MET F 112 30.67 37.30 -0.81
CA MET F 112 30.82 36.14 0.07
C MET F 112 32.17 35.48 -0.10
N LEU F 113 32.69 35.48 -1.33
CA LEU F 113 34.00 34.87 -1.63
C LEU F 113 35.17 35.50 -0.84
N THR F 114 35.05 36.78 -0.47
CA THR F 114 36.07 37.53 0.31
C THR F 114 36.13 37.16 1.81
N LEU F 115 35.15 36.38 2.25
CA LEU F 115 35.14 35.85 3.61
C LEU F 115 36.08 34.64 3.65
N LYS F 116 37.37 34.94 3.75
CA LYS F 116 38.42 33.95 3.87
C LYS F 116 38.66 33.67 5.32
N GLU F 117 39.35 32.58 5.59
CA GLU F 117 39.56 32.13 6.96
C GLU F 117 40.19 33.19 7.79
N HIS F 118 41.29 33.76 7.30
CA HIS F 118 42.06 34.71 8.11
C HIS F 118 41.79 36.18 7.86
N ALA F 119 40.82 36.45 7.00
CA ALA F 119 40.36 37.80 6.73
C ALA F 119 39.58 38.29 7.94
N PRO F 120 39.83 39.55 8.37
CA PRO F 120 39.09 40.10 9.50
C PRO F 120 37.57 40.08 9.35
N ALA F 121 37.08 40.37 8.14
CA ALA F 121 35.68 40.36 7.83
C ALA F 121 34.97 39.08 8.25
N SER F 122 35.63 37.92 8.19
CA SER F 122 34.98 36.64 8.51
C SER F 122 35.09 36.21 9.97
N ALA F 123 35.74 37.00 10.82
CA ALA F 123 35.91 36.60 12.21
C ALA F 123 34.69 36.98 13.00
N ILE F 124 34.41 36.17 14.02
CA ILE F 124 33.29 36.42 14.93
C ILE F 124 33.48 37.78 15.56
N VAL F 125 32.39 38.53 15.76
CA VAL F 125 32.49 39.83 16.41
C VAL F 125 32.96 39.69 17.86
N PRO F 126 33.83 40.62 18.31
CA PRO F 126 34.54 40.48 19.61
C PRO F 126 33.61 40.40 20.80
N GLN F 127 32.43 40.99 20.69
CA GLN F 127 31.38 40.92 21.72
C GLN F 127 30.88 39.51 21.99
N LEU F 128 31.02 38.65 20.98
CA LEU F 128 30.50 37.26 21.04
C LEU F 128 31.61 36.26 20.86
N ALA F 129 32.82 36.57 21.31
CA ALA F 129 33.97 35.71 21.03
C ALA F 129 33.72 34.38 21.72
N PRO F 130 33.94 33.26 21.01
CA PRO F 130 33.79 31.88 21.47
C PRO F 130 34.71 31.52 22.63
N GLN F 131 34.15 30.78 23.60
CA GLN F 131 34.87 30.21 24.77
C GLN F 131 35.10 28.74 24.47
N ALA F 132 35.89 28.11 25.31
CA ALA F 132 36.24 26.75 25.13
C ALA F 132 35.00 25.88 25.21
N GLY F 133 34.94 24.89 24.33
CA GLY F 133 33.83 23.98 24.27
C GLY F 133 32.74 24.41 23.30
N GLU F 134 32.88 25.60 22.73
CA GLU F 134 31.84 26.13 21.86
C GLU F 134 32.28 25.83 20.47
N TYR F 135 31.38 25.30 19.69
CA TYR F 135 31.69 24.78 18.40
C TYR F 135 31.56 25.83 17.36
N VAL F 136 32.64 26.02 16.61
CA VAL F 136 32.67 26.97 15.52
C VAL F 136 32.46 26.24 14.21
N VAL F 137 31.27 26.38 13.67
CA VAL F 137 30.93 25.70 12.44
C VAL F 137 31.26 26.62 11.24
N ARG F 138 32.14 26.18 10.35
CA ARG F 138 32.46 26.96 9.15
C ARG F 138 31.63 26.48 7.94
N LYS F 139 31.02 27.41 7.22
CA LYS F 139 30.13 27.05 6.07
C LYS F 139 30.42 27.91 4.87
N SER F 140 30.01 27.45 3.69
CA SER F 140 30.06 28.27 2.49
C SER F 140 28.64 28.38 1.83
N THR F 141 27.61 28.12 2.64
CA THR F 141 26.22 28.23 2.22
C THR F 141 25.48 28.95 3.33
N PRO F 142 24.19 29.27 3.14
CA PRO F 142 23.55 30.07 4.16
C PRO F 142 23.25 29.31 5.44
N SER F 143 22.81 28.08 5.33
CA SER F 143 22.55 27.33 6.53
C SER F 143 23.79 26.80 7.25
N ALA F 144 23.80 26.96 8.58
CA ALA F 144 24.86 26.41 9.44
C ALA F 144 24.75 24.91 9.52
N PHE F 145 23.65 24.37 8.97
CA PHE F 145 23.50 22.93 8.89
C PHE F 145 23.99 22.29 7.58
N TYR F 146 24.18 23.07 6.53
CA TYR F 146 24.40 22.43 5.24
C TYR F 146 25.82 22.11 5.03
N GLY F 147 26.10 20.84 4.77
CA GLY F 147 27.45 20.44 4.55
C GLY F 147 28.28 20.79 5.75
N THR F 148 27.70 20.64 6.94
CA THR F 148 28.43 20.82 8.19
C THR F 148 28.02 19.71 9.16
N MET F 149 28.67 19.74 10.31
CA MET F 149 28.52 18.71 11.28
C MET F 149 27.56 19.14 12.39
N LEU F 150 26.80 20.23 12.17
CA LEU F 150 26.01 20.78 13.30
C LEU F 150 24.94 19.85 13.85
N ALA F 151 24.24 19.14 12.94
CA ALA F 151 23.13 18.28 13.34
C ALA F 151 23.68 17.23 14.26
N ALA F 152 24.77 16.64 13.80
CA ALA F 152 25.49 15.57 14.51
C ALA F 152 26.10 16.04 15.83
N TRP F 153 26.59 17.28 15.81
CA TRP F 153 27.12 17.88 17.01
C TRP F 153 26.01 18.01 18.08
N LEU F 154 24.87 18.59 17.72
CA LEU F 154 23.72 18.71 18.62
C LEU F 154 23.03 17.38 19.05
N ALA F 155 22.90 16.46 18.13
CA ALA F 155 22.37 15.12 18.44
C ALA F 155 23.27 14.39 19.42
N GLN F 156 24.58 14.49 19.25
CA GLN F 156 25.50 13.85 20.22
C GLN F 156 25.12 14.27 21.62
N ARG F 157 24.83 15.55 21.76
CA ARG F 157 24.51 16.17 23.02
C ARG F 157 23.06 16.07 23.37
N GLY F 158 22.20 15.48 22.55
CA GLY F 158 20.80 15.32 22.94
C GLY F 158 20.02 16.63 23.02
N VAL F 159 20.40 17.59 22.20
CA VAL F 159 19.78 18.92 22.27
C VAL F 159 18.37 18.80 21.68
N GLN F 160 17.39 19.40 22.35
CA GLN F 160 16.04 19.26 21.89
C GLN F 160 15.51 20.52 21.29
N THR F 161 15.93 21.67 21.85
CA THR F 161 15.46 22.98 21.40
C THR F 161 16.64 23.87 21.20
N LEU F 162 16.74 24.44 20.00
CA LEU F 162 17.86 25.26 19.61
C LEU F 162 17.40 26.71 19.51
N LEU F 163 17.95 27.55 20.40
CA LEU F 163 17.73 29.01 20.33
C LEU F 163 18.63 29.53 19.24
N VAL F 164 18.12 30.46 18.45
CA VAL F 164 18.85 30.95 17.30
C VAL F 164 18.96 32.48 17.33
N ALA F 165 20.18 32.98 17.18
CA ALA F 165 20.47 34.37 16.93
C ALA F 165 21.42 34.41 15.71
N GLY F 166 21.55 35.59 15.09
CA GLY F 166 22.48 35.83 14.00
C GLY F 166 22.04 36.81 12.91
N ALA F 167 22.72 36.72 11.77
CA ALA F 167 22.46 37.62 10.64
C ALA F 167 22.63 36.77 9.40
N THR F 168 21.88 37.00 8.32
CA THR F 168 20.72 37.87 8.29
C THR F 168 19.45 37.04 8.54
N THR F 169 18.46 37.66 9.16
CA THR F 169 17.10 37.12 9.24
C THR F 169 16.60 36.48 7.91
N SER F 170 16.80 37.14 6.79
CA SER F 170 16.26 36.62 5.51
C SER F 170 17.34 35.93 4.74
N GLY F 171 18.46 35.65 5.40
CA GLY F 171 19.47 34.82 4.81
C GLY F 171 19.77 33.61 5.65
N VAL F 173 19.94 32.97 8.70
CA VAL F 173 19.15 32.66 9.89
C VAL F 173 17.99 31.81 9.46
N ARG F 174 17.14 32.39 8.60
CA ARG F 174 16.03 31.65 8.08
C ARG F 174 16.47 30.27 7.63
N ALA F 175 17.55 30.15 6.86
CA ALA F 175 17.93 28.87 6.26
C ALA F 175 18.37 27.89 7.35
N SER F 176 19.02 28.41 8.38
CA SER F 176 19.47 27.62 9.49
C SER F 176 18.32 27.19 10.40
N VAL F 177 17.22 27.94 10.40
CA VAL F 177 16.03 27.59 11.21
C VAL F 177 15.22 26.52 10.52
N VAL F 178 15.06 26.64 9.22
CA VAL F 178 14.40 25.57 8.49
C VAL F 178 15.15 24.25 8.64
N ASP F 179 16.48 24.30 8.59
CA ASP F 179 17.27 23.08 8.69
C ASP F 179 17.25 22.50 10.07
N ALA F 180 17.36 23.37 11.07
CA ALA F 180 17.24 22.91 12.47
C ALA F 180 15.96 22.14 12.68
N MET F 181 14.86 22.72 12.20
CA MET F 181 13.56 22.12 12.33
C MET F 181 13.51 20.77 11.57
N SER F 182 14.04 20.79 10.36
CA SER F 182 14.03 19.60 9.52
C SER F 182 14.93 18.51 10.10
N ALA F 183 15.99 18.92 10.78
CA ALA F 183 16.92 17.99 11.42
C ALA F 183 16.38 17.41 12.71
N GLY F 184 15.13 17.76 13.03
CA GLY F 184 14.45 17.28 14.26
C GLY F 184 14.63 18.11 15.54
N PHE F 185 15.22 19.29 15.44
CA PHE F 185 15.34 20.19 16.60
C PHE F 185 14.22 21.24 16.62
N ARG F 186 13.85 21.71 17.79
CA ARG F 186 12.79 22.71 17.92
C ARG F 186 13.42 24.07 17.92
N PRO F 187 13.21 24.85 16.86
CA PRO F 187 13.87 26.14 16.81
C PRO F 187 13.12 27.21 17.61
N LEU F 188 13.86 27.93 18.46
CA LEU F 188 13.35 29.10 19.17
C LEU F 188 14.11 30.28 18.59
N VAL F 189 13.44 31.07 17.77
CA VAL F 189 14.13 32.16 17.10
C VAL F 189 14.06 33.33 18.04
N LEU F 190 15.19 33.96 18.29
CA LEU F 190 15.19 35.04 19.24
C LEU F 190 14.93 36.27 18.39
N SER F 191 13.71 36.78 18.36
CA SER F 191 13.34 37.82 17.37
C SER F 191 14.11 39.11 17.47
N ASP F 192 14.71 39.38 18.63
CA ASP F 192 15.56 40.58 18.86
C ASP F 192 17.04 40.23 18.90
N CYS F 193 17.36 38.98 18.59
CA CYS F 193 18.76 38.63 18.35
C CYS F 193 19.08 38.24 16.89
N VAL F 194 18.11 38.39 16.02
CA VAL F 194 18.33 38.14 14.62
C VAL F 194 18.20 39.51 13.97
N GLY F 195 19.15 39.83 13.12
CA GLY F 195 19.25 41.15 12.50
C GLY F 195 19.27 41.02 10.98
N ASP F 196 18.79 42.08 10.33
CA ASP F 196 18.86 42.12 8.92
C ASP F 196 19.22 43.50 8.41
N ARG F 197 19.87 43.49 7.25
CA ARG F 197 20.09 44.61 6.32
C ARG F 197 18.87 45.52 6.09
N ALA F 198 17.69 44.93 6.09
CA ALA F 198 16.49 45.66 5.65
C ALA F 198 15.29 45.13 6.43
N LEU F 199 14.47 46.03 6.91
CA LEU F 199 13.47 45.63 7.89
C LEU F 199 12.28 44.88 7.25
N GLY F 200 11.94 45.19 6.00
CA GLY F 200 10.91 44.46 5.30
C GLY F 200 11.23 42.97 5.24
N PRO F 201 12.40 42.61 4.69
CA PRO F 201 12.84 41.21 4.72
C PRO F 201 12.87 40.59 6.10
N HIS F 202 13.41 41.33 7.05
CA HIS F 202 13.43 40.91 8.45
C HIS F 202 12.02 40.51 8.90
N GLU F 203 11.07 41.45 8.81
CA GLU F 203 9.70 41.18 9.21
C GLU F 203 9.08 40.05 8.39
N ALA F 204 9.21 40.12 7.06
CA ALA F 204 8.64 39.09 6.20
C ALA F 204 9.16 37.68 6.57
N ASN F 205 10.39 37.61 7.06
CA ASN F 205 10.97 36.33 7.35
C ASN F 205 10.66 35.80 8.74
N LEU F 206 10.58 36.68 9.73
CA LEU F 206 10.03 36.32 11.02
C LEU F 206 8.62 35.74 10.91
N PHE F 207 7.76 36.42 10.18
CA PHE F 207 6.44 35.92 9.90
C PHE F 207 6.45 34.49 9.38
N ASP F 208 7.15 34.21 8.29
CA ASP F 208 7.24 32.84 7.79
C ASP F 208 7.62 31.86 8.87
N MET F 209 8.62 32.22 9.67
CA MET F 209 9.15 31.32 10.67
C MET F 209 8.18 31.02 11.79
N ARG F 210 7.37 32.02 12.14
CA ARG F 210 6.39 31.90 13.22
C ARG F 210 5.25 31.03 12.70
N GLN F 211 5.01 31.07 11.40
CA GLN F 211 3.85 30.46 10.81
C GLN F 211 4.18 28.97 10.54
N LYS F 212 5.40 28.70 10.04
CA LYS F 212 5.79 27.37 9.62
C LYS F 212 6.86 26.60 10.43
N TYR F 213 7.78 27.30 11.11
CA TYR F 213 9.04 26.65 11.49
C TYR F 213 9.49 26.75 12.91
N ALA F 214 8.99 27.71 13.68
CA ALA F 214 9.69 28.04 14.92
C ALA F 214 8.81 28.63 15.98
N ALA F 215 9.27 28.50 17.22
CA ALA F 215 8.80 29.40 18.26
C ALA F 215 9.62 30.67 18.03
N VAL F 216 9.00 31.83 18.06
CA VAL F 216 9.68 33.10 17.83
C VAL F 216 9.31 34.01 18.98
N MET F 217 10.29 34.53 19.71
CA MET F 217 9.96 35.41 20.82
C MET F 217 11.19 36.18 21.23
N THR F 218 11.03 37.18 22.10
CA THR F 218 12.14 38.00 22.48
C THR F 218 13.01 37.24 23.47
N HIS F 219 14.28 37.64 23.53
CA HIS F 219 15.27 36.93 24.31
C HIS F 219 14.86 36.81 25.74
N ASP F 220 14.22 37.85 26.30
CA ASP F 220 13.90 37.85 27.74
C ASP F 220 12.78 36.89 28.07
N GLU F 221 11.88 36.67 27.12
CA GLU F 221 10.83 35.64 27.19
C GLU F 221 11.49 34.29 27.07
N ALA F 222 12.39 34.15 26.08
CA ALA F 222 13.09 32.89 25.91
C ALA F 222 13.83 32.51 27.20
N LEU F 223 14.60 33.45 27.73
CA LEU F 223 15.41 33.16 28.91
C LEU F 223 14.54 32.80 30.11
N ALA F 224 13.38 33.45 30.24
CA ALA F 224 12.43 33.17 31.33
C ALA F 224 11.78 31.81 31.18
N LYS F 225 11.34 31.50 29.97
CA LYS F 225 10.63 30.27 29.71
C LYS F 225 11.56 29.02 29.66
N THR F 226 12.88 29.22 29.72
CA THR F 226 13.85 28.15 29.63
C THR F 226 14.66 27.97 30.92
N LYS F 227 14.13 28.51 32.03
CA LYS F 227 14.70 28.54 33.39
C LYS F 227 15.49 29.82 33.70
N SER G 29 -4.86 -7.70 -30.63
CA SER G 29 -4.50 -9.10 -30.98
C SER G 29 -4.30 -9.90 -29.67
N TYR G 30 -4.92 -11.05 -29.66
CA TYR G 30 -4.96 -11.91 -28.51
C TYR G 30 -3.60 -12.56 -28.27
N GLU G 31 -2.90 -12.94 -29.35
CA GLU G 31 -1.56 -13.55 -29.24
C GLU G 31 -0.49 -12.56 -28.72
N ARG G 32 -0.43 -11.35 -29.27
CA ARG G 32 0.52 -10.34 -28.78
C ARG G 32 0.35 -10.09 -27.26
N GLN G 33 -0.89 -10.04 -26.80
CA GLN G 33 -1.17 -9.69 -25.40
C GLN G 33 -1.21 -10.90 -24.42
N GLY G 34 -0.91 -12.11 -24.91
CA GLY G 34 -0.80 -13.31 -24.06
C GLY G 34 -2.12 -13.97 -23.68
N PHE G 35 -3.17 -13.64 -24.39
CA PHE G 35 -4.41 -14.39 -24.25
C PHE G 35 -4.24 -15.78 -24.82
N GLY G 36 -5.15 -16.67 -24.44
CA GLY G 36 -5.28 -17.95 -25.08
C GLY G 36 -4.37 -19.02 -24.52
N ALA G 37 -3.71 -18.72 -23.39
CA ALA G 37 -2.78 -19.69 -22.79
C ALA G 37 -3.49 -20.98 -22.45
N ALA G 38 -2.69 -22.06 -22.44
CA ALA G 38 -3.17 -23.39 -22.21
C ALA G 38 -3.69 -23.45 -20.78
N LEU G 39 -4.79 -24.18 -20.59
CA LEU G 39 -5.29 -24.44 -19.27
C LEU G 39 -5.11 -25.91 -18.96
N PRO G 40 -4.02 -26.27 -18.25
CA PRO G 40 -3.76 -27.67 -17.94
C PRO G 40 -4.90 -28.34 -17.19
N LEU G 41 -5.21 -29.58 -17.55
CA LEU G 41 -6.32 -30.30 -16.91
C LEU G 41 -5.83 -30.92 -15.61
N LYS G 42 -6.71 -30.99 -14.61
CA LYS G 42 -6.35 -31.56 -13.33
C LYS G 42 -7.54 -32.21 -12.58
N ALA G 43 -7.31 -33.41 -12.03
CA ALA G 43 -8.33 -34.17 -11.29
C ALA G 43 -8.49 -33.67 -9.87
N PRO G 44 -9.63 -33.95 -9.25
CA PRO G 44 -10.80 -34.69 -9.76
C PRO G 44 -11.61 -33.94 -10.80
N TYR G 45 -12.34 -34.72 -11.61
CA TYR G 45 -13.15 -34.21 -12.70
C TYR G 45 -14.66 -34.18 -12.39
N GLY G 46 -15.36 -33.15 -12.87
CA GLY G 46 -16.84 -33.11 -12.91
C GLY G 46 -17.43 -32.95 -14.33
N LEU G 47 -18.61 -33.47 -14.56
CA LEU G 47 -19.34 -33.12 -15.76
C LEU G 47 -20.53 -32.24 -15.35
N LEU G 48 -20.69 -31.12 -16.04
CA LEU G 48 -21.88 -30.27 -15.96
C LEU G 48 -22.52 -30.26 -17.35
N ILE G 49 -23.79 -30.65 -17.44
CA ILE G 49 -24.56 -30.64 -18.66
C ILE G 49 -25.62 -29.53 -18.53
N VAL G 50 -25.47 -28.42 -19.26
CA VAL G 50 -26.37 -27.32 -19.03
C VAL G 50 -27.55 -27.25 -19.97
N ASP G 51 -28.75 -27.40 -19.40
CA ASP G 51 -30.01 -27.10 -20.09
C ASP G 51 -30.21 -27.93 -21.38
N PHE G 52 -29.70 -29.14 -21.41
CA PHE G 52 -30.15 -30.01 -22.49
C PHE G 52 -31.54 -30.54 -22.13
N VAL G 53 -32.52 -29.63 -22.21
CA VAL G 53 -33.92 -29.92 -21.93
C VAL G 53 -34.71 -29.94 -23.24
N ASN G 54 -35.91 -30.53 -23.22
CA ASN G 54 -36.71 -30.75 -24.44
C ASN G 54 -37.02 -29.48 -25.21
N GLY G 55 -37.43 -28.43 -24.53
CA GLY G 55 -37.67 -27.15 -25.19
C GLY G 55 -36.48 -26.68 -26.00
N PHE G 56 -35.29 -26.98 -25.48
CA PHE G 56 -34.04 -26.57 -26.12
C PHE G 56 -33.59 -27.52 -27.22
N ALA G 57 -33.97 -28.80 -27.12
CA ALA G 57 -33.79 -29.78 -28.22
C ALA G 57 -34.85 -29.69 -29.32
N ASP G 58 -35.99 -29.06 -29.04
CA ASP G 58 -37.07 -28.92 -30.05
C ASP G 58 -36.89 -27.64 -30.91
N PRO G 59 -36.64 -27.78 -32.22
CA PRO G 59 -36.47 -26.55 -33.04
C PRO G 59 -37.74 -25.67 -33.19
N ALA G 60 -38.89 -26.19 -32.78
CA ALA G 60 -40.13 -25.40 -32.76
C ALA G 60 -40.28 -24.57 -31.48
N GLN G 61 -39.52 -24.91 -30.43
CA GLN G 61 -39.55 -24.13 -29.18
C GLN G 61 -38.32 -23.20 -29.06
N PHE G 62 -37.13 -23.77 -28.78
CA PHE G 62 -35.90 -22.96 -28.58
C PHE G 62 -34.63 -23.57 -29.15
N GLY G 63 -34.77 -24.64 -29.92
CA GLY G 63 -33.62 -25.35 -30.41
C GLY G 63 -33.30 -24.98 -31.84
N GLY G 64 -32.71 -25.93 -32.54
CA GLY G 64 -32.19 -25.66 -33.88
C GLY G 64 -30.70 -25.77 -33.83
N GLY G 65 -30.06 -25.23 -34.85
CA GLY G 65 -28.63 -25.47 -35.08
C GLY G 65 -28.12 -26.87 -34.70
N ASN G 66 -26.91 -26.90 -34.15
CA ASN G 66 -26.22 -28.16 -33.76
C ASN G 66 -26.65 -28.70 -32.42
N ILE G 67 -27.73 -28.16 -31.86
CA ILE G 67 -28.13 -28.53 -30.51
C ILE G 67 -28.39 -30.03 -30.41
N ALA G 68 -29.11 -30.60 -31.39
CA ALA G 68 -29.39 -32.04 -31.34
C ALA G 68 -28.08 -32.85 -31.48
N ALA G 69 -27.16 -32.43 -32.32
CA ALA G 69 -25.91 -33.18 -32.46
C ALA G 69 -25.07 -33.08 -31.18
N ALA G 70 -25.14 -31.96 -30.50
CA ALA G 70 -24.42 -31.79 -29.24
C ALA G 70 -25.04 -32.68 -28.16
N ILE G 71 -26.36 -32.83 -28.18
CA ILE G 71 -27.01 -33.78 -27.26
C ILE G 71 -26.53 -35.22 -27.52
N GLU G 72 -26.36 -35.61 -28.77
CA GLU G 72 -26.01 -37.00 -29.07
C GLU G 72 -24.61 -37.34 -28.63
N THR G 73 -23.67 -36.43 -28.87
CA THR G 73 -22.26 -36.67 -28.53
C THR G 73 -22.05 -36.67 -27.02
N THR G 74 -22.79 -35.81 -26.34
CA THR G 74 -22.72 -35.74 -24.87
C THR G 74 -23.03 -37.11 -24.23
N ARG G 75 -24.01 -37.83 -24.77
CA ARG G 75 -24.33 -39.20 -24.34
C ARG G 75 -23.08 -40.01 -24.01
N THR G 76 -22.13 -40.04 -24.95
CA THR G 76 -20.82 -40.69 -24.79
C THR G 76 -20.06 -40.17 -23.56
N VAL G 77 -19.98 -38.84 -23.44
CA VAL G 77 -19.33 -38.22 -22.27
C VAL G 77 -20.06 -38.53 -20.94
N LEU G 78 -21.38 -38.45 -20.92
CA LEU G 78 -22.15 -38.83 -19.72
C LEU G 78 -21.95 -40.31 -19.32
N ALA G 79 -21.93 -41.23 -20.29
CA ALA G 79 -21.73 -42.64 -19.96
C ALA G 79 -20.29 -42.88 -19.46
N ALA G 80 -19.31 -42.14 -20.01
CA ALA G 80 -17.92 -42.19 -19.53
C ALA G 80 -17.72 -41.63 -18.11
N ALA G 81 -18.22 -40.42 -17.90
CA ALA G 81 -18.26 -39.77 -16.57
C ALA G 81 -18.86 -40.68 -15.52
N ARG G 82 -19.97 -41.32 -15.86
CA ARG G 82 -20.63 -42.25 -14.93
C ARG G 82 -19.73 -43.41 -14.49
N GLU G 83 -18.99 -43.97 -15.43
CA GLU G 83 -18.11 -45.12 -15.17
C GLU G 83 -16.76 -44.74 -14.58
N ARG G 84 -16.35 -43.49 -14.77
CA ARG G 84 -15.16 -42.95 -14.12
C ARG G 84 -15.42 -42.52 -12.66
N GLY G 85 -16.69 -42.47 -12.22
CA GLY G 85 -17.03 -42.01 -10.88
C GLY G 85 -16.95 -40.49 -10.70
N TRP G 86 -17.13 -39.76 -11.79
CA TRP G 86 -17.07 -38.32 -11.73
C TRP G 86 -18.33 -37.73 -11.08
N ALA G 87 -18.18 -36.63 -10.31
CA ALA G 87 -19.34 -35.78 -9.99
C ALA G 87 -20.02 -35.37 -11.32
N VAL G 88 -21.34 -35.52 -11.39
CA VAL G 88 -22.10 -35.14 -12.56
C VAL G 88 -23.27 -34.27 -12.13
N ALA G 89 -23.39 -33.06 -12.72
CA ALA G 89 -24.52 -32.14 -12.53
C ALA G 89 -25.22 -31.75 -13.82
N HIS G 90 -26.55 -31.52 -13.72
CA HIS G 90 -27.46 -31.17 -14.85
C HIS G 90 -28.23 -29.93 -14.49
N SER G 91 -28.25 -28.90 -15.35
CA SER G 91 -29.06 -27.72 -15.04
C SER G 91 -30.35 -27.73 -15.80
N ARG G 92 -31.37 -27.08 -15.26
CA ARG G 92 -32.60 -26.83 -15.98
C ARG G 92 -33.08 -25.43 -15.67
N ILE G 93 -33.64 -24.77 -16.68
CA ILE G 93 -34.31 -23.51 -16.40
C ILE G 93 -35.71 -23.85 -15.93
N VAL G 94 -36.06 -23.31 -14.76
CA VAL G 94 -37.39 -23.45 -14.15
C VAL G 94 -37.78 -22.13 -13.46
N TYR G 95 -38.83 -21.50 -13.98
CA TYR G 95 -39.57 -20.46 -13.27
C TYR G 95 -40.79 -21.09 -12.53
N ALA G 96 -41.23 -20.43 -11.45
CA ALA G 96 -42.40 -20.83 -10.67
C ALA G 96 -43.69 -20.77 -11.49
N ASP G 97 -44.65 -21.65 -11.18
CA ASP G 97 -45.90 -21.84 -11.98
C ASP G 97 -46.81 -20.61 -12.02
N ASP G 98 -46.75 -19.78 -10.97
CA ASP G 98 -47.42 -18.49 -10.96
C ASP G 98 -46.58 -17.34 -11.50
N ASP G 99 -45.44 -17.66 -12.11
CA ASP G 99 -44.62 -16.59 -12.76
C ASP G 99 -43.98 -15.65 -11.72
N ALA G 100 -43.96 -16.05 -10.46
CA ALA G 100 -43.63 -15.16 -9.35
C ALA G 100 -42.17 -14.76 -9.34
N ASP G 101 -41.35 -15.51 -10.08
CA ASP G 101 -39.92 -15.27 -10.20
C ASP G 101 -39.53 -14.86 -11.62
N GLY G 102 -40.56 -14.58 -12.42
CA GLY G 102 -40.40 -13.91 -13.70
C GLY G 102 -39.46 -12.75 -13.47
N ASN G 103 -38.41 -12.66 -14.26
CA ASN G 103 -37.35 -11.68 -14.00
C ASN G 103 -36.92 -10.89 -15.24
N ILE G 104 -35.70 -10.37 -15.21
CA ILE G 104 -35.26 -9.50 -16.25
C ILE G 104 -35.02 -10.31 -17.48
N PHE G 105 -34.33 -11.44 -17.29
CA PHE G 105 -34.15 -12.44 -18.34
C PHE G 105 -35.45 -12.78 -19.08
N SER G 106 -36.55 -12.96 -18.37
CA SER G 106 -37.79 -13.35 -19.04
C SER G 106 -38.56 -12.15 -19.63
N ILE G 107 -38.11 -10.92 -19.38
CA ILE G 107 -38.57 -9.77 -20.15
C ILE G 107 -37.95 -9.84 -21.54
N LYS G 108 -36.62 -9.98 -21.58
CA LYS G 108 -35.85 -10.13 -22.86
C LYS G 108 -36.28 -11.35 -23.66
N VAL G 109 -36.32 -12.52 -23.02
CA VAL G 109 -36.72 -13.74 -23.69
C VAL G 109 -37.97 -14.40 -23.04
N PRO G 110 -39.17 -13.87 -23.30
CA PRO G 110 -40.37 -14.24 -22.53
C PRO G 110 -40.75 -15.69 -22.55
N GLY G 111 -40.26 -16.41 -23.56
CA GLY G 111 -40.55 -17.83 -23.65
C GLY G 111 -39.96 -18.62 -22.50
N MET G 112 -38.87 -18.12 -21.93
CA MET G 112 -38.23 -18.77 -20.81
C MET G 112 -39.21 -18.95 -19.62
N LEU G 113 -40.07 -17.94 -19.44
CA LEU G 113 -41.00 -17.86 -18.32
C LEU G 113 -41.95 -19.04 -18.38
N THR G 114 -42.09 -19.60 -19.58
CA THR G 114 -42.93 -20.78 -19.86
C THR G 114 -42.36 -22.14 -19.43
N LEU G 115 -41.09 -22.14 -19.03
CA LEU G 115 -40.45 -23.36 -18.58
C LEU G 115 -40.76 -23.61 -17.08
N LYS G 116 -41.93 -24.21 -16.83
CA LYS G 116 -42.36 -24.55 -15.49
C LYS G 116 -41.84 -25.95 -15.13
N GLU G 117 -41.82 -26.25 -13.84
CA GLU G 117 -41.18 -27.48 -13.34
C GLU G 117 -41.74 -28.73 -14.03
N HIS G 118 -43.03 -28.74 -14.32
CA HIS G 118 -43.66 -29.95 -14.91
C HIS G 118 -44.06 -29.76 -16.38
N ALA G 119 -43.76 -28.61 -16.97
CA ALA G 119 -43.82 -28.44 -18.42
C ALA G 119 -42.86 -29.47 -18.99
N PRO G 120 -43.32 -30.29 -19.95
CA PRO G 120 -42.32 -31.17 -20.63
C PRO G 120 -41.18 -30.38 -21.29
N ALA G 121 -41.45 -29.13 -21.67
CA ALA G 121 -40.46 -28.23 -22.29
C ALA G 121 -39.21 -27.99 -21.43
N SER G 122 -39.33 -28.07 -20.11
CA SER G 122 -38.22 -27.83 -19.19
C SER G 122 -37.56 -29.08 -18.65
N ALA G 123 -38.03 -30.26 -19.07
CA ALA G 123 -37.54 -31.52 -18.55
C ALA G 123 -36.30 -31.93 -19.32
N ILE G 124 -35.28 -32.44 -18.61
CA ILE G 124 -34.09 -33.03 -19.25
C ILE G 124 -34.45 -34.05 -20.35
N VAL G 125 -33.98 -33.81 -21.57
CA VAL G 125 -34.20 -34.76 -22.66
C VAL G 125 -33.85 -36.21 -22.23
N PRO G 126 -34.71 -37.20 -22.59
CA PRO G 126 -34.58 -38.57 -22.08
C PRO G 126 -33.25 -39.29 -22.36
N GLN G 127 -32.55 -38.87 -23.40
CA GLN G 127 -31.28 -39.49 -23.78
C GLN G 127 -30.14 -39.14 -22.80
N LEU G 128 -30.32 -38.04 -22.06
CA LEU G 128 -29.43 -37.61 -20.99
C LEU G 128 -30.10 -37.55 -19.58
N ALA G 129 -31.00 -38.46 -19.30
CA ALA G 129 -31.72 -38.45 -18.00
C ALA G 129 -30.77 -38.66 -16.80
N PRO G 130 -30.97 -37.90 -15.70
CA PRO G 130 -30.16 -38.05 -14.49
C PRO G 130 -30.21 -39.47 -13.90
N GLN G 131 -29.10 -39.87 -13.29
CA GLN G 131 -28.95 -41.20 -12.67
C GLN G 131 -28.83 -40.93 -11.17
N ALA G 132 -28.53 -41.94 -10.37
CA ALA G 132 -28.53 -41.77 -8.92
C ALA G 132 -27.30 -40.99 -8.53
N GLY G 133 -27.53 -39.93 -7.76
CA GLY G 133 -26.46 -39.14 -7.16
C GLY G 133 -25.98 -38.00 -8.04
N GLU G 134 -26.64 -37.80 -9.17
CA GLU G 134 -26.33 -36.70 -10.06
C GLU G 134 -27.25 -35.55 -9.72
N TYR G 135 -26.66 -34.37 -9.64
CA TYR G 135 -27.34 -33.27 -9.08
C TYR G 135 -28.04 -32.49 -10.16
N VAL G 136 -29.35 -32.30 -10.02
CA VAL G 136 -30.06 -31.45 -10.95
C VAL G 136 -30.20 -30.07 -10.36
N VAL G 137 -29.62 -29.07 -11.02
CA VAL G 137 -29.63 -27.68 -10.56
C VAL G 137 -30.72 -26.91 -11.32
N ARG G 138 -31.62 -26.25 -10.60
CA ARG G 138 -32.68 -25.42 -11.18
C ARG G 138 -32.36 -23.90 -11.09
N LYS G 139 -32.56 -23.21 -12.21
CA LYS G 139 -32.14 -21.82 -12.37
C LYS G 139 -33.17 -21.04 -13.17
N SER G 140 -33.21 -19.75 -12.91
CA SER G 140 -33.99 -18.82 -13.66
C SER G 140 -33.05 -17.77 -14.26
N THR G 141 -31.77 -18.13 -14.39
CA THR G 141 -30.79 -17.28 -15.09
C THR G 141 -29.91 -18.12 -16.01
N PRO G 142 -29.09 -17.46 -16.82
CA PRO G 142 -28.21 -18.19 -17.75
C PRO G 142 -27.20 -19.14 -17.10
N SER G 143 -26.50 -18.70 -16.07
CA SER G 143 -25.45 -19.53 -15.49
C SER G 143 -25.98 -20.52 -14.46
N ALA G 144 -25.45 -21.73 -14.52
CA ALA G 144 -25.81 -22.82 -13.63
C ALA G 144 -25.27 -22.58 -12.25
N PHE G 145 -24.33 -21.66 -12.14
CA PHE G 145 -23.76 -21.27 -10.87
C PHE G 145 -24.47 -20.05 -10.20
N TYR G 146 -25.19 -19.23 -10.98
CA TYR G 146 -25.79 -18.02 -10.43
C TYR G 146 -27.07 -18.30 -9.68
N GLY G 147 -27.02 -18.12 -8.37
CA GLY G 147 -28.18 -18.29 -7.54
C GLY G 147 -28.42 -19.73 -7.20
N THR G 148 -27.39 -20.55 -7.31
CA THR G 148 -27.53 -22.01 -7.12
C THR G 148 -26.50 -22.59 -6.16
N MET G 149 -26.54 -23.89 -5.95
CA MET G 149 -25.61 -24.49 -5.02
C MET G 149 -24.43 -25.14 -5.76
N LEU G 150 -24.29 -24.83 -7.05
CA LEU G 150 -23.38 -25.58 -7.90
C LEU G 150 -21.94 -25.54 -7.36
N ALA G 151 -21.46 -24.33 -7.16
CA ALA G 151 -20.13 -24.06 -6.65
C ALA G 151 -19.87 -24.78 -5.33
N ALA G 152 -20.85 -24.74 -4.43
CA ALA G 152 -20.79 -25.44 -3.14
C ALA G 152 -20.80 -26.96 -3.34
N TRP G 153 -21.47 -27.39 -4.38
CA TRP G 153 -21.64 -28.78 -4.67
C TRP G 153 -20.33 -29.38 -5.17
N LEU G 154 -19.71 -28.68 -6.11
CA LEU G 154 -18.42 -29.06 -6.67
C LEU G 154 -17.30 -28.85 -5.68
N ALA G 155 -17.37 -27.82 -4.86
CA ALA G 155 -16.31 -27.55 -3.87
C ALA G 155 -16.25 -28.68 -2.86
N GLN G 156 -17.42 -29.16 -2.44
CA GLN G 156 -17.53 -30.24 -1.45
C GLN G 156 -16.95 -31.52 -2.00
N ARG G 157 -17.04 -31.67 -3.31
CA ARG G 157 -16.56 -32.86 -3.96
C ARG G 157 -15.10 -32.68 -4.34
N GLY G 158 -14.54 -31.52 -4.02
CA GLY G 158 -13.15 -31.22 -4.31
C GLY G 158 -12.82 -31.28 -5.79
N VAL G 159 -13.81 -30.96 -6.63
CA VAL G 159 -13.63 -31.04 -8.09
C VAL G 159 -12.75 -29.91 -8.54
N GLN G 160 -11.79 -30.22 -9.43
CA GLN G 160 -10.85 -29.22 -9.93
C GLN G 160 -11.11 -28.85 -11.36
N THR G 161 -11.40 -29.83 -12.19
CA THR G 161 -11.68 -29.55 -13.58
C THR G 161 -13.13 -29.89 -13.87
N LEU G 162 -13.85 -28.97 -14.50
CA LEU G 162 -15.28 -29.13 -14.78
C LEU G 162 -15.50 -29.17 -16.31
N LEU G 163 -15.84 -30.36 -16.83
CA LEU G 163 -16.17 -30.49 -18.24
C LEU G 163 -17.56 -29.90 -18.44
N VAL G 164 -17.77 -29.23 -19.56
CA VAL G 164 -19.07 -28.58 -19.82
C VAL G 164 -19.63 -28.95 -21.17
N ALA G 165 -20.77 -29.65 -21.18
CA ALA G 165 -21.61 -29.81 -22.37
C ALA G 165 -22.94 -29.06 -22.13
N GLY G 166 -23.71 -28.78 -23.19
CA GLY G 166 -25.05 -28.17 -22.97
C GLY G 166 -25.57 -27.21 -24.02
N ALA G 167 -26.44 -26.29 -23.61
CA ALA G 167 -27.06 -25.36 -24.56
C ALA G 167 -27.52 -24.09 -23.86
N THR G 168 -27.50 -22.91 -24.52
CA THR G 168 -26.89 -22.69 -25.80
C THR G 168 -25.49 -22.13 -25.68
N THR G 169 -24.66 -22.36 -26.69
CA THR G 169 -23.24 -22.06 -26.55
C THR G 169 -23.07 -20.60 -26.13
N SER G 170 -23.86 -19.75 -26.75
CA SER G 170 -23.75 -18.33 -26.57
C SER G 170 -24.73 -17.81 -25.54
N GLY G 171 -25.26 -18.72 -24.72
CA GLY G 171 -26.16 -18.35 -23.65
C GLY G 171 -25.75 -18.98 -22.33
N VAL G 173 -24.44 -21.94 -21.47
CA VAL G 173 -23.12 -22.58 -21.44
C VAL G 173 -22.01 -21.58 -21.15
N ARG G 174 -21.94 -20.56 -21.99
CA ARG G 174 -20.92 -19.51 -21.81
C ARG G 174 -21.00 -18.89 -20.43
N ALA G 175 -22.24 -18.66 -19.99
CA ALA G 175 -22.52 -17.95 -18.73
C ALA G 175 -22.01 -18.86 -17.67
N SER G 176 -22.40 -20.14 -17.75
CA SER G 176 -21.89 -21.17 -16.84
C SER G 176 -20.37 -21.38 -16.87
N VAL G 177 -19.73 -21.21 -18.01
CA VAL G 177 -18.26 -21.40 -18.10
C VAL G 177 -17.50 -20.27 -17.39
N VAL G 178 -17.89 -19.05 -17.71
CA VAL G 178 -17.32 -17.89 -17.06
C VAL G 178 -17.41 -18.01 -15.53
N ASP G 179 -18.61 -18.27 -15.02
CA ASP G 179 -18.83 -18.57 -13.61
C ASP G 179 -18.07 -19.76 -13.09
N ALA G 180 -17.98 -20.85 -13.83
CA ALA G 180 -17.14 -21.97 -13.35
C ALA G 180 -15.69 -21.51 -13.18
N MET G 181 -15.13 -20.85 -14.19
CA MET G 181 -13.75 -20.30 -14.05
C MET G 181 -13.64 -19.35 -12.85
N SER G 182 -14.64 -18.45 -12.73
CA SER G 182 -14.66 -17.48 -11.66
C SER G 182 -14.72 -18.13 -10.27
N ALA G 183 -15.45 -19.24 -10.16
CA ALA G 183 -15.63 -19.98 -8.94
C ALA G 183 -14.43 -20.83 -8.55
N GLY G 184 -13.41 -20.89 -9.41
CA GLY G 184 -12.16 -21.59 -9.06
C GLY G 184 -11.92 -22.96 -9.69
N PHE G 185 -12.77 -23.36 -10.62
CA PHE G 185 -12.56 -24.60 -11.35
C PHE G 185 -12.10 -24.33 -12.75
N ARG G 186 -11.35 -25.27 -13.29
CA ARG G 186 -10.85 -25.25 -14.67
C ARG G 186 -11.92 -25.75 -15.63
N PRO G 187 -12.53 -24.85 -16.43
CA PRO G 187 -13.49 -25.32 -17.42
C PRO G 187 -12.83 -25.98 -18.62
N LEU G 188 -13.27 -27.18 -18.94
CA LEU G 188 -12.93 -27.83 -20.19
C LEU G 188 -14.21 -27.88 -21.02
N VAL G 189 -14.33 -26.96 -21.97
CA VAL G 189 -15.48 -26.89 -22.86
C VAL G 189 -15.38 -27.95 -23.97
N LEU G 190 -16.36 -28.86 -24.02
CA LEU G 190 -16.48 -29.87 -25.08
C LEU G 190 -17.17 -29.27 -26.35
N SER G 191 -16.38 -28.81 -27.32
CA SER G 191 -16.86 -28.15 -28.53
C SER G 191 -17.89 -28.88 -29.39
N ASP G 192 -17.91 -30.20 -29.30
CA ASP G 192 -18.93 -31.02 -29.96
C ASP G 192 -20.03 -31.50 -28.98
N CYS G 193 -20.06 -30.99 -27.75
CA CYS G 193 -21.18 -31.24 -26.82
C CYS G 193 -21.84 -29.95 -26.35
N VAL G 194 -21.58 -28.86 -27.07
CA VAL G 194 -22.22 -27.62 -26.80
C VAL G 194 -22.92 -27.16 -28.10
N GLY G 195 -24.09 -26.54 -27.95
CA GLY G 195 -24.91 -26.28 -29.10
C GLY G 195 -25.67 -24.99 -29.02
N ASP G 196 -25.92 -24.39 -30.18
CA ASP G 196 -26.65 -23.17 -30.29
C ASP G 196 -27.56 -23.29 -31.48
N ARG G 197 -28.49 -22.35 -31.58
CA ARG G 197 -29.45 -22.31 -32.66
C ARG G 197 -28.95 -21.51 -33.84
N ALA G 198 -27.86 -20.77 -33.64
CA ALA G 198 -27.22 -20.02 -34.69
C ALA G 198 -25.76 -20.36 -34.55
N LEU G 199 -25.16 -20.69 -35.68
CA LEU G 199 -23.78 -21.18 -35.71
C LEU G 199 -22.72 -20.07 -35.51
N GLY G 200 -22.99 -18.88 -36.05
CA GLY G 200 -22.10 -17.73 -35.85
C GLY G 200 -21.84 -17.42 -34.38
N PRO G 201 -22.90 -17.15 -33.61
CA PRO G 201 -22.74 -17.02 -32.16
C PRO G 201 -22.08 -18.24 -31.49
N HIS G 202 -22.51 -19.45 -31.80
CA HIS G 202 -21.82 -20.64 -31.29
C HIS G 202 -20.29 -20.42 -31.43
N GLU G 203 -19.87 -20.15 -32.65
CA GLU G 203 -18.46 -20.13 -32.97
C GLU G 203 -17.76 -18.90 -32.44
N ALA G 204 -18.46 -17.76 -32.43
CA ALA G 204 -17.90 -16.58 -31.80
C ALA G 204 -17.66 -16.78 -30.28
N ASN G 205 -18.53 -17.56 -29.60
CA ASN G 205 -18.39 -17.78 -28.18
C ASN G 205 -17.37 -18.83 -27.81
N LEU G 206 -17.19 -19.81 -28.68
CA LEU G 206 -16.13 -20.77 -28.44
C LEU G 206 -14.80 -20.06 -28.56
N PHE G 207 -14.69 -19.04 -29.41
CA PHE G 207 -13.48 -18.24 -29.51
C PHE G 207 -13.15 -17.51 -28.22
N ASP G 208 -14.14 -16.82 -27.66
CA ASP G 208 -13.95 -16.07 -26.44
C ASP G 208 -13.52 -17.02 -25.33
N MET G 209 -14.21 -18.14 -25.20
CA MET G 209 -13.96 -19.09 -24.12
C MET G 209 -12.56 -19.66 -24.25
N ARG G 210 -12.17 -19.95 -25.48
CA ARG G 210 -10.82 -20.47 -25.80
C ARG G 210 -9.74 -19.41 -25.47
N GLN G 211 -10.09 -18.17 -25.63
CA GLN G 211 -9.05 -17.18 -25.50
C GLN G 211 -8.92 -16.71 -24.04
N LYS G 212 -9.97 -16.89 -23.25
CA LYS G 212 -10.03 -16.24 -21.95
C LYS G 212 -10.44 -17.11 -20.80
N TYR G 213 -11.29 -18.12 -21.02
CA TYR G 213 -11.95 -18.80 -19.92
C TYR G 213 -11.77 -20.31 -19.77
N ALA G 214 -11.32 -21.03 -20.79
CA ALA G 214 -11.40 -22.49 -20.78
C ALA G 214 -10.35 -23.21 -21.56
N ALA G 215 -10.12 -24.48 -21.21
CA ALA G 215 -9.61 -25.41 -22.18
C ALA G 215 -10.81 -25.79 -23.04
N VAL G 216 -10.55 -26.01 -24.32
CA VAL G 216 -11.61 -26.23 -25.32
C VAL G 216 -11.14 -27.33 -26.28
N MET G 217 -11.87 -28.42 -26.29
CA MET G 217 -11.50 -29.55 -27.11
C MET G 217 -12.69 -30.47 -27.36
N THR G 218 -12.53 -31.33 -28.36
CA THR G 218 -13.56 -32.28 -28.67
C THR G 218 -13.60 -33.35 -27.58
N HIS G 219 -14.74 -34.03 -27.48
CA HIS G 219 -14.94 -35.08 -26.49
C HIS G 219 -13.93 -36.25 -26.59
N ASP G 220 -13.47 -36.62 -27.78
CA ASP G 220 -12.49 -37.71 -27.87
C ASP G 220 -11.23 -37.30 -27.13
N GLU G 221 -10.72 -36.10 -27.40
CA GLU G 221 -9.60 -35.53 -26.64
C GLU G 221 -9.86 -35.43 -25.14
N ALA G 222 -10.99 -34.84 -24.79
CA ALA G 222 -11.30 -34.66 -23.39
C ALA G 222 -11.18 -36.00 -22.66
N LEU G 223 -11.87 -37.01 -23.18
CA LEU G 223 -11.88 -38.32 -22.54
C LEU G 223 -10.50 -38.99 -22.51
N ALA G 224 -9.72 -38.83 -23.57
CA ALA G 224 -8.41 -39.48 -23.65
C ALA G 224 -7.43 -38.87 -22.65
N LYS G 225 -7.56 -37.56 -22.39
CA LYS G 225 -6.64 -36.81 -21.55
C LYS G 225 -6.97 -36.80 -20.06
N THR G 226 -8.14 -37.35 -19.69
CA THR G 226 -8.70 -37.21 -18.34
C THR G 226 -8.98 -38.54 -17.63
N SER H 29 49.11 -3.59 15.33
CA SER H 29 49.12 -2.15 14.91
C SER H 29 47.91 -1.38 15.43
N TYR H 30 46.74 -2.00 15.37
CA TYR H 30 45.50 -1.45 15.95
C TYR H 30 45.65 -1.25 17.46
N GLU H 31 46.24 -2.23 18.12
CA GLU H 31 46.56 -2.15 19.56
C GLU H 31 47.50 -0.97 19.89
N ARG H 32 48.63 -0.89 19.20
CA ARG H 32 49.69 0.11 19.48
C ARG H 32 49.28 1.55 19.08
N GLN H 33 48.27 1.69 18.22
CA GLN H 33 47.85 3.00 17.74
C GLN H 33 46.52 3.50 18.34
N GLY H 34 46.02 2.79 19.35
CA GLY H 34 44.86 3.22 20.14
C GLY H 34 43.45 2.85 19.67
N PHE H 35 43.37 2.03 18.62
CA PHE H 35 42.11 1.53 18.08
C PHE H 35 41.36 0.61 19.07
N GLY H 36 40.07 0.41 18.82
CA GLY H 36 39.26 -0.54 19.60
C GLY H 36 38.92 -0.14 21.03
N ALA H 37 39.06 1.16 21.36
CA ALA H 37 38.68 1.63 22.67
C ALA H 37 37.20 1.33 22.86
N ALA H 38 36.83 1.05 24.10
CA ALA H 38 35.46 0.73 24.44
C ALA H 38 34.62 1.97 24.14
N LEU H 39 33.37 1.72 23.77
CA LEU H 39 32.38 2.75 23.55
C LEU H 39 31.30 2.56 24.62
N PRO H 40 31.32 3.41 25.64
CA PRO H 40 30.33 3.24 26.71
C PRO H 40 28.90 3.40 26.21
N LEU H 41 27.98 2.60 26.76
CA LEU H 41 26.56 2.65 26.39
C LEU H 41 25.81 3.70 27.21
N LYS H 42 25.04 4.54 26.50
CA LYS H 42 24.29 5.63 27.08
C LYS H 42 22.84 5.67 26.53
N ALA H 43 21.86 5.57 27.45
CA ALA H 43 20.43 5.84 27.19
C ALA H 43 20.22 7.27 26.77
N PRO H 44 19.12 7.56 26.07
CA PRO H 44 18.08 6.65 25.60
C PRO H 44 18.56 5.75 24.52
N TYR H 45 17.92 4.60 24.40
CA TYR H 45 18.30 3.64 23.42
C TYR H 45 17.27 3.60 22.27
N GLY H 46 17.77 3.28 21.07
CA GLY H 46 16.95 3.00 19.93
C GLY H 46 17.42 1.70 19.28
N LEU H 47 16.58 1.14 18.43
CA LEU H 47 16.97 -0.05 17.68
C LEU H 47 16.65 0.25 16.23
N LEU H 48 17.61 -0.09 15.36
CA LEU H 48 17.51 -0.03 13.87
C LEU H 48 17.69 -1.45 13.31
N ILE H 49 16.71 -1.97 12.59
CA ILE H 49 16.85 -3.26 11.95
C ILE H 49 17.06 -2.92 10.46
N VAL H 50 18.17 -3.33 9.85
CA VAL H 50 18.42 -2.92 8.45
C VAL H 50 18.21 -4.01 7.41
N ASP H 51 17.22 -3.76 6.58
CA ASP H 51 16.94 -4.54 5.41
C ASP H 51 16.71 -6.01 5.73
N PHE H 52 16.06 -6.30 6.82
CA PHE H 52 15.54 -7.65 7.01
C PHE H 52 14.21 -7.84 6.26
N VAL H 53 14.34 -7.96 4.95
CA VAL H 53 13.26 -8.03 4.04
C VAL H 53 13.36 -9.34 3.26
N ASN H 54 12.20 -9.80 2.76
CA ASN H 54 12.07 -11.14 2.16
C ASN H 54 13.14 -11.49 1.15
N GLY H 55 13.48 -10.53 0.29
CA GLY H 55 14.58 -10.73 -0.65
C GLY H 55 15.91 -11.11 -0.03
N PHE H 56 16.18 -10.54 1.15
CA PHE H 56 17.40 -10.80 1.86
C PHE H 56 17.27 -12.04 2.74
N ALA H 57 16.04 -12.46 3.04
CA ALA H 57 15.82 -13.73 3.75
C ALA H 57 15.89 -14.91 2.79
N ASP H 58 15.80 -14.63 1.50
CA ASP H 58 15.70 -15.68 0.48
C ASP H 58 17.03 -16.01 -0.21
N PRO H 59 17.58 -17.21 0.07
CA PRO H 59 18.86 -17.56 -0.53
C PRO H 59 18.90 -17.52 -2.07
N ALA H 60 17.74 -17.61 -2.73
CA ALA H 60 17.66 -17.48 -4.21
C ALA H 60 17.78 -16.03 -4.76
N GLN H 61 17.52 -15.03 -3.94
CA GLN H 61 17.65 -13.66 -4.42
C GLN H 61 18.87 -12.98 -3.76
N PHE H 62 18.80 -12.58 -2.50
CA PHE H 62 19.93 -11.91 -1.85
C PHE H 62 20.31 -12.50 -0.50
N GLY H 63 19.66 -13.58 -0.12
CA GLY H 63 19.91 -14.18 1.18
C GLY H 63 21.03 -15.18 1.18
N GLY H 64 21.10 -15.96 2.25
CA GLY H 64 22.11 -17.01 2.40
C GLY H 64 22.99 -16.82 3.61
N GLY H 65 24.11 -17.54 3.66
CA GLY H 65 25.06 -17.45 4.77
C GLY H 65 24.41 -17.56 6.14
N ASN H 66 24.64 -16.60 7.01
CA ASN H 66 24.08 -16.66 8.38
C ASN H 66 22.92 -15.66 8.61
N ILE H 67 22.25 -15.25 7.55
CA ILE H 67 21.16 -14.23 7.64
C ILE H 67 19.87 -14.74 8.33
N ALA H 68 19.44 -15.96 8.00
CA ALA H 68 18.23 -16.50 8.60
C ALA H 68 18.34 -16.53 10.11
N ALA H 69 19.52 -16.84 10.61
CA ALA H 69 19.76 -16.87 12.06
C ALA H 69 19.76 -15.46 12.70
N ALA H 70 20.27 -14.48 11.96
CA ALA H 70 20.23 -13.11 12.47
C ALA H 70 18.76 -12.66 12.61
N ILE H 71 17.94 -12.97 11.63
CA ILE H 71 16.51 -12.56 11.71
C ILE H 71 15.84 -13.15 12.93
N GLU H 72 16.07 -14.42 13.23
CA GLU H 72 15.38 -15.02 14.36
C GLU H 72 15.85 -14.45 15.66
N THR H 73 17.13 -14.20 15.76
CA THR H 73 17.69 -13.68 16.98
C THR H 73 17.13 -12.25 17.14
N THR H 74 16.98 -11.53 16.03
CA THR H 74 16.52 -10.15 16.09
C THR H 74 15.11 -10.08 16.73
N ARG H 75 14.35 -11.16 16.59
CA ARG H 75 13.00 -11.22 17.15
C ARG H 75 13.08 -10.93 18.63
N THR H 76 14.09 -11.55 19.26
CA THR H 76 14.36 -11.37 20.68
C THR H 76 14.67 -9.92 20.98
N VAL H 77 15.39 -9.24 20.13
CA VAL H 77 15.78 -7.88 20.40
C VAL H 77 14.59 -6.93 20.24
N LEU H 78 13.76 -7.20 19.24
CA LEU H 78 12.63 -6.31 18.86
C LEU H 78 11.55 -6.38 19.92
N ALA H 79 11.35 -7.56 20.48
CA ALA H 79 10.39 -7.82 21.55
C ALA H 79 10.80 -7.01 22.78
N ALA H 80 12.10 -7.08 23.11
CA ALA H 80 12.65 -6.35 24.26
C ALA H 80 12.44 -4.86 24.15
N ALA H 81 12.69 -4.35 22.96
CA ALA H 81 12.70 -2.93 22.71
C ALA H 81 11.29 -2.41 22.82
N ARG H 82 10.35 -3.17 22.27
CA ARG H 82 8.95 -2.81 22.35
C ARG H 82 8.54 -2.74 23.80
N GLU H 83 8.84 -3.78 24.57
CA GLU H 83 8.57 -3.81 26.02
C GLU H 83 9.20 -2.65 26.81
N ARG H 84 10.48 -2.35 26.52
CA ARG H 84 11.21 -1.28 27.21
C ARG H 84 10.87 0.12 26.72
N GLY H 85 10.11 0.24 25.62
CA GLY H 85 9.64 1.56 25.15
C GLY H 85 10.56 2.28 24.16
N TRP H 86 11.59 1.59 23.68
CA TRP H 86 12.59 2.24 22.85
C TRP H 86 12.08 2.62 21.49
N ALA H 87 12.80 3.53 20.86
CA ALA H 87 12.49 3.94 19.52
C ALA H 87 12.99 2.84 18.61
N VAL H 88 12.14 2.40 17.70
CA VAL H 88 12.50 1.30 16.82
C VAL H 88 12.28 1.76 15.39
N ALA H 89 13.26 1.48 14.52
CA ALA H 89 13.17 1.85 13.13
C ALA H 89 13.61 0.68 12.29
N HIS H 90 12.92 0.49 11.17
CA HIS H 90 13.19 -0.63 10.23
C HIS H 90 13.53 0.01 8.89
N SER H 91 14.58 -0.42 8.20
CA SER H 91 14.87 0.11 6.86
C SER H 91 14.51 -0.87 5.77
N ARG H 92 14.26 -0.34 4.59
CA ARG H 92 13.98 -1.16 3.46
C ARG H 92 14.63 -0.58 2.24
N ILE H 93 15.09 -1.44 1.35
CA ILE H 93 15.58 -0.94 0.08
C ILE H 93 14.42 -0.84 -0.88
N VAL H 94 14.17 0.35 -1.41
CA VAL H 94 13.08 0.53 -2.35
C VAL H 94 13.44 1.46 -3.49
N TYR H 95 13.47 0.91 -4.71
CA TYR H 95 13.56 1.67 -5.95
C TYR H 95 12.18 1.87 -6.62
N ALA H 96 12.07 2.95 -7.40
CA ALA H 96 10.87 3.25 -8.19
C ALA H 96 10.51 2.13 -9.16
N ASP H 97 9.19 1.93 -9.32
CA ASP H 97 8.63 0.97 -10.27
C ASP H 97 9.15 1.13 -11.69
N ASP H 98 9.35 2.37 -12.12
CA ASP H 98 9.86 2.63 -13.48
C ASP H 98 11.38 2.83 -13.55
N ASP H 99 12.09 2.48 -12.47
CA ASP H 99 13.56 2.59 -12.38
C ASP H 99 14.06 4.02 -12.41
N ALA H 100 13.19 4.96 -12.08
CA ALA H 100 13.54 6.38 -12.22
C ALA H 100 14.75 6.71 -11.32
N ASP H 101 14.88 6.02 -10.18
CA ASP H 101 15.94 6.29 -9.21
C ASP H 101 16.98 5.21 -9.26
N GLY H 102 17.00 4.45 -10.35
CA GLY H 102 18.10 3.55 -10.64
C GLY H 102 19.40 4.33 -10.56
N ASN H 103 20.39 3.79 -9.86
CA ASN H 103 21.54 4.57 -9.41
C ASN H 103 22.90 3.86 -9.60
N ILE H 104 23.96 4.36 -8.98
CA ILE H 104 25.23 3.69 -9.20
C ILE H 104 25.20 2.33 -8.52
N PHE H 105 24.72 2.30 -7.28
CA PHE H 105 24.54 1.06 -6.51
C PHE H 105 23.82 0.01 -7.33
N SER H 106 22.73 0.39 -7.98
CA SER H 106 21.96 -0.54 -8.85
C SER H 106 22.70 -0.95 -10.14
N ILE H 107 23.78 -0.22 -10.50
CA ILE H 107 24.64 -0.70 -11.60
C ILE H 107 25.56 -1.87 -11.18
N LYS H 108 26.17 -1.78 -10.00
CA LYS H 108 27.05 -2.84 -9.51
C LYS H 108 26.26 -4.01 -9.08
N VAL H 109 25.08 -3.74 -8.52
CA VAL H 109 24.19 -4.77 -8.03
C VAL H 109 22.80 -4.64 -8.66
N PRO H 110 22.64 -5.04 -9.93
CA PRO H 110 21.41 -4.77 -10.68
C PRO H 110 20.13 -5.36 -10.08
N GLY H 111 20.24 -6.44 -9.30
CA GLY H 111 19.07 -6.98 -8.59
C GLY H 111 18.47 -6.03 -7.55
N MET H 112 19.25 -5.12 -7.00
CA MET H 112 18.67 -4.14 -6.05
C MET H 112 17.52 -3.37 -6.72
N LEU H 113 17.59 -3.20 -8.04
CA LEU H 113 16.51 -2.55 -8.78
C LEU H 113 15.18 -3.25 -8.56
N THR H 114 15.20 -4.57 -8.56
CA THR H 114 13.98 -5.37 -8.55
C THR H 114 13.16 -5.19 -7.26
N LEU H 115 13.73 -4.51 -6.26
CA LEU H 115 13.06 -4.26 -5.00
C LEU H 115 12.15 -2.99 -5.09
N LYS H 116 11.04 -3.16 -5.80
CA LYS H 116 10.01 -2.14 -5.87
C LYS H 116 9.17 -2.18 -4.61
N GLU H 117 8.52 -1.05 -4.34
CA GLU H 117 7.69 -0.83 -3.14
C GLU H 117 6.74 -1.95 -2.82
N HIS H 118 6.08 -2.46 -3.86
CA HIS H 118 5.07 -3.48 -3.68
C HIS H 118 5.52 -4.86 -4.21
N ALA H 119 6.80 -5.02 -4.52
CA ALA H 119 7.35 -6.34 -4.77
C ALA H 119 7.48 -7.02 -3.40
N PRO H 120 7.01 -8.26 -3.28
CA PRO H 120 7.15 -8.93 -1.99
C PRO H 120 8.60 -9.00 -1.46
N ALA H 121 9.60 -9.00 -2.34
CA ALA H 121 11.02 -9.00 -1.97
C ALA H 121 11.45 -7.75 -1.15
N SER H 122 10.80 -6.61 -1.35
CA SER H 122 11.14 -5.45 -0.55
C SER H 122 10.47 -5.40 0.81
N ALA H 123 9.46 -6.23 1.06
CA ALA H 123 8.71 -6.15 2.29
C ALA H 123 9.53 -6.71 3.49
N ILE H 124 9.35 -6.08 4.66
CA ILE H 124 9.98 -6.57 5.88
C ILE H 124 9.50 -7.99 6.09
N VAL H 125 10.41 -8.88 6.49
CA VAL H 125 10.02 -10.25 6.78
C VAL H 125 8.89 -10.25 7.89
N PRO H 126 7.85 -11.12 7.78
CA PRO H 126 6.68 -11.15 8.68
C PRO H 126 6.97 -11.31 10.19
N GLN H 127 8.09 -11.99 10.50
CA GLN H 127 8.54 -12.32 11.87
C GLN H 127 8.97 -11.08 12.67
N LEU H 128 9.21 -10.02 11.92
CA LEU H 128 9.72 -8.74 12.40
C LEU H 128 8.77 -7.61 11.90
N ALA H 129 7.51 -7.94 11.62
CA ALA H 129 6.54 -6.93 11.21
C ALA H 129 6.57 -5.73 12.16
N PRO H 130 6.60 -4.52 11.62
CA PRO H 130 6.52 -3.26 12.38
C PRO H 130 5.23 -3.12 13.17
N GLN H 131 5.26 -2.43 14.31
CA GLN H 131 4.05 -1.99 15.00
C GLN H 131 3.91 -0.47 14.83
N ALA H 132 2.75 0.03 15.20
CA ALA H 132 2.48 1.45 15.29
C ALA H 132 3.60 2.11 16.06
N GLY H 133 4.11 3.20 15.52
CA GLY H 133 5.09 4.02 16.17
C GLY H 133 6.51 3.75 15.71
N GLU H 134 6.69 2.61 15.01
CA GLU H 134 7.99 2.22 14.55
C GLU H 134 8.17 2.75 13.13
N TYR H 135 9.27 3.47 12.91
CA TYR H 135 9.52 4.13 11.62
C TYR H 135 10.03 3.16 10.57
N VAL H 136 9.38 3.11 9.42
CA VAL H 136 9.93 2.34 8.29
C VAL H 136 10.65 3.30 7.38
N VAL H 137 11.98 3.18 7.34
CA VAL H 137 12.82 4.05 6.54
C VAL H 137 13.09 3.45 5.15
N ARG H 138 12.68 4.14 4.07
CA ARG H 138 13.00 3.64 2.73
C ARG H 138 14.31 4.23 2.19
N LYS H 139 15.14 3.41 1.57
CA LYS H 139 16.46 3.87 1.08
C LYS H 139 16.75 3.24 -0.29
N SER H 140 17.52 3.94 -1.13
CA SER H 140 18.01 3.40 -2.38
C SER H 140 19.52 3.31 -2.36
N THR H 141 20.11 3.28 -1.17
CA THR H 141 21.56 3.09 -1.07
C THR H 141 21.91 2.22 0.11
N PRO H 142 23.19 1.89 0.29
CA PRO H 142 23.53 1.05 1.41
C PRO H 142 23.01 1.48 2.77
N SER H 143 23.28 2.70 3.15
CA SER H 143 23.07 3.16 4.54
C SER H 143 21.64 3.63 4.84
N ALA H 144 21.17 3.40 6.04
CA ALA H 144 19.81 3.72 6.39
C ALA H 144 19.67 5.20 6.66
N PHE H 145 20.80 5.87 6.81
CA PHE H 145 20.81 7.27 7.07
C PHE H 145 20.87 8.09 5.81
N TYR H 146 21.37 7.51 4.72
CA TYR H 146 21.78 8.33 3.56
C TYR H 146 20.58 8.67 2.73
N GLY H 147 20.35 9.95 2.55
CA GLY H 147 19.23 10.37 1.77
C GLY H 147 17.92 9.97 2.43
N THR H 148 17.95 9.90 3.76
CA THR H 148 16.77 9.57 4.53
C THR H 148 16.60 10.48 5.73
N MET H 149 15.51 10.29 6.45
CA MET H 149 15.21 11.16 7.60
C MET H 149 15.64 10.48 8.90
N LEU H 150 16.46 9.44 8.81
CA LEU H 150 16.74 8.61 10.01
C LEU H 150 17.46 9.35 11.09
N ALA H 151 18.42 10.20 10.74
CA ALA H 151 19.15 10.97 11.74
C ALA H 151 18.22 11.94 12.47
N ALA H 152 17.44 12.70 11.71
CA ALA H 152 16.47 13.69 12.26
C ALA H 152 15.44 12.99 13.16
N TRP H 153 15.08 11.78 12.79
CA TRP H 153 14.01 11.07 13.46
C TRP H 153 14.51 10.63 14.80
N LEU H 154 15.72 10.07 14.81
CA LEU H 154 16.40 9.72 16.05
C LEU H 154 16.80 10.95 16.87
N ALA H 155 17.27 12.01 16.21
CA ALA H 155 17.64 13.25 16.96
C ALA H 155 16.45 13.83 17.76
N GLN H 156 15.29 13.90 17.10
CA GLN H 156 14.08 14.44 17.71
C GLN H 156 13.73 13.64 18.93
N ARG H 157 14.05 12.36 18.92
CA ARG H 157 13.87 11.50 20.07
C ARG H 157 15.03 11.47 21.07
N GLY H 158 16.13 12.14 20.77
CA GLY H 158 17.24 12.24 21.73
C GLY H 158 17.90 10.93 22.07
N VAL H 159 17.78 9.99 21.14
CA VAL H 159 18.48 8.71 21.20
C VAL H 159 19.95 9.00 21.27
N GLN H 160 20.65 8.28 22.14
CA GLN H 160 22.10 8.40 22.33
C GLN H 160 22.90 7.19 21.83
N THR H 161 22.37 5.99 22.09
CA THR H 161 22.97 4.75 21.63
C THR H 161 21.96 3.99 20.77
N LEU H 162 22.41 3.56 19.58
CA LEU H 162 21.59 2.88 18.61
C LEU H 162 22.08 1.47 18.44
N LEU H 163 21.26 0.53 18.90
CA LEU H 163 21.46 -0.90 18.67
C LEU H 163 21.17 -1.20 17.24
N VAL H 164 21.95 -2.05 16.58
CA VAL H 164 21.76 -2.26 15.12
C VAL H 164 21.71 -3.74 14.82
N ALA H 165 20.68 -4.16 14.09
CA ALA H 165 20.56 -5.50 13.55
C ALA H 165 20.38 -5.40 12.02
N GLY H 166 20.50 -6.52 11.28
CA GLY H 166 20.21 -6.47 9.84
C GLY H 166 21.11 -7.26 8.92
N ALA H 167 20.94 -7.02 7.64
CA ALA H 167 21.73 -7.65 6.58
C ALA H 167 22.07 -6.53 5.62
N THR H 168 23.23 -6.59 4.93
CA THR H 168 24.29 -7.56 5.17
C THR H 168 25.38 -6.92 6.01
N THR H 169 25.96 -7.68 6.93
CA THR H 169 27.05 -7.18 7.78
C THR H 169 28.00 -6.27 7.00
N SER H 170 28.52 -6.81 5.90
CA SER H 170 29.52 -6.14 5.07
C SER H 170 28.92 -5.19 4.03
N GLY H 171 27.61 -4.95 4.11
CA GLY H 171 26.90 -4.09 3.17
C GLY H 171 26.21 -3.00 3.94
N VAL H 173 24.61 -2.99 6.78
CA VAL H 173 24.75 -2.86 8.22
C VAL H 173 25.93 -1.94 8.41
N ARG H 174 27.08 -2.33 7.90
CA ARG H 174 28.24 -1.51 8.11
C ARG H 174 27.99 -0.11 7.63
N ALA H 175 27.30 0.07 6.50
CA ALA H 175 27.15 1.43 5.97
C ALA H 175 26.30 2.23 6.97
N SER H 176 25.36 1.56 7.61
CA SER H 176 24.49 2.25 8.54
C SER H 176 25.23 2.56 9.82
N VAL H 177 26.04 1.63 10.29
CA VAL H 177 26.84 1.76 11.49
C VAL H 177 27.78 2.94 11.40
N VAL H 178 28.51 3.04 10.30
CA VAL H 178 29.46 4.11 10.10
C VAL H 178 28.69 5.43 10.06
N ASP H 179 27.55 5.46 9.39
CA ASP H 179 26.73 6.68 9.41
C ASP H 179 26.18 7.03 10.79
N ALA H 180 25.64 6.03 11.51
CA ALA H 180 25.12 6.24 12.88
C ALA H 180 26.14 6.95 13.75
N MET H 181 27.36 6.44 13.78
CA MET H 181 28.49 7.10 14.47
C MET H 181 28.74 8.55 13.99
N SER H 182 28.81 8.72 12.68
CA SER H 182 29.14 10.00 12.07
C SER H 182 28.08 11.03 12.45
N ALA H 183 26.85 10.53 12.60
CA ALA H 183 25.69 11.39 12.87
C ALA H 183 25.55 11.76 14.34
N GLY H 184 26.43 11.23 15.16
CA GLY H 184 26.39 11.50 16.57
C GLY H 184 25.91 10.41 17.49
N PHE H 185 25.47 9.29 16.95
CA PHE H 185 24.91 8.22 17.81
C PHE H 185 26.00 7.18 18.13
N ARG H 186 25.91 6.59 19.32
CA ARG H 186 26.81 5.53 19.71
C ARG H 186 26.30 4.21 19.18
N PRO H 187 26.99 3.60 18.21
CA PRO H 187 26.41 2.39 17.61
C PRO H 187 26.69 1.14 18.41
N LEU H 188 25.68 0.28 18.56
CA LEU H 188 25.86 -0.99 19.28
C LEU H 188 25.48 -2.11 18.35
N VAL H 189 26.50 -2.70 17.79
CA VAL H 189 26.31 -3.73 16.79
C VAL H 189 26.02 -5.04 17.45
N LEU H 190 24.96 -5.66 17.03
CA LEU H 190 24.47 -6.82 17.67
C LEU H 190 25.00 -7.95 16.80
N SER H 191 26.05 -8.64 17.24
CA SER H 191 26.87 -9.52 16.36
C SER H 191 26.18 -10.81 15.95
N ASP H 192 25.20 -11.23 16.73
CA ASP H 192 24.40 -12.38 16.42
C ASP H 192 23.07 -11.99 15.77
N CYS H 193 22.86 -10.69 15.58
CA CYS H 193 21.65 -10.18 14.93
C CYS H 193 21.92 -9.51 13.57
N VAL H 194 23.17 -9.61 13.11
CA VAL H 194 23.56 -9.17 11.78
C VAL H 194 24.06 -10.36 10.96
N GLY H 195 23.59 -10.45 9.72
CA GLY H 195 23.96 -11.55 8.87
C GLY H 195 24.59 -11.12 7.57
N ASP H 196 25.27 -12.05 6.91
CA ASP H 196 25.72 -11.83 5.59
C ASP H 196 25.61 -13.13 4.78
N ARG H 197 25.83 -13.03 3.47
CA ARG H 197 25.78 -14.20 2.57
C ARG H 197 27.08 -15.01 2.57
N ALA H 198 28.08 -14.52 3.31
CA ALA H 198 29.39 -15.15 3.34
C ALA H 198 30.08 -14.77 4.63
N LEU H 199 30.72 -15.77 5.25
CA LEU H 199 31.22 -15.63 6.62
C LEU H 199 32.51 -14.82 6.71
N GLY H 200 33.30 -14.84 5.64
CA GLY H 200 34.48 -14.02 5.56
C GLY H 200 34.11 -12.57 5.60
N PRO H 201 33.34 -12.10 4.61
CA PRO H 201 32.97 -10.69 4.68
C PRO H 201 32.33 -10.30 6.01
N HIS H 202 31.51 -11.20 6.59
CA HIS H 202 30.80 -10.94 7.83
C HIS H 202 31.78 -10.74 8.98
N GLU H 203 32.74 -11.65 9.11
CA GLU H 203 33.77 -11.51 10.16
C GLU H 203 34.73 -10.32 9.94
N ALA H 204 35.24 -10.13 8.74
CA ALA H 204 36.07 -8.92 8.42
C ALA H 204 35.34 -7.63 8.80
N ASN H 205 34.06 -7.53 8.43
CA ASN H 205 33.33 -6.30 8.65
C ASN H 205 33.03 -6.09 10.11
N LEU H 206 32.71 -7.16 10.84
CA LEU H 206 32.54 -7.06 12.29
C LEU H 206 33.84 -6.63 12.95
N PHE H 207 34.96 -7.18 12.50
CA PHE H 207 36.23 -6.73 12.99
C PHE H 207 36.40 -5.22 12.79
N ASP H 208 36.20 -4.71 11.58
CA ASP H 208 36.42 -3.30 11.31
C ASP H 208 35.59 -2.44 12.23
N MET H 209 34.34 -2.82 12.41
CA MET H 209 33.36 -2.04 13.15
C MET H 209 33.74 -1.97 14.62
N ARG H 210 34.21 -3.06 15.17
CA ARG H 210 34.59 -3.10 16.59
C ARG H 210 35.80 -2.25 16.88
N GLN H 211 36.66 -2.20 15.90
CA GLN H 211 37.92 -1.55 16.03
C GLN H 211 37.77 -0.03 15.90
N LYS H 212 36.83 0.39 15.05
CA LYS H 212 36.72 1.79 14.67
C LYS H 212 35.41 2.47 15.02
N TYR H 213 34.29 1.73 15.05
CA TYR H 213 32.99 2.36 14.88
C TYR H 213 31.93 2.07 15.88
N ALA H 214 32.08 1.03 16.70
CA ALA H 214 30.99 0.65 17.55
C ALA H 214 31.38 -0.22 18.72
N ALA H 215 30.47 -0.31 19.69
CA ALA H 215 30.49 -1.39 20.65
C ALA H 215 29.91 -2.59 19.88
N VAL H 216 30.59 -3.74 19.90
CA VAL H 216 30.07 -4.94 19.29
C VAL H 216 29.85 -6.00 20.37
N MET H 217 28.66 -6.61 20.40
CA MET H 217 28.32 -7.62 21.39
C MET H 217 27.07 -8.36 20.97
N THR H 218 26.88 -9.53 21.59
CA THR H 218 25.76 -10.40 21.31
C THR H 218 24.52 -9.85 21.98
N HIS H 219 23.36 -10.24 21.48
CA HIS H 219 22.10 -9.71 22.01
C HIS H 219 21.97 -9.97 23.52
N ASP H 220 22.50 -11.08 24.02
CA ASP H 220 22.41 -11.38 25.45
C ASP H 220 23.06 -10.27 26.25
N GLU H 221 24.29 -9.91 25.87
CA GLU H 221 25.09 -8.85 26.49
C GLU H 221 24.48 -7.47 26.35
N ALA H 222 24.11 -7.08 25.13
CA ALA H 222 23.42 -5.81 24.87
C ALA H 222 22.18 -5.64 25.74
N LEU H 223 21.29 -6.63 25.72
CA LEU H 223 20.02 -6.45 26.38
C LEU H 223 20.21 -6.30 27.92
N ALA H 224 21.04 -7.13 28.53
CA ALA H 224 21.29 -7.03 29.97
C ALA H 224 21.97 -5.73 30.35
N LYS H 225 22.82 -5.19 29.47
CA LYS H 225 23.58 -3.99 29.82
C LYS H 225 22.81 -2.71 29.52
N THR H 226 21.78 -2.81 28.68
CA THR H 226 20.99 -1.63 28.35
C THR H 226 19.72 -1.57 29.20
#